data_2W9G
# 
_entry.id   2W9G 
# 
_audit_conform.dict_name       mmcif_pdbx.dic 
_audit_conform.dict_version    5.391 
_audit_conform.dict_location   http://mmcif.pdb.org/dictionaries/ascii/mmcif_pdbx.dic 
# 
loop_
_database_2.database_id 
_database_2.database_code 
_database_2.pdbx_database_accession 
_database_2.pdbx_DOI 
PDB   2W9G         pdb_00002w9g 10.2210/pdb2w9g/pdb 
PDBE  EBI-38636    ?            ?                   
WWPDB D_1290038636 ?            ?                   
# 
loop_
_pdbx_audit_revision_history.ordinal 
_pdbx_audit_revision_history.data_content_type 
_pdbx_audit_revision_history.major_revision 
_pdbx_audit_revision_history.minor_revision 
_pdbx_audit_revision_history.revision_date 
1 'Structure model' 1 0 2009-03-24 
2 'Structure model' 1 1 2011-05-08 
3 'Structure model' 1 2 2011-07-13 
4 'Structure model' 1 3 2024-05-08 
# 
_pdbx_audit_revision_details.ordinal             1 
_pdbx_audit_revision_details.revision_ordinal    1 
_pdbx_audit_revision_details.data_content_type   'Structure model' 
_pdbx_audit_revision_details.provider            repository 
_pdbx_audit_revision_details.type                'Initial release' 
_pdbx_audit_revision_details.description         ? 
_pdbx_audit_revision_details.details             ? 
# 
loop_
_pdbx_audit_revision_group.ordinal 
_pdbx_audit_revision_group.revision_ordinal 
_pdbx_audit_revision_group.data_content_type 
_pdbx_audit_revision_group.group 
1 2 'Structure model' 'Version format compliance' 
2 3 'Structure model' 'Version format compliance' 
3 4 'Structure model' 'Data collection'           
4 4 'Structure model' 'Database references'       
5 4 'Structure model' 'Derived calculations'      
6 4 'Structure model' Other                       
# 
loop_
_pdbx_audit_revision_category.ordinal 
_pdbx_audit_revision_category.revision_ordinal 
_pdbx_audit_revision_category.data_content_type 
_pdbx_audit_revision_category.category 
1 4 'Structure model' chem_comp_atom       
2 4 'Structure model' chem_comp_bond       
3 4 'Structure model' database_2           
4 4 'Structure model' pdbx_database_status 
5 4 'Structure model' struct_site          
# 
loop_
_pdbx_audit_revision_item.ordinal 
_pdbx_audit_revision_item.revision_ordinal 
_pdbx_audit_revision_item.data_content_type 
_pdbx_audit_revision_item.item 
1 4 'Structure model' '_database_2.pdbx_DOI'                 
2 4 'Structure model' '_database_2.pdbx_database_accession'  
3 4 'Structure model' '_pdbx_database_status.status_code_sf' 
4 4 'Structure model' '_struct_site.pdbx_auth_asym_id'       
5 4 'Structure model' '_struct_site.pdbx_auth_comp_id'       
6 4 'Structure model' '_struct_site.pdbx_auth_seq_id'        
# 
_pdbx_database_status.status_code                     REL 
_pdbx_database_status.entry_id                        2W9G 
_pdbx_database_status.deposit_site                    PDBE 
_pdbx_database_status.process_site                    PDBE 
_pdbx_database_status.SG_entry                        . 
_pdbx_database_status.recvd_initial_deposition_date   2009-01-23 
_pdbx_database_status.pdb_format_compatible           Y 
_pdbx_database_status.status_code_sf                  REL 
_pdbx_database_status.status_code_mr                  ? 
_pdbx_database_status.status_code_cs                  ? 
_pdbx_database_status.methods_development_category    ? 
_pdbx_database_status.status_code_nmr_data            ? 
# 
_pdbx_database_related.db_name        PDB 
_pdbx_database_related.db_id          2W9H 
_pdbx_database_related.content_type   unspecified 
_pdbx_database_related.details        'WILD-TYPE STAPHYLOCOCCUS AUREUS DHFR IN COMPLEX WITH TRIMETHOPRIM' 
# 
loop_
_audit_author.name 
_audit_author.pdbx_ordinal 
'Soutter, H.H.' 1 
'Miller, J.R.'  2 
# 
_citation.id                        primary 
_citation.title                     
;Structural Comparison of Chromosomal and Exogenous Dihydrofolate Reductase from Staphylococcus Aureus in Complex with the Potent Inhibitor Trimethoprim.
;
_citation.journal_abbrev            Proteins 
_citation.journal_volume            76 
_citation.page_first                706 
_citation.page_last                 ? 
_citation.year                      2009 
_citation.journal_id_ASTM           PSFGEY 
_citation.country                   US 
_citation.journal_id_ISSN           0887-3585 
_citation.journal_id_CSD            0867 
_citation.book_publisher            ? 
_citation.pdbx_database_id_PubMed   19280600 
_citation.pdbx_database_id_DOI      10.1002/PROT.22383 
# 
loop_
_citation_author.citation_id 
_citation_author.name 
_citation_author.ordinal 
_citation_author.identifier_ORCID 
primary 'Heaslet, H.'     1 ? 
primary 'Harris, M.'      2 ? 
primary 'Fahnoe, K.'      3 ? 
primary 'Sarver, R.'      4 ? 
primary 'Putz, H.'        5 ? 
primary 'Chang, J.'       6 ? 
primary 'Subramanian, C.' 7 ? 
primary 'Barreiro, G.'    8 ? 
primary 'Miller, J.R.'    9 ? 
# 
loop_
_entity.id 
_entity.type 
_entity.src_method 
_entity.pdbx_description 
_entity.formula_weight 
_entity.pdbx_number_of_molecules 
_entity.pdbx_ec 
_entity.pdbx_mutation 
_entity.pdbx_fragment 
_entity.details 
1 polymer     man 'DIHYDROFOLATE REDUCTASE'                                   18275.934 1  1.5.1.3 ? ? ? 
2 non-polymer syn TRIMETHOPRIM                                                290.318   1  ?       ? ? ? 
3 non-polymer syn 'NADPH DIHYDRO-NICOTINAMIDE-ADENINE-DINUCLEOTIDE PHOSPHATE' 745.421   1  ?       ? ? ? 
4 water       nat water                                                       18.015    86 ?       ? ? ? 
# 
_entity_name_com.entity_id   1 
_entity_name_com.name        DHFR 
# 
_entity_poly.entity_id                      1 
_entity_poly.type                           'polypeptide(L)' 
_entity_poly.nstd_linkage                   no 
_entity_poly.nstd_monomer                   no 
_entity_poly.pdbx_seq_one_letter_code       
;MTLSILVAHDLQRVIGFENQLPWHLPNDLKHVKKLSTGHTLVMGRKTFESIGKPLPNRRNVVLTSDTSFNVEGVDVIHSI
EDIYQLPGHVFIFGGQTLFEEMIDKVDDMYITVIEGKFRGDTFFPPYTFEDWEVASSVEGKLDEKNTIPHTFLHLIRKK
;
_entity_poly.pdbx_seq_one_letter_code_can   
;MTLSILVAHDLQRVIGFENQLPWHLPNDLKHVKKLSTGHTLVMGRKTFESIGKPLPNRRNVVLTSDTSFNVEGVDVIHSI
EDIYQLPGHVFIFGGQTLFEEMIDKVDDMYITVIEGKFRGDTFFPPYTFEDWEVASSVEGKLDEKNTIPHTFLHLIRKK
;
_entity_poly.pdbx_strand_id                 A 
_entity_poly.pdbx_target_identifier         ? 
# 
loop_
_pdbx_entity_nonpoly.entity_id 
_pdbx_entity_nonpoly.name 
_pdbx_entity_nonpoly.comp_id 
2 TRIMETHOPRIM                                                TOP 
3 'NADPH DIHYDRO-NICOTINAMIDE-ADENINE-DINUCLEOTIDE PHOSPHATE' NDP 
4 water                                                       HOH 
# 
loop_
_entity_poly_seq.entity_id 
_entity_poly_seq.num 
_entity_poly_seq.mon_id 
_entity_poly_seq.hetero 
1 1   MET n 
1 2   THR n 
1 3   LEU n 
1 4   SER n 
1 5   ILE n 
1 6   LEU n 
1 7   VAL n 
1 8   ALA n 
1 9   HIS n 
1 10  ASP n 
1 11  LEU n 
1 12  GLN n 
1 13  ARG n 
1 14  VAL n 
1 15  ILE n 
1 16  GLY n 
1 17  PHE n 
1 18  GLU n 
1 19  ASN n 
1 20  GLN n 
1 21  LEU n 
1 22  PRO n 
1 23  TRP n 
1 24  HIS n 
1 25  LEU n 
1 26  PRO n 
1 27  ASN n 
1 28  ASP n 
1 29  LEU n 
1 30  LYS n 
1 31  HIS n 
1 32  VAL n 
1 33  LYS n 
1 34  LYS n 
1 35  LEU n 
1 36  SER n 
1 37  THR n 
1 38  GLY n 
1 39  HIS n 
1 40  THR n 
1 41  LEU n 
1 42  VAL n 
1 43  MET n 
1 44  GLY n 
1 45  ARG n 
1 46  LYS n 
1 47  THR n 
1 48  PHE n 
1 49  GLU n 
1 50  SER n 
1 51  ILE n 
1 52  GLY n 
1 53  LYS n 
1 54  PRO n 
1 55  LEU n 
1 56  PRO n 
1 57  ASN n 
1 58  ARG n 
1 59  ARG n 
1 60  ASN n 
1 61  VAL n 
1 62  VAL n 
1 63  LEU n 
1 64  THR n 
1 65  SER n 
1 66  ASP n 
1 67  THR n 
1 68  SER n 
1 69  PHE n 
1 70  ASN n 
1 71  VAL n 
1 72  GLU n 
1 73  GLY n 
1 74  VAL n 
1 75  ASP n 
1 76  VAL n 
1 77  ILE n 
1 78  HIS n 
1 79  SER n 
1 80  ILE n 
1 81  GLU n 
1 82  ASP n 
1 83  ILE n 
1 84  TYR n 
1 85  GLN n 
1 86  LEU n 
1 87  PRO n 
1 88  GLY n 
1 89  HIS n 
1 90  VAL n 
1 91  PHE n 
1 92  ILE n 
1 93  PHE n 
1 94  GLY n 
1 95  GLY n 
1 96  GLN n 
1 97  THR n 
1 98  LEU n 
1 99  PHE n 
1 100 GLU n 
1 101 GLU n 
1 102 MET n 
1 103 ILE n 
1 104 ASP n 
1 105 LYS n 
1 106 VAL n 
1 107 ASP n 
1 108 ASP n 
1 109 MET n 
1 110 TYR n 
1 111 ILE n 
1 112 THR n 
1 113 VAL n 
1 114 ILE n 
1 115 GLU n 
1 116 GLY n 
1 117 LYS n 
1 118 PHE n 
1 119 ARG n 
1 120 GLY n 
1 121 ASP n 
1 122 THR n 
1 123 PHE n 
1 124 PHE n 
1 125 PRO n 
1 126 PRO n 
1 127 TYR n 
1 128 THR n 
1 129 PHE n 
1 130 GLU n 
1 131 ASP n 
1 132 TRP n 
1 133 GLU n 
1 134 VAL n 
1 135 ALA n 
1 136 SER n 
1 137 SER n 
1 138 VAL n 
1 139 GLU n 
1 140 GLY n 
1 141 LYS n 
1 142 LEU n 
1 143 ASP n 
1 144 GLU n 
1 145 LYS n 
1 146 ASN n 
1 147 THR n 
1 148 ILE n 
1 149 PRO n 
1 150 HIS n 
1 151 THR n 
1 152 PHE n 
1 153 LEU n 
1 154 HIS n 
1 155 LEU n 
1 156 ILE n 
1 157 ARG n 
1 158 LYS n 
1 159 LYS n 
# 
_entity_src_gen.entity_id                          1 
_entity_src_gen.pdbx_src_id                        1 
_entity_src_gen.pdbx_alt_source_flag               sample 
_entity_src_gen.pdbx_seq_type                      ? 
_entity_src_gen.pdbx_beg_seq_num                   ? 
_entity_src_gen.pdbx_end_seq_num                   ? 
_entity_src_gen.gene_src_common_name               ? 
_entity_src_gen.gene_src_genus                     ? 
_entity_src_gen.pdbx_gene_src_gene                 ? 
_entity_src_gen.gene_src_species                   ? 
_entity_src_gen.gene_src_strain                    MU-50 
_entity_src_gen.gene_src_tissue                    ? 
_entity_src_gen.gene_src_tissue_fraction           ? 
_entity_src_gen.gene_src_details                   ? 
_entity_src_gen.pdbx_gene_src_fragment             ? 
_entity_src_gen.pdbx_gene_src_scientific_name      'STAPHYLOCOCCUS AUREUS' 
_entity_src_gen.pdbx_gene_src_ncbi_taxonomy_id     1280 
_entity_src_gen.pdbx_gene_src_variant              ? 
_entity_src_gen.pdbx_gene_src_cell_line            ? 
_entity_src_gen.pdbx_gene_src_atcc                 ? 
_entity_src_gen.pdbx_gene_src_organ                ? 
_entity_src_gen.pdbx_gene_src_organelle            ? 
_entity_src_gen.pdbx_gene_src_cell                 ? 
_entity_src_gen.pdbx_gene_src_cellular_location    ? 
_entity_src_gen.host_org_common_name               ? 
_entity_src_gen.pdbx_host_org_scientific_name      'ESCHERICHIA COLI' 
_entity_src_gen.pdbx_host_org_ncbi_taxonomy_id     469008 
_entity_src_gen.host_org_genus                     ? 
_entity_src_gen.pdbx_host_org_gene                 ? 
_entity_src_gen.pdbx_host_org_organ                ? 
_entity_src_gen.host_org_species                   ? 
_entity_src_gen.pdbx_host_org_tissue               ? 
_entity_src_gen.pdbx_host_org_tissue_fraction      ? 
_entity_src_gen.pdbx_host_org_strain               'BL21(DE3)' 
_entity_src_gen.pdbx_host_org_variant              ? 
_entity_src_gen.pdbx_host_org_cell_line            ? 
_entity_src_gen.pdbx_host_org_atcc                 ? 
_entity_src_gen.pdbx_host_org_culture_collection   ? 
_entity_src_gen.pdbx_host_org_cell                 ? 
_entity_src_gen.pdbx_host_org_organelle            ? 
_entity_src_gen.pdbx_host_org_cellular_location    ? 
_entity_src_gen.pdbx_host_org_vector_type          ? 
_entity_src_gen.pdbx_host_org_vector               PDEST 
_entity_src_gen.host_org_details                   ? 
_entity_src_gen.expression_system_id               ? 
_entity_src_gen.plasmid_name                       PDEST14 
_entity_src_gen.plasmid_details                    ? 
_entity_src_gen.pdbx_description                   ? 
# 
loop_
_chem_comp.id 
_chem_comp.type 
_chem_comp.mon_nstd_flag 
_chem_comp.name 
_chem_comp.pdbx_synonyms 
_chem_comp.formula 
_chem_comp.formula_weight 
ALA 'L-peptide linking' y ALANINE                                                     ? 'C3 H7 N O2'        89.093  
ARG 'L-peptide linking' y ARGININE                                                    ? 'C6 H15 N4 O2 1'    175.209 
ASN 'L-peptide linking' y ASPARAGINE                                                  ? 'C4 H8 N2 O3'       132.118 
ASP 'L-peptide linking' y 'ASPARTIC ACID'                                             ? 'C4 H7 N O4'        133.103 
GLN 'L-peptide linking' y GLUTAMINE                                                   ? 'C5 H10 N2 O3'      146.144 
GLU 'L-peptide linking' y 'GLUTAMIC ACID'                                             ? 'C5 H9 N O4'        147.129 
GLY 'peptide linking'   y GLYCINE                                                     ? 'C2 H5 N O2'        75.067  
HIS 'L-peptide linking' y HISTIDINE                                                   ? 'C6 H10 N3 O2 1'    156.162 
HOH non-polymer         . WATER                                                       ? 'H2 O'              18.015  
ILE 'L-peptide linking' y ISOLEUCINE                                                  ? 'C6 H13 N O2'       131.173 
LEU 'L-peptide linking' y LEUCINE                                                     ? 'C6 H13 N O2'       131.173 
LYS 'L-peptide linking' y LYSINE                                                      ? 'C6 H15 N2 O2 1'    147.195 
MET 'L-peptide linking' y METHIONINE                                                  ? 'C5 H11 N O2 S'     149.211 
NDP non-polymer         . 'NADPH DIHYDRO-NICOTINAMIDE-ADENINE-DINUCLEOTIDE PHOSPHATE' ? 'C21 H30 N7 O17 P3' 745.421 
PHE 'L-peptide linking' y PHENYLALANINE                                               ? 'C9 H11 N O2'       165.189 
PRO 'L-peptide linking' y PROLINE                                                     ? 'C5 H9 N O2'        115.130 
SER 'L-peptide linking' y SERINE                                                      ? 'C3 H7 N O3'        105.093 
THR 'L-peptide linking' y THREONINE                                                   ? 'C4 H9 N O3'        119.119 
TOP non-polymer         . TRIMETHOPRIM                                                ? 'C14 H18 N4 O3'     290.318 
TRP 'L-peptide linking' y TRYPTOPHAN                                                  ? 'C11 H12 N2 O2'     204.225 
TYR 'L-peptide linking' y TYROSINE                                                    ? 'C9 H11 N O3'       181.189 
VAL 'L-peptide linking' y VALINE                                                      ? 'C5 H11 N O2'       117.146 
# 
loop_
_pdbx_poly_seq_scheme.asym_id 
_pdbx_poly_seq_scheme.entity_id 
_pdbx_poly_seq_scheme.seq_id 
_pdbx_poly_seq_scheme.mon_id 
_pdbx_poly_seq_scheme.ndb_seq_num 
_pdbx_poly_seq_scheme.pdb_seq_num 
_pdbx_poly_seq_scheme.auth_seq_num 
_pdbx_poly_seq_scheme.pdb_mon_id 
_pdbx_poly_seq_scheme.auth_mon_id 
_pdbx_poly_seq_scheme.pdb_strand_id 
_pdbx_poly_seq_scheme.pdb_ins_code 
_pdbx_poly_seq_scheme.hetero 
A 1 1   MET 1   0   ?   ?   ?   A . n 
A 1 2   THR 2   1   1   THR THR A . n 
A 1 3   LEU 3   2   2   LEU LEU A . n 
A 1 4   SER 4   3   3   SER SER A . n 
A 1 5   ILE 5   4   4   ILE ILE A . n 
A 1 6   LEU 6   5   5   LEU LEU A . n 
A 1 7   VAL 7   6   6   VAL VAL A . n 
A 1 8   ALA 8   7   7   ALA ALA A . n 
A 1 9   HIS 9   8   8   HIS HIS A . n 
A 1 10  ASP 10  9   9   ASP ASP A . n 
A 1 11  LEU 11  10  10  LEU LEU A . n 
A 1 12  GLN 12  11  11  GLN GLN A . n 
A 1 13  ARG 13  12  12  ARG ARG A . n 
A 1 14  VAL 14  13  13  VAL VAL A . n 
A 1 15  ILE 15  14  14  ILE ILE A . n 
A 1 16  GLY 16  15  15  GLY GLY A . n 
A 1 17  PHE 17  16  16  PHE PHE A . n 
A 1 18  GLU 18  17  17  GLU GLU A . n 
A 1 19  ASN 19  18  18  ASN ASN A . n 
A 1 20  GLN 20  19  19  GLN GLN A . n 
A 1 21  LEU 21  20  20  LEU LEU A . n 
A 1 22  PRO 22  21  21  PRO PRO A . n 
A 1 23  TRP 23  22  22  TRP TRP A . n 
A 1 24  HIS 24  23  23  HIS HIS A . n 
A 1 25  LEU 25  24  24  LEU LEU A . n 
A 1 26  PRO 26  25  25  PRO PRO A . n 
A 1 27  ASN 27  26  26  ASN ASN A . n 
A 1 28  ASP 28  27  27  ASP ASP A . n 
A 1 29  LEU 29  28  28  LEU LEU A . n 
A 1 30  LYS 30  29  29  LYS LYS A . n 
A 1 31  HIS 31  30  30  HIS HIS A . n 
A 1 32  VAL 32  31  31  VAL VAL A . n 
A 1 33  LYS 33  32  32  LYS LYS A . n 
A 1 34  LYS 34  33  33  LYS LYS A . n 
A 1 35  LEU 35  34  34  LEU LEU A . n 
A 1 36  SER 36  35  35  SER SER A . n 
A 1 37  THR 37  36  36  THR THR A . n 
A 1 38  GLY 38  37  37  GLY GLY A . n 
A 1 39  HIS 39  38  38  HIS HIS A . n 
A 1 40  THR 40  39  39  THR THR A . n 
A 1 41  LEU 41  40  40  LEU LEU A . n 
A 1 42  VAL 42  41  41  VAL VAL A . n 
A 1 43  MET 43  42  42  MET MET A . n 
A 1 44  GLY 44  43  43  GLY GLY A . n 
A 1 45  ARG 45  44  44  ARG ARG A . n 
A 1 46  LYS 46  45  45  LYS LYS A . n 
A 1 47  THR 47  46  46  THR THR A . n 
A 1 48  PHE 48  47  47  PHE PHE A . n 
A 1 49  GLU 49  48  48  GLU GLU A . n 
A 1 50  SER 50  49  49  SER SER A . n 
A 1 51  ILE 51  50  50  ILE ILE A . n 
A 1 52  GLY 52  51  51  GLY GLY A . n 
A 1 53  LYS 53  52  52  LYS LYS A . n 
A 1 54  PRO 54  53  53  PRO PRO A . n 
A 1 55  LEU 55  54  54  LEU LEU A . n 
A 1 56  PRO 56  55  55  PRO PRO A . n 
A 1 57  ASN 57  56  56  ASN ASN A . n 
A 1 58  ARG 58  57  57  ARG ARG A . n 
A 1 59  ARG 59  58  58  ARG ARG A . n 
A 1 60  ASN 60  59  59  ASN ASN A . n 
A 1 61  VAL 61  60  60  VAL VAL A . n 
A 1 62  VAL 62  61  61  VAL VAL A . n 
A 1 63  LEU 63  62  62  LEU LEU A . n 
A 1 64  THR 64  63  63  THR THR A . n 
A 1 65  SER 65  64  64  SER SER A . n 
A 1 66  ASP 66  65  65  ASP ASP A . n 
A 1 67  THR 67  66  66  THR THR A . n 
A 1 68  SER 68  67  67  SER SER A . n 
A 1 69  PHE 69  68  68  PHE PHE A . n 
A 1 70  ASN 70  69  69  ASN ASN A . n 
A 1 71  VAL 71  70  70  VAL VAL A . n 
A 1 72  GLU 72  71  71  GLU GLU A . n 
A 1 73  GLY 73  72  72  GLY GLY A . n 
A 1 74  VAL 74  73  73  VAL VAL A . n 
A 1 75  ASP 75  74  74  ASP ASP A . n 
A 1 76  VAL 76  75  75  VAL VAL A . n 
A 1 77  ILE 77  76  76  ILE ILE A . n 
A 1 78  HIS 78  77  77  HIS HIS A . n 
A 1 79  SER 79  78  78  SER SER A . n 
A 1 80  ILE 80  79  79  ILE ILE A . n 
A 1 81  GLU 81  80  80  GLU GLU A . n 
A 1 82  ASP 82  81  81  ASP ASP A . n 
A 1 83  ILE 83  82  82  ILE ILE A . n 
A 1 84  TYR 84  83  83  TYR TYR A . n 
A 1 85  GLN 85  84  84  GLN GLN A . n 
A 1 86  LEU 86  85  85  LEU LEU A . n 
A 1 87  PRO 87  86  86  PRO PRO A . n 
A 1 88  GLY 88  87  87  GLY GLY A . n 
A 1 89  HIS 89  88  88  HIS HIS A . n 
A 1 90  VAL 90  89  89  VAL VAL A . n 
A 1 91  PHE 91  90  90  PHE PHE A . n 
A 1 92  ILE 92  91  91  ILE ILE A . n 
A 1 93  PHE 93  92  92  PHE PHE A . n 
A 1 94  GLY 94  93  93  GLY GLY A . n 
A 1 95  GLY 95  94  94  GLY GLY A . n 
A 1 96  GLN 96  95  95  GLN GLN A . n 
A 1 97  THR 97  96  96  THR THR A . n 
A 1 98  LEU 98  97  97  LEU LEU A . n 
A 1 99  PHE 99  98  98  PHE PHE A . n 
A 1 100 GLU 100 99  99  GLU GLU A . n 
A 1 101 GLU 101 100 100 GLU GLU A . n 
A 1 102 MET 102 101 101 MET MET A . n 
A 1 103 ILE 103 102 102 ILE ILE A . n 
A 1 104 ASP 104 103 103 ASP ASP A . n 
A 1 105 LYS 105 104 104 LYS LYS A . n 
A 1 106 VAL 106 105 105 VAL VAL A . n 
A 1 107 ASP 107 106 106 ASP ASP A . n 
A 1 108 ASP 108 107 107 ASP ASP A . n 
A 1 109 MET 109 108 108 MET MET A . n 
A 1 110 TYR 110 109 109 TYR TYR A . n 
A 1 111 ILE 111 110 110 ILE ILE A . n 
A 1 112 THR 112 111 111 THR THR A . n 
A 1 113 VAL 113 112 112 VAL VAL A . n 
A 1 114 ILE 114 113 113 ILE ILE A . n 
A 1 115 GLU 115 114 114 GLU GLU A . n 
A 1 116 GLY 116 115 115 GLY GLY A . n 
A 1 117 LYS 117 116 116 LYS LYS A . n 
A 1 118 PHE 118 117 117 PHE PHE A . n 
A 1 119 ARG 119 118 118 ARG ARG A . n 
A 1 120 GLY 120 119 119 GLY GLY A . n 
A 1 121 ASP 121 120 120 ASP ASP A . n 
A 1 122 THR 122 121 121 THR THR A . n 
A 1 123 PHE 123 122 122 PHE PHE A . n 
A 1 124 PHE 124 123 123 PHE PHE A . n 
A 1 125 PRO 125 124 124 PRO PRO A . n 
A 1 126 PRO 126 125 125 PRO PRO A . n 
A 1 127 TYR 127 126 126 TYR TYR A . n 
A 1 128 THR 128 127 127 THR THR A . n 
A 1 129 PHE 129 128 128 PHE PHE A . n 
A 1 130 GLU 130 129 129 GLU GLU A . n 
A 1 131 ASP 131 130 130 ASP ASP A . n 
A 1 132 TRP 132 131 131 TRP TRP A . n 
A 1 133 GLU 133 132 132 GLU GLU A . n 
A 1 134 VAL 134 133 133 VAL VAL A . n 
A 1 135 ALA 135 134 134 ALA ALA A . n 
A 1 136 SER 136 135 135 SER SER A . n 
A 1 137 SER 137 136 136 SER SER A . n 
A 1 138 VAL 138 137 137 VAL VAL A . n 
A 1 139 GLU 139 138 138 GLU GLU A . n 
A 1 140 GLY 140 139 139 GLY GLY A . n 
A 1 141 LYS 141 140 140 LYS LYS A . n 
A 1 142 LEU 142 141 141 LEU LEU A . n 
A 1 143 ASP 143 142 142 ASP ASP A . n 
A 1 144 GLU 144 143 143 GLU GLU A . n 
A 1 145 LYS 145 144 144 LYS LYS A . n 
A 1 146 ASN 146 145 145 ASN ASN A . n 
A 1 147 THR 147 146 146 THR THR A . n 
A 1 148 ILE 148 147 147 ILE ILE A . n 
A 1 149 PRO 149 148 148 PRO PRO A . n 
A 1 150 HIS 150 149 149 HIS HIS A . n 
A 1 151 THR 151 150 150 THR THR A . n 
A 1 152 PHE 152 151 151 PHE PHE A . n 
A 1 153 LEU 153 152 152 LEU LEU A . n 
A 1 154 HIS 154 153 153 HIS HIS A . n 
A 1 155 LEU 155 154 154 LEU LEU A . n 
A 1 156 ILE 156 155 155 ILE ILE A . n 
A 1 157 ARG 157 156 156 ARG ARG A . n 
A 1 158 LYS 158 157 157 LYS LYS A . n 
A 1 159 LYS 159 158 158 LYS LYS A . n 
# 
loop_
_pdbx_nonpoly_scheme.asym_id 
_pdbx_nonpoly_scheme.entity_id 
_pdbx_nonpoly_scheme.mon_id 
_pdbx_nonpoly_scheme.ndb_seq_num 
_pdbx_nonpoly_scheme.pdb_seq_num 
_pdbx_nonpoly_scheme.auth_seq_num 
_pdbx_nonpoly_scheme.pdb_mon_id 
_pdbx_nonpoly_scheme.auth_mon_id 
_pdbx_nonpoly_scheme.pdb_strand_id 
_pdbx_nonpoly_scheme.pdb_ins_code 
B 2 TOP 1  1159 1159 TOP TOP A . 
C 3 NDP 1  1160 1160 NDP NDP A . 
D 4 HOH 1  2001 2001 HOH HOH A . 
D 4 HOH 2  2002 2002 HOH HOH A . 
D 4 HOH 3  2003 2003 HOH HOH A . 
D 4 HOH 4  2004 2004 HOH HOH A . 
D 4 HOH 5  2005 2005 HOH HOH A . 
D 4 HOH 6  2006 2006 HOH HOH A . 
D 4 HOH 7  2007 2007 HOH HOH A . 
D 4 HOH 8  2008 2008 HOH HOH A . 
D 4 HOH 9  2009 2009 HOH HOH A . 
D 4 HOH 10 2010 2010 HOH HOH A . 
D 4 HOH 11 2011 2011 HOH HOH A . 
D 4 HOH 12 2012 2012 HOH HOH A . 
D 4 HOH 13 2013 2013 HOH HOH A . 
D 4 HOH 14 2014 2014 HOH HOH A . 
D 4 HOH 15 2015 2015 HOH HOH A . 
D 4 HOH 16 2016 2016 HOH HOH A . 
D 4 HOH 17 2017 2017 HOH HOH A . 
D 4 HOH 18 2018 2018 HOH HOH A . 
D 4 HOH 19 2019 2019 HOH HOH A . 
D 4 HOH 20 2020 2020 HOH HOH A . 
D 4 HOH 21 2021 2021 HOH HOH A . 
D 4 HOH 22 2022 2022 HOH HOH A . 
D 4 HOH 23 2023 2023 HOH HOH A . 
D 4 HOH 24 2024 2024 HOH HOH A . 
D 4 HOH 25 2025 2025 HOH HOH A . 
D 4 HOH 26 2026 2026 HOH HOH A . 
D 4 HOH 27 2027 2027 HOH HOH A . 
D 4 HOH 28 2028 2028 HOH HOH A . 
D 4 HOH 29 2029 2029 HOH HOH A . 
D 4 HOH 30 2030 2030 HOH HOH A . 
D 4 HOH 31 2031 2031 HOH HOH A . 
D 4 HOH 32 2032 2032 HOH HOH A . 
D 4 HOH 33 2033 2033 HOH HOH A . 
D 4 HOH 34 2034 2034 HOH HOH A . 
D 4 HOH 35 2035 2035 HOH HOH A . 
D 4 HOH 36 2036 2036 HOH HOH A . 
D 4 HOH 37 2037 2037 HOH HOH A . 
D 4 HOH 38 2038 2038 HOH HOH A . 
D 4 HOH 39 2039 2039 HOH HOH A . 
D 4 HOH 40 2040 2040 HOH HOH A . 
D 4 HOH 41 2041 2041 HOH HOH A . 
D 4 HOH 42 2042 2042 HOH HOH A . 
D 4 HOH 43 2043 2043 HOH HOH A . 
D 4 HOH 44 2044 2044 HOH HOH A . 
D 4 HOH 45 2045 2045 HOH HOH A . 
D 4 HOH 46 2046 2046 HOH HOH A . 
D 4 HOH 47 2047 2047 HOH HOH A . 
D 4 HOH 48 2048 2048 HOH HOH A . 
D 4 HOH 49 2049 2049 HOH HOH A . 
D 4 HOH 50 2050 2050 HOH HOH A . 
D 4 HOH 51 2051 2051 HOH HOH A . 
D 4 HOH 52 2052 2052 HOH HOH A . 
D 4 HOH 53 2053 2053 HOH HOH A . 
D 4 HOH 54 2054 2054 HOH HOH A . 
D 4 HOH 55 2055 2055 HOH HOH A . 
D 4 HOH 56 2056 2056 HOH HOH A . 
D 4 HOH 57 2057 2057 HOH HOH A . 
D 4 HOH 58 2058 2058 HOH HOH A . 
D 4 HOH 59 2059 2059 HOH HOH A . 
D 4 HOH 60 2060 2060 HOH HOH A . 
D 4 HOH 61 2061 2061 HOH HOH A . 
D 4 HOH 62 2062 2062 HOH HOH A . 
D 4 HOH 63 2063 2063 HOH HOH A . 
D 4 HOH 64 2064 2064 HOH HOH A . 
D 4 HOH 65 2065 2065 HOH HOH A . 
D 4 HOH 66 2066 2066 HOH HOH A . 
D 4 HOH 67 2067 2067 HOH HOH A . 
D 4 HOH 68 2068 2068 HOH HOH A . 
D 4 HOH 69 2069 2069 HOH HOH A . 
D 4 HOH 70 2070 2070 HOH HOH A . 
D 4 HOH 71 2071 2071 HOH HOH A . 
D 4 HOH 72 2072 2072 HOH HOH A . 
D 4 HOH 73 2073 2073 HOH HOH A . 
D 4 HOH 74 2074 2074 HOH HOH A . 
D 4 HOH 75 2075 2075 HOH HOH A . 
D 4 HOH 76 2076 2076 HOH HOH A . 
D 4 HOH 77 2077 2077 HOH HOH A . 
D 4 HOH 78 2078 2078 HOH HOH A . 
D 4 HOH 79 2079 2079 HOH HOH A . 
D 4 HOH 80 2080 2080 HOH HOH A . 
D 4 HOH 81 2081 2081 HOH HOH A . 
D 4 HOH 82 2082 2082 HOH HOH A . 
D 4 HOH 83 2083 2083 HOH HOH A . 
D 4 HOH 84 2084 2084 HOH HOH A . 
D 4 HOH 85 2085 2085 HOH HOH A . 
D 4 HOH 86 2086 2086 HOH HOH A . 
# 
loop_
_pdbx_unobs_or_zero_occ_atoms.id 
_pdbx_unobs_or_zero_occ_atoms.PDB_model_num 
_pdbx_unobs_or_zero_occ_atoms.polymer_flag 
_pdbx_unobs_or_zero_occ_atoms.occupancy_flag 
_pdbx_unobs_or_zero_occ_atoms.auth_asym_id 
_pdbx_unobs_or_zero_occ_atoms.auth_comp_id 
_pdbx_unobs_or_zero_occ_atoms.auth_seq_id 
_pdbx_unobs_or_zero_occ_atoms.PDB_ins_code 
_pdbx_unobs_or_zero_occ_atoms.auth_atom_id 
_pdbx_unobs_or_zero_occ_atoms.label_alt_id 
_pdbx_unobs_or_zero_occ_atoms.label_asym_id 
_pdbx_unobs_or_zero_occ_atoms.label_comp_id 
_pdbx_unobs_or_zero_occ_atoms.label_seq_id 
_pdbx_unobs_or_zero_occ_atoms.label_atom_id 
1 1 Y 1 A LYS 158 ? CA ? A LYS 159 CA 
2 1 Y 1 A LYS 158 ? C  ? A LYS 159 C  
3 1 Y 1 A LYS 158 ? O  ? A LYS 159 O  
4 1 Y 1 A LYS 158 ? CB ? A LYS 159 CB 
5 1 Y 1 A LYS 158 ? CG ? A LYS 159 CG 
6 1 Y 1 A LYS 158 ? CD ? A LYS 159 CD 
7 1 Y 1 A LYS 158 ? CE ? A LYS 159 CE 
8 1 Y 1 A LYS 158 ? NZ ? A LYS 159 NZ 
# 
loop_
_software.name 
_software.classification 
_software.version 
_software.citation_id 
_software.pdbx_ordinal 
REFMAC    refinement       5.2.0019 ? 1 
HKL-2000  'data reduction' .        ? 2 
SCALEPACK 'data scaling'   .        ? 3 
AMoRE     phasing          .        ? 4 
# 
_cell.entry_id           2W9G 
_cell.length_a           79.287 
_cell.length_b           79.287 
_cell.length_c           106.254 
_cell.angle_alpha        90.00 
_cell.angle_beta         90.00 
_cell.angle_gamma        120.00 
_cell.Z_PDB              12 
_cell.pdbx_unique_axis   ? 
# 
_symmetry.entry_id                         2W9G 
_symmetry.space_group_name_H-M             'P 61 2 2' 
_symmetry.pdbx_full_space_group_name_H-M   ? 
_symmetry.cell_setting                     ? 
_symmetry.Int_Tables_number                178 
# 
_exptl.entry_id          2W9G 
_exptl.method            'X-RAY DIFFRACTION' 
_exptl.crystals_number   1 
# 
_exptl_crystal.id                    1 
_exptl_crystal.density_meas          ? 
_exptl_crystal.density_Matthews      2.38 
_exptl_crystal.density_percent_sol   47.98 
_exptl_crystal.description           NONE 
# 
_exptl_crystal_grow.crystal_id      1 
_exptl_crystal_grow.method          ? 
_exptl_crystal_grow.temp            ? 
_exptl_crystal_grow.temp_details    ? 
_exptl_crystal_grow.pH              6.4 
_exptl_crystal_grow.pdbx_pH_range   ? 
_exptl_crystal_grow.pdbx_details    'BUFFER: 30 MM CITRIC ACID / 40 MM BIS-TRIS PROPANE PH6.4, 13.3% PEG3350, 16.7% PEG6000' 
# 
_diffrn.id                     1 
_diffrn.ambient_temp           273 
_diffrn.ambient_temp_details   ? 
_diffrn.crystal_id             1 
# 
_diffrn_detector.diffrn_id              1 
_diffrn_detector.detector               CCD 
_diffrn_detector.type                   MARRESEARCH 
_diffrn_detector.pdbx_collection_date   2007-06-20 
_diffrn_detector.details                SI 
# 
_diffrn_radiation.diffrn_id                        1 
_diffrn_radiation.wavelength_id                    1 
_diffrn_radiation.pdbx_monochromatic_or_laue_m_l   M 
_diffrn_radiation.monochromator                    SI 
_diffrn_radiation.pdbx_diffrn_protocol             'SINGLE WAVELENGTH' 
_diffrn_radiation.pdbx_scattering_type             x-ray 
# 
_diffrn_radiation_wavelength.id           1 
_diffrn_radiation_wavelength.wavelength   1 
_diffrn_radiation_wavelength.wt           1.0 
# 
_diffrn_source.diffrn_id                   1 
_diffrn_source.source                      SYNCHROTRON 
_diffrn_source.type                        'APS BEAMLINE 17-BM' 
_diffrn_source.pdbx_synchrotron_site       APS 
_diffrn_source.pdbx_synchrotron_beamline   17-BM 
_diffrn_source.pdbx_wavelength             1 
_diffrn_source.pdbx_wavelength_list        ? 
# 
_reflns.pdbx_diffrn_id               1 
_reflns.pdbx_ordinal                 1 
_reflns.entry_id                     2W9G 
_reflns.observed_criterion_sigma_I   0.0 
_reflns.observed_criterion_sigma_F   ? 
_reflns.d_resolution_low             50.00 
_reflns.d_resolution_high            1.95 
_reflns.number_obs                   54341 
_reflns.number_all                   ? 
_reflns.percent_possible_obs         99.9 
_reflns.pdbx_Rmerge_I_obs            0.06 
_reflns.pdbx_Rsym_value              ? 
_reflns.pdbx_netI_over_sigmaI        33.00 
_reflns.B_iso_Wilson_estimate        ? 
_reflns.pdbx_redundancy              5.7 
# 
_reflns_shell.pdbx_diffrn_id         1 
_reflns_shell.pdbx_ordinal           1 
_reflns_shell.d_res_high             1.95 
_reflns_shell.d_res_low              2.02 
_reflns_shell.percent_possible_all   99.9 
_reflns_shell.Rmerge_I_obs           0.36 
_reflns_shell.pdbx_Rsym_value        ? 
_reflns_shell.meanI_over_sigI_obs    5.20 
_reflns_shell.pdbx_redundancy        5.7 
# 
_refine.pdbx_refine_id                           'X-RAY DIFFRACTION' 
_refine.entry_id                                 2W9G 
_refine.pdbx_diffrn_id                           1 
_refine.pdbx_TLS_residual_ADP_flag               ? 
_refine.ls_number_reflns_obs                     14048 
_refine.ls_number_reflns_all                     ? 
_refine.pdbx_ls_sigma_I                          ? 
_refine.pdbx_ls_sigma_F                          ? 
_refine.pdbx_data_cutoff_high_absF               ? 
_refine.pdbx_data_cutoff_low_absF                ? 
_refine.pdbx_data_cutoff_high_rms_absF           ? 
_refine.ls_d_res_low                             68.68 
_refine.ls_d_res_high                            1.95 
_refine.ls_percent_reflns_obs                    98.5 
_refine.ls_R_factor_obs                          0.214 
_refine.ls_R_factor_all                          ? 
_refine.ls_R_factor_R_work                       0.211 
_refine.ls_R_factor_R_free                       0.287 
_refine.ls_R_factor_R_free_error                 ? 
_refine.ls_R_factor_R_free_error_details         ? 
_refine.ls_percent_reflns_R_free                 5.000 
_refine.ls_number_reflns_R_free                  745 
_refine.ls_number_parameters                     ? 
_refine.ls_number_restraints                     ? 
_refine.occupancy_min                            ? 
_refine.occupancy_max                            ? 
_refine.correlation_coeff_Fo_to_Fc               0.948 
_refine.correlation_coeff_Fo_to_Fc_free          0.896 
_refine.B_iso_mean                               25.19 
_refine.aniso_B[1][1]                            -0.45000 
_refine.aniso_B[2][2]                            -0.45000 
_refine.aniso_B[3][3]                            0.67000 
_refine.aniso_B[1][2]                            -0.22000 
_refine.aniso_B[1][3]                            0.00000 
_refine.aniso_B[2][3]                            0.00000 
_refine.solvent_model_details                    MASK 
_refine.solvent_model_param_ksol                 ? 
_refine.solvent_model_param_bsol                 ? 
_refine.pdbx_solvent_vdw_probe_radii             1.20 
_refine.pdbx_solvent_ion_probe_radii             0.80 
_refine.pdbx_solvent_shrinkage_radii             0.80 
_refine.pdbx_ls_cross_valid_method               THROUGHOUT 
_refine.details                                  'HYDROGENS HAVE BEEN ADDED IN THE RIDING POSITIONS.' 
_refine.pdbx_starting_model                      ? 
_refine.pdbx_method_to_determine_struct          'MOLECULAR REPLACEMENT' 
_refine.pdbx_isotropic_thermal_model             ? 
_refine.pdbx_stereochemistry_target_values       'MAXIMUM LIKELIHOOD' 
_refine.pdbx_stereochem_target_val_spec_case     ? 
_refine.pdbx_R_Free_selection_details            RANDOM 
_refine.pdbx_overall_ESU_R                       0.175 
_refine.pdbx_overall_ESU_R_Free                  0.184 
_refine.overall_SU_ML                            0.125 
_refine.pdbx_overall_phase_error                 ? 
_refine.overall_SU_B                             4.401 
_refine.overall_SU_R_Cruickshank_DPI             ? 
_refine.pdbx_overall_SU_R_free_Cruickshank_DPI   ? 
_refine.pdbx_overall_SU_R_Blow_DPI               ? 
_refine.pdbx_overall_SU_R_free_Blow_DPI          ? 
# 
_refine_hist.pdbx_refine_id                   'X-RAY DIFFRACTION' 
_refine_hist.cycle_id                         LAST 
_refine_hist.pdbx_number_atoms_protein        1273 
_refine_hist.pdbx_number_atoms_nucleic_acid   0 
_refine_hist.pdbx_number_atoms_ligand         69 
_refine_hist.number_atoms_solvent             86 
_refine_hist.number_atoms_total               1428 
_refine_hist.d_res_high                       1.95 
_refine_hist.d_res_low                        68.68 
# 
loop_
_refine_ls_restr.type 
_refine_ls_restr.dev_ideal 
_refine_ls_restr.dev_ideal_target 
_refine_ls_restr.weight 
_refine_ls_restr.number 
_refine_ls_restr.pdbx_refine_id 
_refine_ls_restr.pdbx_restraint_function 
r_bond_refined_d             0.020  0.022  ? 1399 'X-RAY DIFFRACTION' ? 
r_bond_other_d               ?      ?      ? ?    'X-RAY DIFFRACTION' ? 
r_angle_refined_deg          1.984  2.009  ? 1911 'X-RAY DIFFRACTION' ? 
r_angle_other_deg            ?      ?      ? ?    'X-RAY DIFFRACTION' ? 
r_dihedral_angle_1_deg       14.141 5.000  ? 160  'X-RAY DIFFRACTION' ? 
r_dihedral_angle_2_deg       38.770 24.375 ? 64   'X-RAY DIFFRACTION' ? 
r_dihedral_angle_3_deg       17.519 15.000 ? 229  'X-RAY DIFFRACTION' ? 
r_dihedral_angle_4_deg       19.422 15.000 ? 6    'X-RAY DIFFRACTION' ? 
r_chiral_restr               0.147  0.200  ? 209  'X-RAY DIFFRACTION' ? 
r_gen_planes_refined         0.009  0.020  ? 1053 'X-RAY DIFFRACTION' ? 
r_gen_planes_other           ?      ?      ? ?    'X-RAY DIFFRACTION' ? 
r_nbd_refined                0.225  0.200  ? 601  'X-RAY DIFFRACTION' ? 
r_nbd_other                  ?      ?      ? ?    'X-RAY DIFFRACTION' ? 
r_nbtor_refined              0.327  0.200  ? 932  'X-RAY DIFFRACTION' ? 
r_nbtor_other                ?      ?      ? ?    'X-RAY DIFFRACTION' ? 
r_xyhbond_nbd_refined        0.205  0.200  ? 106  'X-RAY DIFFRACTION' ? 
r_xyhbond_nbd_other          ?      ?      ? ?    'X-RAY DIFFRACTION' ? 
r_metal_ion_refined          ?      ?      ? ?    'X-RAY DIFFRACTION' ? 
r_metal_ion_other            ?      ?      ? ?    'X-RAY DIFFRACTION' ? 
r_symmetry_vdw_refined       0.365  0.200  ? 31   'X-RAY DIFFRACTION' ? 
r_symmetry_vdw_other         ?      ?      ? ?    'X-RAY DIFFRACTION' ? 
r_symmetry_hbond_refined     0.197  0.200  ? 7    'X-RAY DIFFRACTION' ? 
r_symmetry_hbond_other       ?      ?      ? ?    'X-RAY DIFFRACTION' ? 
r_symmetry_metal_ion_refined ?      ?      ? ?    'X-RAY DIFFRACTION' ? 
r_symmetry_metal_ion_other   ?      ?      ? ?    'X-RAY DIFFRACTION' ? 
r_mcbond_it                  2.472  1.500  ? 816  'X-RAY DIFFRACTION' ? 
r_mcbond_other               ?      ?      ? ?    'X-RAY DIFFRACTION' ? 
r_mcangle_it                 3.323  2.000  ? 1304 'X-RAY DIFFRACTION' ? 
r_mcangle_other              ?      ?      ? ?    'X-RAY DIFFRACTION' ? 
r_scbond_it                  4.823  3.000  ? 664  'X-RAY DIFFRACTION' ? 
r_scbond_other               ?      ?      ? ?    'X-RAY DIFFRACTION' ? 
r_scangle_it                 6.619  4.500  ? 607  'X-RAY DIFFRACTION' ? 
r_scangle_other              ?      ?      ? ?    'X-RAY DIFFRACTION' ? 
r_long_range_B_refined       ?      ?      ? ?    'X-RAY DIFFRACTION' ? 
r_long_range_B_other         ?      ?      ? ?    'X-RAY DIFFRACTION' ? 
r_rigid_bond_restr           ?      ?      ? ?    'X-RAY DIFFRACTION' ? 
r_sphericity_free            ?      ?      ? ?    'X-RAY DIFFRACTION' ? 
r_sphericity_bonded          ?      ?      ? ?    'X-RAY DIFFRACTION' ? 
# 
_refine_ls_shell.pdbx_refine_id                   'X-RAY DIFFRACTION' 
_refine_ls_shell.pdbx_total_number_of_bins_used   20 
_refine_ls_shell.d_res_high                       1.95 
_refine_ls_shell.d_res_low                        2.00 
_refine_ls_shell.number_reflns_R_work             1003 
_refine_ls_shell.R_factor_R_work                  0.3050 
_refine_ls_shell.percent_reflns_obs               98.04 
_refine_ls_shell.R_factor_R_free                  0.3460 
_refine_ls_shell.R_factor_R_free_error            ? 
_refine_ls_shell.percent_reflns_R_free            ? 
_refine_ls_shell.number_reflns_R_free             46 
_refine_ls_shell.number_reflns_all                ? 
_refine_ls_shell.R_factor_all                     ? 
# 
_struct.entry_id                  2W9G 
_struct.title                     'Wild-type Staphylococcus aureus DHFR in complex with NADPH and trimethoprim' 
_struct.pdbx_model_details        ? 
_struct.pdbx_CASP_flag            ? 
_struct.pdbx_model_type_details   ? 
# 
_struct_keywords.entry_id        2W9G 
_struct_keywords.pdbx_keywords   OXIDOREDUCTASE 
_struct_keywords.text            'OXIDOREDUCTASE, ONE-CARBON METABOLISM' 
# 
loop_
_struct_asym.id 
_struct_asym.pdbx_blank_PDB_chainid_flag 
_struct_asym.pdbx_modified 
_struct_asym.entity_id 
_struct_asym.details 
A N N 1 ? 
B N N 2 ? 
C N N 3 ? 
D N N 4 ? 
# 
_struct_ref.id                         1 
_struct_ref.db_name                    UNP 
_struct_ref.db_code                    DYR_STAAU 
_struct_ref.entity_id                  1 
_struct_ref.pdbx_seq_one_letter_code   ? 
_struct_ref.pdbx_align_begin           ? 
_struct_ref.pdbx_db_accession          P0A017 
_struct_ref.pdbx_db_isoform            ? 
# 
_struct_ref_seq.align_id                      1 
_struct_ref_seq.ref_id                        1 
_struct_ref_seq.pdbx_PDB_id_code              2W9G 
_struct_ref_seq.pdbx_strand_id                A 
_struct_ref_seq.seq_align_beg                 1 
_struct_ref_seq.pdbx_seq_align_beg_ins_code   ? 
_struct_ref_seq.seq_align_end                 159 
_struct_ref_seq.pdbx_seq_align_end_ins_code   ? 
_struct_ref_seq.pdbx_db_accession             P0A017 
_struct_ref_seq.db_align_beg                  1 
_struct_ref_seq.pdbx_db_align_beg_ins_code    ? 
_struct_ref_seq.db_align_end                  159 
_struct_ref_seq.pdbx_db_align_end_ins_code    ? 
_struct_ref_seq.pdbx_auth_seq_align_beg       0 
_struct_ref_seq.pdbx_auth_seq_align_end       158 
# 
_pdbx_struct_assembly.id                   1 
_pdbx_struct_assembly.details              author_and_software_defined_assembly 
_pdbx_struct_assembly.method_details       PISA 
_pdbx_struct_assembly.oligomeric_details   monomeric 
_pdbx_struct_assembly.oligomeric_count     1 
# 
_pdbx_struct_assembly_gen.assembly_id       1 
_pdbx_struct_assembly_gen.oper_expression   1 
_pdbx_struct_assembly_gen.asym_id_list      A,B,C,D 
# 
_pdbx_struct_oper_list.id                   1 
_pdbx_struct_oper_list.type                 'identity operation' 
_pdbx_struct_oper_list.name                 1_555 
_pdbx_struct_oper_list.symmetry_operation   x,y,z 
_pdbx_struct_oper_list.matrix[1][1]         1.0000000000 
_pdbx_struct_oper_list.matrix[1][2]         0.0000000000 
_pdbx_struct_oper_list.matrix[1][3]         0.0000000000 
_pdbx_struct_oper_list.vector[1]            0.0000000000 
_pdbx_struct_oper_list.matrix[2][1]         0.0000000000 
_pdbx_struct_oper_list.matrix[2][2]         1.0000000000 
_pdbx_struct_oper_list.matrix[2][3]         0.0000000000 
_pdbx_struct_oper_list.vector[2]            0.0000000000 
_pdbx_struct_oper_list.matrix[3][1]         0.0000000000 
_pdbx_struct_oper_list.matrix[3][2]         0.0000000000 
_pdbx_struct_oper_list.matrix[3][3]         1.0000000000 
_pdbx_struct_oper_list.vector[3]            0.0000000000 
# 
_struct_biol.id   1 
# 
loop_
_struct_conf.conf_type_id 
_struct_conf.id 
_struct_conf.pdbx_PDB_helix_id 
_struct_conf.beg_label_comp_id 
_struct_conf.beg_label_asym_id 
_struct_conf.beg_label_seq_id 
_struct_conf.pdbx_beg_PDB_ins_code 
_struct_conf.end_label_comp_id 
_struct_conf.end_label_asym_id 
_struct_conf.end_label_seq_id 
_struct_conf.pdbx_end_PDB_ins_code 
_struct_conf.beg_auth_comp_id 
_struct_conf.beg_auth_asym_id 
_struct_conf.beg_auth_seq_id 
_struct_conf.end_auth_comp_id 
_struct_conf.end_auth_asym_id 
_struct_conf.end_auth_seq_id 
_struct_conf.pdbx_PDB_helix_class 
_struct_conf.details 
_struct_conf.pdbx_PDB_helix_length 
HELX_P HELX_P1 1 LEU A 25 ? THR A 37  ? LEU A 24 THR A 36  1 ? 13 
HELX_P HELX_P2 2 ARG A 45 ? GLY A 52  ? ARG A 44 GLY A 51  1 ? 8  
HELX_P HELX_P3 3 SER A 79 ? LEU A 86  ? SER A 78 LEU A 85  5 ? 8  
HELX_P HELX_P4 4 GLY A 95 ? ILE A 103 ? GLY A 94 ILE A 102 1 ? 9  
# 
_struct_conf_type.id          HELX_P 
_struct_conf_type.criteria    ? 
_struct_conf_type.reference   ? 
# 
_struct_mon_prot_cis.pdbx_id                1 
_struct_mon_prot_cis.label_comp_id          GLY 
_struct_mon_prot_cis.label_seq_id           94 
_struct_mon_prot_cis.label_asym_id          A 
_struct_mon_prot_cis.label_alt_id           . 
_struct_mon_prot_cis.pdbx_PDB_ins_code      ? 
_struct_mon_prot_cis.auth_comp_id           GLY 
_struct_mon_prot_cis.auth_seq_id            93 
_struct_mon_prot_cis.auth_asym_id           A 
_struct_mon_prot_cis.pdbx_label_comp_id_2   GLY 
_struct_mon_prot_cis.pdbx_label_seq_id_2    95 
_struct_mon_prot_cis.pdbx_label_asym_id_2   A 
_struct_mon_prot_cis.pdbx_PDB_ins_code_2    ? 
_struct_mon_prot_cis.pdbx_auth_comp_id_2    GLY 
_struct_mon_prot_cis.pdbx_auth_seq_id_2     94 
_struct_mon_prot_cis.pdbx_auth_asym_id_2    A 
_struct_mon_prot_cis.pdbx_PDB_model_num     1 
_struct_mon_prot_cis.pdbx_omega_angle       14.88 
# 
loop_
_struct_sheet.id 
_struct_sheet.type 
_struct_sheet.number_strands 
_struct_sheet.details 
AA ? 8 ? 
AB ? 2 ? 
# 
loop_
_struct_sheet_order.sheet_id 
_struct_sheet_order.range_id_1 
_struct_sheet_order.range_id_2 
_struct_sheet_order.offset 
_struct_sheet_order.sense 
AA 1 2 ? parallel      
AA 2 3 ? parallel      
AA 3 4 ? parallel      
AA 4 5 ? parallel      
AA 5 6 ? parallel      
AA 6 7 ? anti-parallel 
AA 7 8 ? anti-parallel 
AB 1 2 ? anti-parallel 
# 
loop_
_struct_sheet_range.sheet_id 
_struct_sheet_range.id 
_struct_sheet_range.beg_label_comp_id 
_struct_sheet_range.beg_label_asym_id 
_struct_sheet_range.beg_label_seq_id 
_struct_sheet_range.pdbx_beg_PDB_ins_code 
_struct_sheet_range.end_label_comp_id 
_struct_sheet_range.end_label_asym_id 
_struct_sheet_range.end_label_seq_id 
_struct_sheet_range.pdbx_end_PDB_ins_code 
_struct_sheet_range.beg_auth_comp_id 
_struct_sheet_range.beg_auth_asym_id 
_struct_sheet_range.beg_auth_seq_id 
_struct_sheet_range.end_auth_comp_id 
_struct_sheet_range.end_auth_asym_id 
_struct_sheet_range.end_auth_seq_id 
AA 1 ASP A 75  ? ILE A 77  ? ASP A 74  ILE A 76  
AA 2 ARG A 59  ? LEU A 63  ? ARG A 58  LEU A 62  
AA 3 THR A 40  ? GLY A 44  ? THR A 39  GLY A 43  
AA 4 VAL A 90  ? GLY A 94  ? VAL A 89  GLY A 93  
AA 5 LEU A 3   ? HIS A 9   ? LEU A 2   HIS A 8   
AA 6 ASP A 108 ? ILE A 114 ? ASP A 107 ILE A 113 
AA 7 HIS A 150 ? ARG A 157 ? HIS A 149 ARG A 156 
AA 8 TRP A 132 ? GLU A 139 ? TRP A 131 GLU A 138 
AB 1 VAL A 14  ? GLY A 16  ? VAL A 13  GLY A 15  
AB 2 THR A 122 ? PHE A 123 ? THR A 121 PHE A 122 
# 
loop_
_pdbx_struct_sheet_hbond.sheet_id 
_pdbx_struct_sheet_hbond.range_id_1 
_pdbx_struct_sheet_hbond.range_id_2 
_pdbx_struct_sheet_hbond.range_1_label_atom_id 
_pdbx_struct_sheet_hbond.range_1_label_comp_id 
_pdbx_struct_sheet_hbond.range_1_label_asym_id 
_pdbx_struct_sheet_hbond.range_1_label_seq_id 
_pdbx_struct_sheet_hbond.range_1_PDB_ins_code 
_pdbx_struct_sheet_hbond.range_1_auth_atom_id 
_pdbx_struct_sheet_hbond.range_1_auth_comp_id 
_pdbx_struct_sheet_hbond.range_1_auth_asym_id 
_pdbx_struct_sheet_hbond.range_1_auth_seq_id 
_pdbx_struct_sheet_hbond.range_2_label_atom_id 
_pdbx_struct_sheet_hbond.range_2_label_comp_id 
_pdbx_struct_sheet_hbond.range_2_label_asym_id 
_pdbx_struct_sheet_hbond.range_2_label_seq_id 
_pdbx_struct_sheet_hbond.range_2_PDB_ins_code 
_pdbx_struct_sheet_hbond.range_2_auth_atom_id 
_pdbx_struct_sheet_hbond.range_2_auth_comp_id 
_pdbx_struct_sheet_hbond.range_2_auth_asym_id 
_pdbx_struct_sheet_hbond.range_2_auth_seq_id 
AA 1 2 N ASP A 75  ? N ASP A 74  O ASN A 60  ? O ASN A 59  
AA 2 3 N VAL A 61  ? N VAL A 60  O LEU A 41  ? O LEU A 40  
AA 3 4 N VAL A 42  ? N VAL A 41  O PHE A 91  ? O PHE A 90  
AA 4 5 N ILE A 92  ? N ILE A 91  O SER A 4   ? O SER A 3   
AA 5 6 N ILE A 5   ? N ILE A 4   O ASP A 108 ? O ASP A 107 
AA 6 7 N VAL A 113 ? N VAL A 112 O THR A 151 ? O THR A 150 
AA 7 8 N ILE A 156 ? N ILE A 155 O GLU A 133 ? O GLU A 132 
AB 1 2 N ILE A 15  ? N ILE A 14  O THR A 122 ? O THR A 121 
# 
loop_
_struct_site.id 
_struct_site.pdbx_evidence_code 
_struct_site.pdbx_auth_asym_id 
_struct_site.pdbx_auth_comp_id 
_struct_site.pdbx_auth_seq_id 
_struct_site.pdbx_auth_ins_code 
_struct_site.pdbx_num_residues 
_struct_site.details 
AC1 Software A TOP 1159 ? 11 'BINDING SITE FOR RESIDUE TOP A 1159' 
AC2 Software A NDP 1160 ? 25 'BINDING SITE FOR RESIDUE NDP A 1160' 
# 
loop_
_struct_site_gen.id 
_struct_site_gen.site_id 
_struct_site_gen.pdbx_num_res 
_struct_site_gen.label_comp_id 
_struct_site_gen.label_asym_id 
_struct_site_gen.label_seq_id 
_struct_site_gen.pdbx_auth_ins_code 
_struct_site_gen.auth_comp_id 
_struct_site_gen.auth_asym_id 
_struct_site_gen.auth_seq_id 
_struct_site_gen.label_atom_id 
_struct_site_gen.label_alt_id 
_struct_site_gen.symmetry 
_struct_site_gen.details 
1  AC1 11 LEU A 6   ? LEU A 5    . ? 1_555 ? 
2  AC1 11 VAL A 7   ? VAL A 6    . ? 1_555 ? 
3  AC1 11 ALA A 8   ? ALA A 7    . ? 1_555 ? 
4  AC1 11 ASP A 28  ? ASP A 27   . ? 1_555 ? 
5  AC1 11 LEU A 29  ? LEU A 28   . ? 1_555 ? 
6  AC1 11 VAL A 32  ? VAL A 31   . ? 1_555 ? 
7  AC1 11 SER A 50  ? SER A 49   . ? 1_555 ? 
8  AC1 11 ILE A 51  ? ILE A 50   . ? 1_555 ? 
9  AC1 11 PHE A 93  ? PHE A 92   . ? 1_555 ? 
10 AC1 11 NDP C .   ? NDP A 1160 . ? 1_555 ? 
11 AC1 11 HOH D .   ? HOH A 2030 . ? 1_555 ? 
12 AC2 25 VAL A 7   ? VAL A 6    . ? 1_555 ? 
13 AC2 25 ALA A 8   ? ALA A 7    . ? 1_555 ? 
14 AC2 25 ILE A 15  ? ILE A 14   . ? 1_555 ? 
15 AC2 25 GLY A 16  ? GLY A 15   . ? 1_555 ? 
16 AC2 25 ASN A 19  ? ASN A 18   . ? 1_555 ? 
17 AC2 25 GLN A 20  ? GLN A 19   . ? 1_555 ? 
18 AC2 25 LEU A 21  ? LEU A 20   . ? 1_555 ? 
19 AC2 25 GLY A 44  ? GLY A 43   . ? 1_555 ? 
20 AC2 25 ARG A 45  ? ARG A 44   . ? 1_555 ? 
21 AC2 25 LYS A 46  ? LYS A 45   . ? 1_555 ? 
22 AC2 25 THR A 47  ? THR A 46   . ? 1_555 ? 
23 AC2 25 LEU A 63  ? LEU A 62   . ? 1_555 ? 
24 AC2 25 THR A 64  ? THR A 63   . ? 1_555 ? 
25 AC2 25 SER A 65  ? SER A 64   . ? 1_555 ? 
26 AC2 25 PHE A 93  ? PHE A 92   . ? 1_555 ? 
27 AC2 25 GLY A 94  ? GLY A 93   . ? 1_555 ? 
28 AC2 25 GLY A 95  ? GLY A 94   . ? 1_555 ? 
29 AC2 25 GLN A 96  ? GLN A 95   . ? 1_555 ? 
30 AC2 25 THR A 97  ? THR A 96   . ? 1_555 ? 
31 AC2 25 GLU A 101 ? GLU A 100  . ? 1_555 ? 
32 AC2 25 THR A 122 ? THR A 121  . ? 1_555 ? 
33 AC2 25 TOP B .   ? TOP A 1159 . ? 1_555 ? 
34 AC2 25 HOH D .   ? HOH A 2011 . ? 1_555 ? 
35 AC2 25 HOH D .   ? HOH A 2059 . ? 1_555 ? 
36 AC2 25 HOH D .   ? HOH A 2085 . ? 1_555 ? 
# 
loop_
_pdbx_validate_close_contact.id 
_pdbx_validate_close_contact.PDB_model_num 
_pdbx_validate_close_contact.auth_atom_id_1 
_pdbx_validate_close_contact.auth_asym_id_1 
_pdbx_validate_close_contact.auth_comp_id_1 
_pdbx_validate_close_contact.auth_seq_id_1 
_pdbx_validate_close_contact.PDB_ins_code_1 
_pdbx_validate_close_contact.label_alt_id_1 
_pdbx_validate_close_contact.auth_atom_id_2 
_pdbx_validate_close_contact.auth_asym_id_2 
_pdbx_validate_close_contact.auth_comp_id_2 
_pdbx_validate_close_contact.auth_seq_id_2 
_pdbx_validate_close_contact.PDB_ins_code_2 
_pdbx_validate_close_contact.label_alt_id_2 
_pdbx_validate_close_contact.dist 
1 1 O   A HOH 2002 ? ? O A HOH 2023 ? ? 1.79 
2 1 O   A HOH 2023 ? ? O A HOH 2063 ? ? 1.93 
3 1 O   A HOH 2017 ? ? O A HOH 2018 ? ? 1.98 
4 1 OD2 A ASP 27   ? ? O A HOH 2017 ? ? 2.12 
5 1 O   A HOH 2021 ? ? O A HOH 2052 ? ? 2.18 
# 
_pdbx_validate_symm_contact.id                1 
_pdbx_validate_symm_contact.PDB_model_num     1 
_pdbx_validate_symm_contact.auth_atom_id_1    NH2 
_pdbx_validate_symm_contact.auth_asym_id_1    A 
_pdbx_validate_symm_contact.auth_comp_id_1    ARG 
_pdbx_validate_symm_contact.auth_seq_id_1     118 
_pdbx_validate_symm_contact.PDB_ins_code_1    ? 
_pdbx_validate_symm_contact.label_alt_id_1    ? 
_pdbx_validate_symm_contact.site_symmetry_1   1_555 
_pdbx_validate_symm_contact.auth_atom_id_2    NH2 
_pdbx_validate_symm_contact.auth_asym_id_2    A 
_pdbx_validate_symm_contact.auth_comp_id_2    ARG 
_pdbx_validate_symm_contact.auth_seq_id_2     118 
_pdbx_validate_symm_contact.PDB_ins_code_2    ? 
_pdbx_validate_symm_contact.label_alt_id_2    ? 
_pdbx_validate_symm_contact.site_symmetry_2   11_555 
_pdbx_validate_symm_contact.dist              2.04 
# 
_pdbx_validate_rmsd_bond.id                        1 
_pdbx_validate_rmsd_bond.PDB_model_num             1 
_pdbx_validate_rmsd_bond.auth_atom_id_1            CG 
_pdbx_validate_rmsd_bond.auth_asym_id_1            A 
_pdbx_validate_rmsd_bond.auth_comp_id_1            GLU 
_pdbx_validate_rmsd_bond.auth_seq_id_1             114 
_pdbx_validate_rmsd_bond.PDB_ins_code_1            ? 
_pdbx_validate_rmsd_bond.label_alt_id_1            ? 
_pdbx_validate_rmsd_bond.auth_atom_id_2            CD 
_pdbx_validate_rmsd_bond.auth_asym_id_2            A 
_pdbx_validate_rmsd_bond.auth_comp_id_2            GLU 
_pdbx_validate_rmsd_bond.auth_seq_id_2             114 
_pdbx_validate_rmsd_bond.PDB_ins_code_2            ? 
_pdbx_validate_rmsd_bond.label_alt_id_2            ? 
_pdbx_validate_rmsd_bond.bond_value                1.425 
_pdbx_validate_rmsd_bond.bond_target_value         1.515 
_pdbx_validate_rmsd_bond.bond_deviation            -0.090 
_pdbx_validate_rmsd_bond.bond_standard_deviation   0.015 
_pdbx_validate_rmsd_bond.linker_flag               N 
# 
loop_
_pdbx_validate_rmsd_angle.id 
_pdbx_validate_rmsd_angle.PDB_model_num 
_pdbx_validate_rmsd_angle.auth_atom_id_1 
_pdbx_validate_rmsd_angle.auth_asym_id_1 
_pdbx_validate_rmsd_angle.auth_comp_id_1 
_pdbx_validate_rmsd_angle.auth_seq_id_1 
_pdbx_validate_rmsd_angle.PDB_ins_code_1 
_pdbx_validate_rmsd_angle.label_alt_id_1 
_pdbx_validate_rmsd_angle.auth_atom_id_2 
_pdbx_validate_rmsd_angle.auth_asym_id_2 
_pdbx_validate_rmsd_angle.auth_comp_id_2 
_pdbx_validate_rmsd_angle.auth_seq_id_2 
_pdbx_validate_rmsd_angle.PDB_ins_code_2 
_pdbx_validate_rmsd_angle.label_alt_id_2 
_pdbx_validate_rmsd_angle.auth_atom_id_3 
_pdbx_validate_rmsd_angle.auth_asym_id_3 
_pdbx_validate_rmsd_angle.auth_comp_id_3 
_pdbx_validate_rmsd_angle.auth_seq_id_3 
_pdbx_validate_rmsd_angle.PDB_ins_code_3 
_pdbx_validate_rmsd_angle.label_alt_id_3 
_pdbx_validate_rmsd_angle.angle_value 
_pdbx_validate_rmsd_angle.angle_target_value 
_pdbx_validate_rmsd_angle.angle_deviation 
_pdbx_validate_rmsd_angle.angle_standard_deviation 
_pdbx_validate_rmsd_angle.linker_flag 
1 1 NE A ARG 12 ? ? CZ A ARG 12 ? ? NH1 A ARG 12 ? ? 123.88 120.30 3.58  0.50 N 
2 1 NE A ARG 12 ? ? CZ A ARG 12 ? ? NH2 A ARG 12 ? ? 113.58 120.30 -6.72 0.50 N 
# 
loop_
_pdbx_validate_torsion.id 
_pdbx_validate_torsion.PDB_model_num 
_pdbx_validate_torsion.auth_comp_id 
_pdbx_validate_torsion.auth_asym_id 
_pdbx_validate_torsion.auth_seq_id 
_pdbx_validate_torsion.PDB_ins_code 
_pdbx_validate_torsion.label_alt_id 
_pdbx_validate_torsion.phi 
_pdbx_validate_torsion.psi 
1 1 HIS A 38 ? ? -121.63 -158.92 
2 1 ASN A 56 ? ? 95.28   34.46   
3 1 ASN A 69 ? ? -153.34 87.28   
# 
_pdbx_validate_peptide_omega.id               1 
_pdbx_validate_peptide_omega.PDB_model_num    1 
_pdbx_validate_peptide_omega.auth_comp_id_1   PRO 
_pdbx_validate_peptide_omega.auth_asym_id_1   A 
_pdbx_validate_peptide_omega.auth_seq_id_1    55 
_pdbx_validate_peptide_omega.PDB_ins_code_1   ? 
_pdbx_validate_peptide_omega.label_alt_id_1   ? 
_pdbx_validate_peptide_omega.auth_comp_id_2   ASN 
_pdbx_validate_peptide_omega.auth_asym_id_2   A 
_pdbx_validate_peptide_omega.auth_seq_id_2    56 
_pdbx_validate_peptide_omega.PDB_ins_code_2   ? 
_pdbx_validate_peptide_omega.label_alt_id_2   ? 
_pdbx_validate_peptide_omega.omega            145.72 
# 
_pdbx_unobs_or_zero_occ_residues.id               1 
_pdbx_unobs_or_zero_occ_residues.PDB_model_num    1 
_pdbx_unobs_or_zero_occ_residues.polymer_flag     Y 
_pdbx_unobs_or_zero_occ_residues.occupancy_flag   1 
_pdbx_unobs_or_zero_occ_residues.auth_asym_id     A 
_pdbx_unobs_or_zero_occ_residues.auth_comp_id     MET 
_pdbx_unobs_or_zero_occ_residues.auth_seq_id      0 
_pdbx_unobs_or_zero_occ_residues.PDB_ins_code     ? 
_pdbx_unobs_or_zero_occ_residues.label_asym_id    A 
_pdbx_unobs_or_zero_occ_residues.label_comp_id    MET 
_pdbx_unobs_or_zero_occ_residues.label_seq_id     1 
# 
loop_
_chem_comp_atom.comp_id 
_chem_comp_atom.atom_id 
_chem_comp_atom.type_symbol 
_chem_comp_atom.pdbx_aromatic_flag 
_chem_comp_atom.pdbx_stereo_config 
_chem_comp_atom.pdbx_ordinal 
ALA N    N N N 1   
ALA CA   C N S 2   
ALA C    C N N 3   
ALA O    O N N 4   
ALA CB   C N N 5   
ALA OXT  O N N 6   
ALA H    H N N 7   
ALA H2   H N N 8   
ALA HA   H N N 9   
ALA HB1  H N N 10  
ALA HB2  H N N 11  
ALA HB3  H N N 12  
ALA HXT  H N N 13  
ARG N    N N N 14  
ARG CA   C N S 15  
ARG C    C N N 16  
ARG O    O N N 17  
ARG CB   C N N 18  
ARG CG   C N N 19  
ARG CD   C N N 20  
ARG NE   N N N 21  
ARG CZ   C N N 22  
ARG NH1  N N N 23  
ARG NH2  N N N 24  
ARG OXT  O N N 25  
ARG H    H N N 26  
ARG H2   H N N 27  
ARG HA   H N N 28  
ARG HB2  H N N 29  
ARG HB3  H N N 30  
ARG HG2  H N N 31  
ARG HG3  H N N 32  
ARG HD2  H N N 33  
ARG HD3  H N N 34  
ARG HE   H N N 35  
ARG HH11 H N N 36  
ARG HH12 H N N 37  
ARG HH21 H N N 38  
ARG HH22 H N N 39  
ARG HXT  H N N 40  
ASN N    N N N 41  
ASN CA   C N S 42  
ASN C    C N N 43  
ASN O    O N N 44  
ASN CB   C N N 45  
ASN CG   C N N 46  
ASN OD1  O N N 47  
ASN ND2  N N N 48  
ASN OXT  O N N 49  
ASN H    H N N 50  
ASN H2   H N N 51  
ASN HA   H N N 52  
ASN HB2  H N N 53  
ASN HB3  H N N 54  
ASN HD21 H N N 55  
ASN HD22 H N N 56  
ASN HXT  H N N 57  
ASP N    N N N 58  
ASP CA   C N S 59  
ASP C    C N N 60  
ASP O    O N N 61  
ASP CB   C N N 62  
ASP CG   C N N 63  
ASP OD1  O N N 64  
ASP OD2  O N N 65  
ASP OXT  O N N 66  
ASP H    H N N 67  
ASP H2   H N N 68  
ASP HA   H N N 69  
ASP HB2  H N N 70  
ASP HB3  H N N 71  
ASP HD2  H N N 72  
ASP HXT  H N N 73  
GLN N    N N N 74  
GLN CA   C N S 75  
GLN C    C N N 76  
GLN O    O N N 77  
GLN CB   C N N 78  
GLN CG   C N N 79  
GLN CD   C N N 80  
GLN OE1  O N N 81  
GLN NE2  N N N 82  
GLN OXT  O N N 83  
GLN H    H N N 84  
GLN H2   H N N 85  
GLN HA   H N N 86  
GLN HB2  H N N 87  
GLN HB3  H N N 88  
GLN HG2  H N N 89  
GLN HG3  H N N 90  
GLN HE21 H N N 91  
GLN HE22 H N N 92  
GLN HXT  H N N 93  
GLU N    N N N 94  
GLU CA   C N S 95  
GLU C    C N N 96  
GLU O    O N N 97  
GLU CB   C N N 98  
GLU CG   C N N 99  
GLU CD   C N N 100 
GLU OE1  O N N 101 
GLU OE2  O N N 102 
GLU OXT  O N N 103 
GLU H    H N N 104 
GLU H2   H N N 105 
GLU HA   H N N 106 
GLU HB2  H N N 107 
GLU HB3  H N N 108 
GLU HG2  H N N 109 
GLU HG3  H N N 110 
GLU HE2  H N N 111 
GLU HXT  H N N 112 
GLY N    N N N 113 
GLY CA   C N N 114 
GLY C    C N N 115 
GLY O    O N N 116 
GLY OXT  O N N 117 
GLY H    H N N 118 
GLY H2   H N N 119 
GLY HA2  H N N 120 
GLY HA3  H N N 121 
GLY HXT  H N N 122 
HIS N    N N N 123 
HIS CA   C N S 124 
HIS C    C N N 125 
HIS O    O N N 126 
HIS CB   C N N 127 
HIS CG   C Y N 128 
HIS ND1  N Y N 129 
HIS CD2  C Y N 130 
HIS CE1  C Y N 131 
HIS NE2  N Y N 132 
HIS OXT  O N N 133 
HIS H    H N N 134 
HIS H2   H N N 135 
HIS HA   H N N 136 
HIS HB2  H N N 137 
HIS HB3  H N N 138 
HIS HD1  H N N 139 
HIS HD2  H N N 140 
HIS HE1  H N N 141 
HIS HE2  H N N 142 
HIS HXT  H N N 143 
HOH O    O N N 144 
HOH H1   H N N 145 
HOH H2   H N N 146 
ILE N    N N N 147 
ILE CA   C N S 148 
ILE C    C N N 149 
ILE O    O N N 150 
ILE CB   C N S 151 
ILE CG1  C N N 152 
ILE CG2  C N N 153 
ILE CD1  C N N 154 
ILE OXT  O N N 155 
ILE H    H N N 156 
ILE H2   H N N 157 
ILE HA   H N N 158 
ILE HB   H N N 159 
ILE HG12 H N N 160 
ILE HG13 H N N 161 
ILE HG21 H N N 162 
ILE HG22 H N N 163 
ILE HG23 H N N 164 
ILE HD11 H N N 165 
ILE HD12 H N N 166 
ILE HD13 H N N 167 
ILE HXT  H N N 168 
LEU N    N N N 169 
LEU CA   C N S 170 
LEU C    C N N 171 
LEU O    O N N 172 
LEU CB   C N N 173 
LEU CG   C N N 174 
LEU CD1  C N N 175 
LEU CD2  C N N 176 
LEU OXT  O N N 177 
LEU H    H N N 178 
LEU H2   H N N 179 
LEU HA   H N N 180 
LEU HB2  H N N 181 
LEU HB3  H N N 182 
LEU HG   H N N 183 
LEU HD11 H N N 184 
LEU HD12 H N N 185 
LEU HD13 H N N 186 
LEU HD21 H N N 187 
LEU HD22 H N N 188 
LEU HD23 H N N 189 
LEU HXT  H N N 190 
LYS N    N N N 191 
LYS CA   C N S 192 
LYS C    C N N 193 
LYS O    O N N 194 
LYS CB   C N N 195 
LYS CG   C N N 196 
LYS CD   C N N 197 
LYS CE   C N N 198 
LYS NZ   N N N 199 
LYS OXT  O N N 200 
LYS H    H N N 201 
LYS H2   H N N 202 
LYS HA   H N N 203 
LYS HB2  H N N 204 
LYS HB3  H N N 205 
LYS HG2  H N N 206 
LYS HG3  H N N 207 
LYS HD2  H N N 208 
LYS HD3  H N N 209 
LYS HE2  H N N 210 
LYS HE3  H N N 211 
LYS HZ1  H N N 212 
LYS HZ2  H N N 213 
LYS HZ3  H N N 214 
LYS HXT  H N N 215 
MET N    N N N 216 
MET CA   C N S 217 
MET C    C N N 218 
MET O    O N N 219 
MET CB   C N N 220 
MET CG   C N N 221 
MET SD   S N N 222 
MET CE   C N N 223 
MET OXT  O N N 224 
MET H    H N N 225 
MET H2   H N N 226 
MET HA   H N N 227 
MET HB2  H N N 228 
MET HB3  H N N 229 
MET HG2  H N N 230 
MET HG3  H N N 231 
MET HE1  H N N 232 
MET HE2  H N N 233 
MET HE3  H N N 234 
MET HXT  H N N 235 
NDP PA   P N S 236 
NDP O1A  O N N 237 
NDP O2A  O N N 238 
NDP O5B  O N N 239 
NDP C5B  C N N 240 
NDP C4B  C N R 241 
NDP O4B  O N N 242 
NDP C3B  C N R 243 
NDP O3B  O N N 244 
NDP C2B  C N R 245 
NDP O2B  O N N 246 
NDP C1B  C N R 247 
NDP N9A  N Y N 248 
NDP C8A  C Y N 249 
NDP N7A  N Y N 250 
NDP C5A  C Y N 251 
NDP C6A  C Y N 252 
NDP N6A  N N N 253 
NDP N1A  N Y N 254 
NDP C2A  C Y N 255 
NDP N3A  N Y N 256 
NDP C4A  C Y N 257 
NDP O3   O N N 258 
NDP PN   P N S 259 
NDP O1N  O N N 260 
NDP O2N  O N N 261 
NDP O5D  O N N 262 
NDP C5D  C N N 263 
NDP C4D  C N R 264 
NDP O4D  O N N 265 
NDP C3D  C N S 266 
NDP O3D  O N N 267 
NDP C2D  C N R 268 
NDP O2D  O N N 269 
NDP C1D  C N R 270 
NDP N1N  N N N 271 
NDP C2N  C N N 272 
NDP C3N  C N N 273 
NDP C7N  C N N 274 
NDP O7N  O N N 275 
NDP N7N  N N N 276 
NDP C4N  C N N 277 
NDP C5N  C N N 278 
NDP C6N  C N N 279 
NDP P2B  P N N 280 
NDP O1X  O N N 281 
NDP O2X  O N N 282 
NDP O3X  O N N 283 
NDP HOA2 H N N 284 
NDP H51A H N N 285 
NDP H52A H N N 286 
NDP H4B  H N N 287 
NDP H3B  H N N 288 
NDP HO3A H N N 289 
NDP H2B  H N N 290 
NDP H1B  H N N 291 
NDP H8A  H N N 292 
NDP H61A H N N 293 
NDP H62A H N N 294 
NDP H2A  H N N 295 
NDP H21N H N N 296 
NDP H51N H N N 297 
NDP H52N H N N 298 
NDP H4D  H N N 299 
NDP H3D  H N N 300 
NDP HO3N H N N 301 
NDP H2D  H N N 302 
NDP HO2N H N N 303 
NDP H1D  H N N 304 
NDP H2N  H N N 305 
NDP H71N H N N 306 
NDP H72N H N N 307 
NDP H41N H N N 308 
NDP H42N H N N 309 
NDP H5N  H N N 310 
NDP H6N  H N N 311 
NDP HOP2 H N N 312 
NDP HOP3 H N N 313 
PHE N    N N N 314 
PHE CA   C N S 315 
PHE C    C N N 316 
PHE O    O N N 317 
PHE CB   C N N 318 
PHE CG   C Y N 319 
PHE CD1  C Y N 320 
PHE CD2  C Y N 321 
PHE CE1  C Y N 322 
PHE CE2  C Y N 323 
PHE CZ   C Y N 324 
PHE OXT  O N N 325 
PHE H    H N N 326 
PHE H2   H N N 327 
PHE HA   H N N 328 
PHE HB2  H N N 329 
PHE HB3  H N N 330 
PHE HD1  H N N 331 
PHE HD2  H N N 332 
PHE HE1  H N N 333 
PHE HE2  H N N 334 
PHE HZ   H N N 335 
PHE HXT  H N N 336 
PRO N    N N N 337 
PRO CA   C N S 338 
PRO C    C N N 339 
PRO O    O N N 340 
PRO CB   C N N 341 
PRO CG   C N N 342 
PRO CD   C N N 343 
PRO OXT  O N N 344 
PRO H    H N N 345 
PRO HA   H N N 346 
PRO HB2  H N N 347 
PRO HB3  H N N 348 
PRO HG2  H N N 349 
PRO HG3  H N N 350 
PRO HD2  H N N 351 
PRO HD3  H N N 352 
PRO HXT  H N N 353 
SER N    N N N 354 
SER CA   C N S 355 
SER C    C N N 356 
SER O    O N N 357 
SER CB   C N N 358 
SER OG   O N N 359 
SER OXT  O N N 360 
SER H    H N N 361 
SER H2   H N N 362 
SER HA   H N N 363 
SER HB2  H N N 364 
SER HB3  H N N 365 
SER HG   H N N 366 
SER HXT  H N N 367 
THR N    N N N 368 
THR CA   C N S 369 
THR C    C N N 370 
THR O    O N N 371 
THR CB   C N R 372 
THR OG1  O N N 373 
THR CG2  C N N 374 
THR OXT  O N N 375 
THR H    H N N 376 
THR H2   H N N 377 
THR HA   H N N 378 
THR HB   H N N 379 
THR HG1  H N N 380 
THR HG21 H N N 381 
THR HG22 H N N 382 
THR HG23 H N N 383 
THR HXT  H N N 384 
TOP C1   C Y N 385 
TOP N2   N Y N 386 
TOP C3   C Y N 387 
TOP N4   N N N 388 
TOP N5   N Y N 389 
TOP C6   C Y N 390 
TOP N7   N N N 391 
TOP C8   C Y N 392 
TOP C9   C N N 393 
TOP C10  C Y N 394 
TOP C11  C Y N 395 
TOP C12  C Y N 396 
TOP O13  O N N 397 
TOP C14  C N N 398 
TOP C15  C Y N 399 
TOP O16  O N N 400 
TOP C17  C N N 401 
TOP C18  C Y N 402 
TOP O19  O N N 403 
TOP C20  C N N 404 
TOP C21  C Y N 405 
TOP H1   H N N 406 
TOP HN41 H N N 407 
TOP HN42 H N N 408 
TOP HN71 H N N 409 
TOP HN72 H N N 410 
TOP H91  H N N 411 
TOP H92  H N N 412 
TOP H11  H N N 413 
TOP H141 H N N 414 
TOP H142 H N N 415 
TOP H143 H N N 416 
TOP H171 H N N 417 
TOP H172 H N N 418 
TOP H173 H N N 419 
TOP H201 H N N 420 
TOP H202 H N N 421 
TOP H203 H N N 422 
TOP H21  H N N 423 
TRP N    N N N 424 
TRP CA   C N S 425 
TRP C    C N N 426 
TRP O    O N N 427 
TRP CB   C N N 428 
TRP CG   C Y N 429 
TRP CD1  C Y N 430 
TRP CD2  C Y N 431 
TRP NE1  N Y N 432 
TRP CE2  C Y N 433 
TRP CE3  C Y N 434 
TRP CZ2  C Y N 435 
TRP CZ3  C Y N 436 
TRP CH2  C Y N 437 
TRP OXT  O N N 438 
TRP H    H N N 439 
TRP H2   H N N 440 
TRP HA   H N N 441 
TRP HB2  H N N 442 
TRP HB3  H N N 443 
TRP HD1  H N N 444 
TRP HE1  H N N 445 
TRP HE3  H N N 446 
TRP HZ2  H N N 447 
TRP HZ3  H N N 448 
TRP HH2  H N N 449 
TRP HXT  H N N 450 
TYR N    N N N 451 
TYR CA   C N S 452 
TYR C    C N N 453 
TYR O    O N N 454 
TYR CB   C N N 455 
TYR CG   C Y N 456 
TYR CD1  C Y N 457 
TYR CD2  C Y N 458 
TYR CE1  C Y N 459 
TYR CE2  C Y N 460 
TYR CZ   C Y N 461 
TYR OH   O N N 462 
TYR OXT  O N N 463 
TYR H    H N N 464 
TYR H2   H N N 465 
TYR HA   H N N 466 
TYR HB2  H N N 467 
TYR HB3  H N N 468 
TYR HD1  H N N 469 
TYR HD2  H N N 470 
TYR HE1  H N N 471 
TYR HE2  H N N 472 
TYR HH   H N N 473 
TYR HXT  H N N 474 
VAL N    N N N 475 
VAL CA   C N S 476 
VAL C    C N N 477 
VAL O    O N N 478 
VAL CB   C N N 479 
VAL CG1  C N N 480 
VAL CG2  C N N 481 
VAL OXT  O N N 482 
VAL H    H N N 483 
VAL H2   H N N 484 
VAL HA   H N N 485 
VAL HB   H N N 486 
VAL HG11 H N N 487 
VAL HG12 H N N 488 
VAL HG13 H N N 489 
VAL HG21 H N N 490 
VAL HG22 H N N 491 
VAL HG23 H N N 492 
VAL HXT  H N N 493 
# 
loop_
_chem_comp_bond.comp_id 
_chem_comp_bond.atom_id_1 
_chem_comp_bond.atom_id_2 
_chem_comp_bond.value_order 
_chem_comp_bond.pdbx_aromatic_flag 
_chem_comp_bond.pdbx_stereo_config 
_chem_comp_bond.pdbx_ordinal 
ALA N   CA   sing N N 1   
ALA N   H    sing N N 2   
ALA N   H2   sing N N 3   
ALA CA  C    sing N N 4   
ALA CA  CB   sing N N 5   
ALA CA  HA   sing N N 6   
ALA C   O    doub N N 7   
ALA C   OXT  sing N N 8   
ALA CB  HB1  sing N N 9   
ALA CB  HB2  sing N N 10  
ALA CB  HB3  sing N N 11  
ALA OXT HXT  sing N N 12  
ARG N   CA   sing N N 13  
ARG N   H    sing N N 14  
ARG N   H2   sing N N 15  
ARG CA  C    sing N N 16  
ARG CA  CB   sing N N 17  
ARG CA  HA   sing N N 18  
ARG C   O    doub N N 19  
ARG C   OXT  sing N N 20  
ARG CB  CG   sing N N 21  
ARG CB  HB2  sing N N 22  
ARG CB  HB3  sing N N 23  
ARG CG  CD   sing N N 24  
ARG CG  HG2  sing N N 25  
ARG CG  HG3  sing N N 26  
ARG CD  NE   sing N N 27  
ARG CD  HD2  sing N N 28  
ARG CD  HD3  sing N N 29  
ARG NE  CZ   sing N N 30  
ARG NE  HE   sing N N 31  
ARG CZ  NH1  sing N N 32  
ARG CZ  NH2  doub N N 33  
ARG NH1 HH11 sing N N 34  
ARG NH1 HH12 sing N N 35  
ARG NH2 HH21 sing N N 36  
ARG NH2 HH22 sing N N 37  
ARG OXT HXT  sing N N 38  
ASN N   CA   sing N N 39  
ASN N   H    sing N N 40  
ASN N   H2   sing N N 41  
ASN CA  C    sing N N 42  
ASN CA  CB   sing N N 43  
ASN CA  HA   sing N N 44  
ASN C   O    doub N N 45  
ASN C   OXT  sing N N 46  
ASN CB  CG   sing N N 47  
ASN CB  HB2  sing N N 48  
ASN CB  HB3  sing N N 49  
ASN CG  OD1  doub N N 50  
ASN CG  ND2  sing N N 51  
ASN ND2 HD21 sing N N 52  
ASN ND2 HD22 sing N N 53  
ASN OXT HXT  sing N N 54  
ASP N   CA   sing N N 55  
ASP N   H    sing N N 56  
ASP N   H2   sing N N 57  
ASP CA  C    sing N N 58  
ASP CA  CB   sing N N 59  
ASP CA  HA   sing N N 60  
ASP C   O    doub N N 61  
ASP C   OXT  sing N N 62  
ASP CB  CG   sing N N 63  
ASP CB  HB2  sing N N 64  
ASP CB  HB3  sing N N 65  
ASP CG  OD1  doub N N 66  
ASP CG  OD2  sing N N 67  
ASP OD2 HD2  sing N N 68  
ASP OXT HXT  sing N N 69  
GLN N   CA   sing N N 70  
GLN N   H    sing N N 71  
GLN N   H2   sing N N 72  
GLN CA  C    sing N N 73  
GLN CA  CB   sing N N 74  
GLN CA  HA   sing N N 75  
GLN C   O    doub N N 76  
GLN C   OXT  sing N N 77  
GLN CB  CG   sing N N 78  
GLN CB  HB2  sing N N 79  
GLN CB  HB3  sing N N 80  
GLN CG  CD   sing N N 81  
GLN CG  HG2  sing N N 82  
GLN CG  HG3  sing N N 83  
GLN CD  OE1  doub N N 84  
GLN CD  NE2  sing N N 85  
GLN NE2 HE21 sing N N 86  
GLN NE2 HE22 sing N N 87  
GLN OXT HXT  sing N N 88  
GLU N   CA   sing N N 89  
GLU N   H    sing N N 90  
GLU N   H2   sing N N 91  
GLU CA  C    sing N N 92  
GLU CA  CB   sing N N 93  
GLU CA  HA   sing N N 94  
GLU C   O    doub N N 95  
GLU C   OXT  sing N N 96  
GLU CB  CG   sing N N 97  
GLU CB  HB2  sing N N 98  
GLU CB  HB3  sing N N 99  
GLU CG  CD   sing N N 100 
GLU CG  HG2  sing N N 101 
GLU CG  HG3  sing N N 102 
GLU CD  OE1  doub N N 103 
GLU CD  OE2  sing N N 104 
GLU OE2 HE2  sing N N 105 
GLU OXT HXT  sing N N 106 
GLY N   CA   sing N N 107 
GLY N   H    sing N N 108 
GLY N   H2   sing N N 109 
GLY CA  C    sing N N 110 
GLY CA  HA2  sing N N 111 
GLY CA  HA3  sing N N 112 
GLY C   O    doub N N 113 
GLY C   OXT  sing N N 114 
GLY OXT HXT  sing N N 115 
HIS N   CA   sing N N 116 
HIS N   H    sing N N 117 
HIS N   H2   sing N N 118 
HIS CA  C    sing N N 119 
HIS CA  CB   sing N N 120 
HIS CA  HA   sing N N 121 
HIS C   O    doub N N 122 
HIS C   OXT  sing N N 123 
HIS CB  CG   sing N N 124 
HIS CB  HB2  sing N N 125 
HIS CB  HB3  sing N N 126 
HIS CG  ND1  sing Y N 127 
HIS CG  CD2  doub Y N 128 
HIS ND1 CE1  doub Y N 129 
HIS ND1 HD1  sing N N 130 
HIS CD2 NE2  sing Y N 131 
HIS CD2 HD2  sing N N 132 
HIS CE1 NE2  sing Y N 133 
HIS CE1 HE1  sing N N 134 
HIS NE2 HE2  sing N N 135 
HIS OXT HXT  sing N N 136 
HOH O   H1   sing N N 137 
HOH O   H2   sing N N 138 
ILE N   CA   sing N N 139 
ILE N   H    sing N N 140 
ILE N   H2   sing N N 141 
ILE CA  C    sing N N 142 
ILE CA  CB   sing N N 143 
ILE CA  HA   sing N N 144 
ILE C   O    doub N N 145 
ILE C   OXT  sing N N 146 
ILE CB  CG1  sing N N 147 
ILE CB  CG2  sing N N 148 
ILE CB  HB   sing N N 149 
ILE CG1 CD1  sing N N 150 
ILE CG1 HG12 sing N N 151 
ILE CG1 HG13 sing N N 152 
ILE CG2 HG21 sing N N 153 
ILE CG2 HG22 sing N N 154 
ILE CG2 HG23 sing N N 155 
ILE CD1 HD11 sing N N 156 
ILE CD1 HD12 sing N N 157 
ILE CD1 HD13 sing N N 158 
ILE OXT HXT  sing N N 159 
LEU N   CA   sing N N 160 
LEU N   H    sing N N 161 
LEU N   H2   sing N N 162 
LEU CA  C    sing N N 163 
LEU CA  CB   sing N N 164 
LEU CA  HA   sing N N 165 
LEU C   O    doub N N 166 
LEU C   OXT  sing N N 167 
LEU CB  CG   sing N N 168 
LEU CB  HB2  sing N N 169 
LEU CB  HB3  sing N N 170 
LEU CG  CD1  sing N N 171 
LEU CG  CD2  sing N N 172 
LEU CG  HG   sing N N 173 
LEU CD1 HD11 sing N N 174 
LEU CD1 HD12 sing N N 175 
LEU CD1 HD13 sing N N 176 
LEU CD2 HD21 sing N N 177 
LEU CD2 HD22 sing N N 178 
LEU CD2 HD23 sing N N 179 
LEU OXT HXT  sing N N 180 
LYS N   CA   sing N N 181 
LYS N   H    sing N N 182 
LYS N   H2   sing N N 183 
LYS CA  C    sing N N 184 
LYS CA  CB   sing N N 185 
LYS CA  HA   sing N N 186 
LYS C   O    doub N N 187 
LYS C   OXT  sing N N 188 
LYS CB  CG   sing N N 189 
LYS CB  HB2  sing N N 190 
LYS CB  HB3  sing N N 191 
LYS CG  CD   sing N N 192 
LYS CG  HG2  sing N N 193 
LYS CG  HG3  sing N N 194 
LYS CD  CE   sing N N 195 
LYS CD  HD2  sing N N 196 
LYS CD  HD3  sing N N 197 
LYS CE  NZ   sing N N 198 
LYS CE  HE2  sing N N 199 
LYS CE  HE3  sing N N 200 
LYS NZ  HZ1  sing N N 201 
LYS NZ  HZ2  sing N N 202 
LYS NZ  HZ3  sing N N 203 
LYS OXT HXT  sing N N 204 
MET N   CA   sing N N 205 
MET N   H    sing N N 206 
MET N   H2   sing N N 207 
MET CA  C    sing N N 208 
MET CA  CB   sing N N 209 
MET CA  HA   sing N N 210 
MET C   O    doub N N 211 
MET C   OXT  sing N N 212 
MET CB  CG   sing N N 213 
MET CB  HB2  sing N N 214 
MET CB  HB3  sing N N 215 
MET CG  SD   sing N N 216 
MET CG  HG2  sing N N 217 
MET CG  HG3  sing N N 218 
MET SD  CE   sing N N 219 
MET CE  HE1  sing N N 220 
MET CE  HE2  sing N N 221 
MET CE  HE3  sing N N 222 
MET OXT HXT  sing N N 223 
NDP PA  O1A  doub N N 224 
NDP PA  O2A  sing N N 225 
NDP PA  O5B  sing N N 226 
NDP PA  O3   sing N N 227 
NDP O2A HOA2 sing N N 228 
NDP O5B C5B  sing N N 229 
NDP C5B C4B  sing N N 230 
NDP C5B H51A sing N N 231 
NDP C5B H52A sing N N 232 
NDP C4B O4B  sing N N 233 
NDP C4B C3B  sing N N 234 
NDP C4B H4B  sing N N 235 
NDP O4B C1B  sing N N 236 
NDP C3B O3B  sing N N 237 
NDP C3B C2B  sing N N 238 
NDP C3B H3B  sing N N 239 
NDP O3B HO3A sing N N 240 
NDP C2B O2B  sing N N 241 
NDP C2B C1B  sing N N 242 
NDP C2B H2B  sing N N 243 
NDP O2B P2B  sing N N 244 
NDP C1B N9A  sing N N 245 
NDP C1B H1B  sing N N 246 
NDP N9A C8A  sing Y N 247 
NDP N9A C4A  sing Y N 248 
NDP C8A N7A  doub Y N 249 
NDP C8A H8A  sing N N 250 
NDP N7A C5A  sing Y N 251 
NDP C5A C6A  sing Y N 252 
NDP C5A C4A  doub Y N 253 
NDP C6A N6A  sing N N 254 
NDP C6A N1A  doub Y N 255 
NDP N6A H61A sing N N 256 
NDP N6A H62A sing N N 257 
NDP N1A C2A  sing Y N 258 
NDP C2A N3A  doub Y N 259 
NDP C2A H2A  sing N N 260 
NDP N3A C4A  sing Y N 261 
NDP O3  PN   sing N N 262 
NDP PN  O1N  doub N N 263 
NDP PN  O2N  sing N N 264 
NDP PN  O5D  sing N N 265 
NDP O2N H21N sing N N 266 
NDP O5D C5D  sing N N 267 
NDP C5D C4D  sing N N 268 
NDP C5D H51N sing N N 269 
NDP C5D H52N sing N N 270 
NDP C4D O4D  sing N N 271 
NDP C4D C3D  sing N N 272 
NDP C4D H4D  sing N N 273 
NDP O4D C1D  sing N N 274 
NDP C3D O3D  sing N N 275 
NDP C3D C2D  sing N N 276 
NDP C3D H3D  sing N N 277 
NDP O3D HO3N sing N N 278 
NDP C2D O2D  sing N N 279 
NDP C2D C1D  sing N N 280 
NDP C2D H2D  sing N N 281 
NDP O2D HO2N sing N N 282 
NDP C1D N1N  sing N N 283 
NDP C1D H1D  sing N N 284 
NDP N1N C2N  sing N N 285 
NDP N1N C6N  sing N N 286 
NDP C2N C3N  doub N N 287 
NDP C2N H2N  sing N N 288 
NDP C3N C7N  sing N N 289 
NDP C3N C4N  sing N N 290 
NDP C7N O7N  doub N N 291 
NDP C7N N7N  sing N N 292 
NDP N7N H71N sing N N 293 
NDP N7N H72N sing N N 294 
NDP C4N C5N  sing N N 295 
NDP C4N H41N sing N N 296 
NDP C4N H42N sing N N 297 
NDP C5N C6N  doub N N 298 
NDP C5N H5N  sing N N 299 
NDP C6N H6N  sing N N 300 
NDP P2B O1X  doub N N 301 
NDP P2B O2X  sing N N 302 
NDP P2B O3X  sing N N 303 
NDP O2X HOP2 sing N N 304 
NDP O3X HOP3 sing N N 305 
PHE N   CA   sing N N 306 
PHE N   H    sing N N 307 
PHE N   H2   sing N N 308 
PHE CA  C    sing N N 309 
PHE CA  CB   sing N N 310 
PHE CA  HA   sing N N 311 
PHE C   O    doub N N 312 
PHE C   OXT  sing N N 313 
PHE CB  CG   sing N N 314 
PHE CB  HB2  sing N N 315 
PHE CB  HB3  sing N N 316 
PHE CG  CD1  doub Y N 317 
PHE CG  CD2  sing Y N 318 
PHE CD1 CE1  sing Y N 319 
PHE CD1 HD1  sing N N 320 
PHE CD2 CE2  doub Y N 321 
PHE CD2 HD2  sing N N 322 
PHE CE1 CZ   doub Y N 323 
PHE CE1 HE1  sing N N 324 
PHE CE2 CZ   sing Y N 325 
PHE CE2 HE2  sing N N 326 
PHE CZ  HZ   sing N N 327 
PHE OXT HXT  sing N N 328 
PRO N   CA   sing N N 329 
PRO N   CD   sing N N 330 
PRO N   H    sing N N 331 
PRO CA  C    sing N N 332 
PRO CA  CB   sing N N 333 
PRO CA  HA   sing N N 334 
PRO C   O    doub N N 335 
PRO C   OXT  sing N N 336 
PRO CB  CG   sing N N 337 
PRO CB  HB2  sing N N 338 
PRO CB  HB3  sing N N 339 
PRO CG  CD   sing N N 340 
PRO CG  HG2  sing N N 341 
PRO CG  HG3  sing N N 342 
PRO CD  HD2  sing N N 343 
PRO CD  HD3  sing N N 344 
PRO OXT HXT  sing N N 345 
SER N   CA   sing N N 346 
SER N   H    sing N N 347 
SER N   H2   sing N N 348 
SER CA  C    sing N N 349 
SER CA  CB   sing N N 350 
SER CA  HA   sing N N 351 
SER C   O    doub N N 352 
SER C   OXT  sing N N 353 
SER CB  OG   sing N N 354 
SER CB  HB2  sing N N 355 
SER CB  HB3  sing N N 356 
SER OG  HG   sing N N 357 
SER OXT HXT  sing N N 358 
THR N   CA   sing N N 359 
THR N   H    sing N N 360 
THR N   H2   sing N N 361 
THR CA  C    sing N N 362 
THR CA  CB   sing N N 363 
THR CA  HA   sing N N 364 
THR C   O    doub N N 365 
THR C   OXT  sing N N 366 
THR CB  OG1  sing N N 367 
THR CB  CG2  sing N N 368 
THR CB  HB   sing N N 369 
THR OG1 HG1  sing N N 370 
THR CG2 HG21 sing N N 371 
THR CG2 HG22 sing N N 372 
THR CG2 HG23 sing N N 373 
THR OXT HXT  sing N N 374 
TOP C1  N2   doub Y N 375 
TOP C1  C8   sing Y N 376 
TOP C1  H1   sing N N 377 
TOP N2  C3   sing Y N 378 
TOP C3  N4   sing N N 379 
TOP C3  N5   doub Y N 380 
TOP N4  HN41 sing N N 381 
TOP N4  HN42 sing N N 382 
TOP N5  C6   sing Y N 383 
TOP C6  N7   sing N N 384 
TOP C6  C8   doub Y N 385 
TOP N7  HN71 sing N N 386 
TOP N7  HN72 sing N N 387 
TOP C8  C9   sing N N 388 
TOP C9  C10  sing N N 389 
TOP C9  H91  sing N N 390 
TOP C9  H92  sing N N 391 
TOP C10 C11  doub Y N 392 
TOP C10 C21  sing Y N 393 
TOP C11 C12  sing Y N 394 
TOP C11 H11  sing N N 395 
TOP C12 O13  sing N N 396 
TOP C12 C15  doub Y N 397 
TOP O13 C14  sing N N 398 
TOP C14 H141 sing N N 399 
TOP C14 H142 sing N N 400 
TOP C14 H143 sing N N 401 
TOP C15 O16  sing N N 402 
TOP C15 C18  sing Y N 403 
TOP O16 C17  sing N N 404 
TOP C17 H171 sing N N 405 
TOP C17 H172 sing N N 406 
TOP C17 H173 sing N N 407 
TOP C18 O19  sing N N 408 
TOP C18 C21  doub Y N 409 
TOP O19 C20  sing N N 410 
TOP C20 H201 sing N N 411 
TOP C20 H202 sing N N 412 
TOP C20 H203 sing N N 413 
TOP C21 H21  sing N N 414 
TRP N   CA   sing N N 415 
TRP N   H    sing N N 416 
TRP N   H2   sing N N 417 
TRP CA  C    sing N N 418 
TRP CA  CB   sing N N 419 
TRP CA  HA   sing N N 420 
TRP C   O    doub N N 421 
TRP C   OXT  sing N N 422 
TRP CB  CG   sing N N 423 
TRP CB  HB2  sing N N 424 
TRP CB  HB3  sing N N 425 
TRP CG  CD1  doub Y N 426 
TRP CG  CD2  sing Y N 427 
TRP CD1 NE1  sing Y N 428 
TRP CD1 HD1  sing N N 429 
TRP CD2 CE2  doub Y N 430 
TRP CD2 CE3  sing Y N 431 
TRP NE1 CE2  sing Y N 432 
TRP NE1 HE1  sing N N 433 
TRP CE2 CZ2  sing Y N 434 
TRP CE3 CZ3  doub Y N 435 
TRP CE3 HE3  sing N N 436 
TRP CZ2 CH2  doub Y N 437 
TRP CZ2 HZ2  sing N N 438 
TRP CZ3 CH2  sing Y N 439 
TRP CZ3 HZ3  sing N N 440 
TRP CH2 HH2  sing N N 441 
TRP OXT HXT  sing N N 442 
TYR N   CA   sing N N 443 
TYR N   H    sing N N 444 
TYR N   H2   sing N N 445 
TYR CA  C    sing N N 446 
TYR CA  CB   sing N N 447 
TYR CA  HA   sing N N 448 
TYR C   O    doub N N 449 
TYR C   OXT  sing N N 450 
TYR CB  CG   sing N N 451 
TYR CB  HB2  sing N N 452 
TYR CB  HB3  sing N N 453 
TYR CG  CD1  doub Y N 454 
TYR CG  CD2  sing Y N 455 
TYR CD1 CE1  sing Y N 456 
TYR CD1 HD1  sing N N 457 
TYR CD2 CE2  doub Y N 458 
TYR CD2 HD2  sing N N 459 
TYR CE1 CZ   doub Y N 460 
TYR CE1 HE1  sing N N 461 
TYR CE2 CZ   sing Y N 462 
TYR CE2 HE2  sing N N 463 
TYR CZ  OH   sing N N 464 
TYR OH  HH   sing N N 465 
TYR OXT HXT  sing N N 466 
VAL N   CA   sing N N 467 
VAL N   H    sing N N 468 
VAL N   H2   sing N N 469 
VAL CA  C    sing N N 470 
VAL CA  CB   sing N N 471 
VAL CA  HA   sing N N 472 
VAL C   O    doub N N 473 
VAL C   OXT  sing N N 474 
VAL CB  CG1  sing N N 475 
VAL CB  CG2  sing N N 476 
VAL CB  HB   sing N N 477 
VAL CG1 HG11 sing N N 478 
VAL CG1 HG12 sing N N 479 
VAL CG1 HG13 sing N N 480 
VAL CG2 HG21 sing N N 481 
VAL CG2 HG22 sing N N 482 
VAL CG2 HG23 sing N N 483 
VAL OXT HXT  sing N N 484 
# 
_atom_sites.entry_id                    2W9G 
_atom_sites.fract_transf_matrix[1][1]   0.01267884 
_atom_sites.fract_transf_matrix[1][2]   0.00569433 
_atom_sites.fract_transf_matrix[1][3]   0.00434876 
_atom_sites.fract_transf_matrix[2][1]   0.00380403 
_atom_sites.fract_transf_matrix[2][2]   -0.00057278 
_atom_sites.fract_transf_matrix[2][3]   0.01404676 
_atom_sites.fract_transf_matrix[3][1]   0.00422579 
_atom_sites.fract_transf_matrix[3][2]   -0.00827729 
_atom_sites.fract_transf_matrix[3][3]   -0.00148192 
_atom_sites.fract_transf_vector[1]      -0.229712 
_atom_sites.fract_transf_vector[2]      -0.402642 
_atom_sites.fract_transf_vector[3]      0.021350 
# 
loop_
_atom_type.symbol 
C 
N 
O 
P 
S 
# 
loop_
_atom_site.group_PDB 
_atom_site.id 
_atom_site.type_symbol 
_atom_site.label_atom_id 
_atom_site.label_alt_id 
_atom_site.label_comp_id 
_atom_site.label_asym_id 
_atom_site.label_entity_id 
_atom_site.label_seq_id 
_atom_site.pdbx_PDB_ins_code 
_atom_site.Cartn_x 
_atom_site.Cartn_y 
_atom_site.Cartn_z 
_atom_site.occupancy 
_atom_site.B_iso_or_equiv 
_atom_site.pdbx_formal_charge 
_atom_site.auth_seq_id 
_atom_site.auth_comp_id 
_atom_site.auth_asym_id 
_atom_site.auth_atom_id 
_atom_site.pdbx_PDB_model_num 
ATOM   1    N N   . THR A 1 2   ? -5.628  14.170  4.418   1.00 34.73 ? 1    THR A N   1 
ATOM   2    C CA  . THR A 1 2   ? -4.995  13.219  5.353   1.00 35.41 ? 1    THR A CA  1 
ATOM   3    C C   . THR A 1 2   ? -4.168  12.228  4.510   1.00 34.59 ? 1    THR A C   1 
ATOM   4    O O   . THR A 1 2   ? -4.593  11.775  3.445   1.00 36.71 ? 1    THR A O   1 
ATOM   5    C CB  . THR A 1 2   ? -6.025  12.600  6.350   1.00 35.88 ? 1    THR A CB  1 
ATOM   6    O OG1 . THR A 1 2   ? -5.859  11.177  6.496   1.00 41.34 ? 1    THR A OG1 1 
ATOM   7    C CG2 . THR A 1 2   ? -7.465  12.921  5.940   1.00 41.47 ? 1    THR A CG2 1 
ATOM   8    N N   . LEU A 1 3   ? -2.952  11.963  4.963   1.00 29.41 ? 2    LEU A N   1 
ATOM   9    C CA  . LEU A 1 3   ? -2.006  11.141  4.216   1.00 25.50 ? 2    LEU A CA  1 
ATOM   10   C C   . LEU A 1 3   ? -1.809  9.788   4.951   1.00 21.05 ? 2    LEU A C   1 
ATOM   11   O O   . LEU A 1 3   ? -1.414  9.782   6.124   1.00 19.23 ? 2    LEU A O   1 
ATOM   12   C CB  . LEU A 1 3   ? -0.694  11.930  4.121   1.00 22.70 ? 2    LEU A CB  1 
ATOM   13   C CG  . LEU A 1 3   ? 0.418   11.396  3.234   1.00 29.53 ? 2    LEU A CG  1 
ATOM   14   C CD1 . LEU A 1 3   ? 0.039   11.327  1.708   1.00 25.48 ? 2    LEU A CD1 1 
ATOM   15   C CD2 . LEU A 1 3   ? 1.621   12.297  3.479   1.00 32.35 ? 2    LEU A CD2 1 
ATOM   16   N N   . SER A 1 4   ? -2.143  8.678   4.292   1.00 18.49 ? 3    SER A N   1 
ATOM   17   C CA  . SER A 1 4   ? -2.130  7.330   4.921   1.00 20.17 ? 3    SER A CA  1 
ATOM   18   C C   . SER A 1 4   ? -1.255  6.352   4.105   1.00 22.55 ? 3    SER A C   1 
ATOM   19   O O   . SER A 1 4   ? -1.235  6.406   2.866   1.00 22.84 ? 3    SER A O   1 
ATOM   20   C CB  . SER A 1 4   ? -3.515  6.723   4.978   1.00 20.59 ? 3    SER A CB  1 
ATOM   21   O OG  . SER A 1 4   ? -4.440  7.606   5.591   1.00 24.30 ? 3    SER A OG  1 
ATOM   22   N N   . ILE A 1 5   ? -0.594  5.436   4.797   1.00 18.47 ? 4    ILE A N   1 
ATOM   23   C CA  . ILE A 1 5   ? -0.059  4.216   4.152   1.00 17.43 ? 4    ILE A CA  1 
ATOM   24   C C   . ILE A 1 5   ? -1.114  3.099   4.073   1.00 17.06 ? 4    ILE A C   1 
ATOM   25   O O   . ILE A 1 5   ? -1.972  2.944   4.955   1.00 17.22 ? 4    ILE A O   1 
ATOM   26   C CB  . ILE A 1 5   ? 1.290   3.738   4.851   1.00 16.48 ? 4    ILE A CB  1 
ATOM   27   C CG1 . ILE A 1 5   ? 2.495   4.532   4.292   1.00 17.79 ? 4    ILE A CG1 1 
ATOM   28   C CG2 . ILE A 1 5   ? 1.412   2.179   4.815   1.00 16.80 ? 4    ILE A CG2 1 
ATOM   29   C CD1 . ILE A 1 5   ? 3.794   4.359   5.016   1.00 11.77 ? 4    ILE A CD1 1 
ATOM   30   N N   . LEU A 1 6   ? -1.094  2.339   2.972   1.00 18.66 ? 5    LEU A N   1 
ATOM   31   C CA  . LEU A 1 6   ? -1.937  1.185   2.772   1.00 16.42 ? 5    LEU A CA  1 
ATOM   32   C C   . LEU A 1 6   ? -0.954  0.096   2.330   1.00 19.86 ? 5    LEU A C   1 
ATOM   33   O O   . LEU A 1 6   ? -0.325  0.287   1.314   1.00 15.13 ? 5    LEU A O   1 
ATOM   34   C CB  . LEU A 1 6   ? -2.942  1.453   1.607   1.00 17.51 ? 5    LEU A CB  1 
ATOM   35   C CG  . LEU A 1 6   ? -4.018  0.395   1.276   1.00 23.83 ? 5    LEU A CG  1 
ATOM   36   C CD1 . LEU A 1 6   ? -4.611  -0.271  2.554   1.00 21.80 ? 5    LEU A CD1 1 
ATOM   37   C CD2 . LEU A 1 6   ? -5.212  0.933   0.319   1.00 17.85 ? 5    LEU A CD2 1 
ATOM   38   N N   . VAL A 1 7   ? -0.836  -1.022  3.060   1.00 16.73 ? 6    VAL A N   1 
ATOM   39   C CA  . VAL A 1 7   ? 0.203   -2.051  2.777   1.00 17.46 ? 6    VAL A CA  1 
ATOM   40   C C   . VAL A 1 7   ? -0.293  -3.396  3.310   1.00 15.87 ? 6    VAL A C   1 
ATOM   41   O O   . VAL A 1 7   ? -1.039  -3.447  4.308   1.00 14.79 ? 6    VAL A O   1 
ATOM   42   C CB  . VAL A 1 7   ? 1.627   -1.700  3.466   1.00 14.69 ? 6    VAL A CB  1 
ATOM   43   C CG1 . VAL A 1 7   ? 1.484   -1.676  4.997   1.00 13.91 ? 6    VAL A CG1 1 
ATOM   44   C CG2 . VAL A 1 7   ? 2.700   -2.719  3.094   1.00 15.08 ? 6    VAL A CG2 1 
ATOM   45   N N   . ALA A 1 8   ? 0.122   -4.504  2.670   1.00 13.57 ? 7    ALA A N   1 
ATOM   46   C CA  . ALA A 1 8   ? 0.035   -5.829  3.281   1.00 12.19 ? 7    ALA A CA  1 
ATOM   47   C C   . ALA A 1 8   ? 1.462   -6.371  3.512   1.00 15.08 ? 7    ALA A C   1 
ATOM   48   O O   . ALA A 1 8   ? 2.292   -6.347  2.574   1.00 15.21 ? 7    ALA A O   1 
ATOM   49   C CB  . ALA A 1 8   ? -0.723  -6.791  2.368   1.00 14.11 ? 7    ALA A CB  1 
ATOM   50   N N   . HIS A 1 9   ? 1.778   -6.864  4.711   1.00 14.38 ? 8    HIS A N   1 
ATOM   51   C CA  . HIS A 1 9   ? 3.173   -7.358  4.904   1.00 13.21 ? 8    HIS A CA  1 
ATOM   52   C C   . HIS A 1 9   ? 3.102   -8.623  5.736   1.00 17.20 ? 8    HIS A C   1 
ATOM   53   O O   . HIS A 1 9   ? 2.160   -8.798  6.531   1.00 18.13 ? 8    HIS A O   1 
ATOM   54   C CB  . HIS A 1 9   ? 4.115   -6.264  5.475   1.00 15.13 ? 8    HIS A CB  1 
ATOM   55   C CG  . HIS A 1 9   ? 3.928   -5.947  6.959   1.00 10.90 ? 8    HIS A CG  1 
ATOM   56   N ND1 . HIS A 1 9   ? 4.108   -6.886  7.959   1.00 13.54 ? 8    HIS A ND1 1 
ATOM   57   C CD2 . HIS A 1 9   ? 3.694   -4.776  7.583   1.00 14.89 ? 8    HIS A CD2 1 
ATOM   58   C CE1 . HIS A 1 9   ? 3.947   -6.308  9.137   1.00 15.94 ? 8    HIS A CE1 1 
ATOM   59   N NE2 . HIS A 1 9   ? 3.680   -5.028  8.935   1.00 16.85 ? 8    HIS A NE2 1 
ATOM   60   N N   . ASP A 1 10  ? 4.030   -9.543  5.528   1.00 15.30 ? 9    ASP A N   1 
ATOM   61   C CA  . ASP A 1 10  ? 3.949   -10.784 6.273   1.00 11.34 ? 9    ASP A CA  1 
ATOM   62   C C   . ASP A 1 10  ? 4.652   -10.629 7.652   1.00 12.04 ? 9    ASP A C   1 
ATOM   63   O O   . ASP A 1 10  ? 4.961   -9.521  8.059   1.00 15.87 ? 9    ASP A O   1 
ATOM   64   C CB  . ASP A 1 10  ? 4.416   -11.994 5.429   1.00 13.72 ? 9    ASP A CB  1 
ATOM   65   C CG  . ASP A 1 10  ? 5.976   -12.127 5.374   1.00 12.75 ? 9    ASP A CG  1 
ATOM   66   O OD1 . ASP A 1 10  ? 6.703   -11.242 5.929   1.00 14.04 ? 9    ASP A OD1 1 
ATOM   67   O OD2 . ASP A 1 10  ? 6.428   -13.118 4.828   1.00 15.45 ? 9    ASP A OD2 1 
ATOM   68   N N   . LEU A 1 11  ? 4.836   -11.745 8.354   1.00 12.87 ? 10   LEU A N   1 
ATOM   69   C CA  . LEU A 1 11  ? 5.388   -11.779 9.736   1.00 16.18 ? 10   LEU A CA  1 
ATOM   70   C C   . LEU A 1 11  ? 6.820   -11.207 9.768   1.00 18.25 ? 10   LEU A C   1 
ATOM   71   O O   . LEU A 1 11  ? 7.295   -10.674 10.784  1.00 17.47 ? 10   LEU A O   1 
ATOM   72   C CB  . LEU A 1 11  ? 5.331   -13.213 10.246  1.00 14.13 ? 10   LEU A CB  1 
ATOM   73   C CG  . LEU A 1 11  ? 3.910   -13.683 10.578  1.00 16.37 ? 10   LEU A CG  1 
ATOM   74   C CD1 . LEU A 1 11  ? 3.884   -15.204 10.826  1.00 16.01 ? 10   LEU A CD1 1 
ATOM   75   C CD2 . LEU A 1 11  ? 3.309   -12.836 11.729  1.00 17.90 ? 10   LEU A CD2 1 
ATOM   76   N N   . GLN A 1 12  ? 7.501   -11.237 8.615   1.00 16.05 ? 11   GLN A N   1 
ATOM   77   C CA  . GLN A 1 12  ? 8.875   -10.684 8.557   1.00 15.95 ? 11   GLN A CA  1 
ATOM   78   C C   . GLN A 1 12  ? 8.991   -9.384  7.692   1.00 16.43 ? 11   GLN A C   1 
ATOM   79   O O   . GLN A 1 12  ? 10.095  -8.945  7.306   1.00 13.43 ? 11   GLN A O   1 
ATOM   80   C CB  . GLN A 1 12  ? 9.827   -11.786 8.070   1.00 16.36 ? 11   GLN A CB  1 
ATOM   81   C CG  . GLN A 1 12  ? 9.814   -12.966 9.051   1.00 20.77 ? 11   GLN A CG  1 
ATOM   82   C CD  . GLN A 1 12  ? 10.588  -14.127 8.544   1.00 33.48 ? 11   GLN A CD  1 
ATOM   83   O OE1 . GLN A 1 12  ? 10.489  -14.523 7.365   1.00 24.66 ? 11   GLN A OE1 1 
ATOM   84   N NE2 . GLN A 1 12  ? 11.381  -14.704 9.433   1.00 27.25 ? 11   GLN A NE2 1 
ATOM   85   N N   . ARG A 1 13  ? 7.836   -8.767  7.437   1.00 13.93 ? 12   ARG A N   1 
ATOM   86   C CA  . ARG A 1 13  ? 7.718   -7.520  6.695   1.00 11.61 ? 12   ARG A CA  1 
ATOM   87   C C   . ARG A 1 13  ? 7.919   -7.615  5.182   1.00 12.42 ? 12   ARG A C   1 
ATOM   88   O O   . ARG A 1 13  ? 8.031   -6.597  4.548   1.00 16.73 ? 12   ARG A O   1 
ATOM   89   C CB  . ARG A 1 13  ? 8.446   -6.357  7.306   1.00 14.10 ? 12   ARG A CB  1 
ATOM   90   C CG  . ARG A 1 13  ? 7.682   -5.751  8.519   1.00 16.39 ? 12   ARG A CG  1 
ATOM   91   C CD  . ARG A 1 13  ? 8.567   -4.697  9.181   1.00 19.43 ? 12   ARG A CD  1 
ATOM   92   N NE  . ARG A 1 13  ? 9.771   -5.317  9.718   1.00 19.42 ? 12   ARG A NE  1 
ATOM   93   C CZ  . ARG A 1 13  ? 10.965  -5.431  9.132   1.00 23.09 ? 12   ARG A CZ  1 
ATOM   94   N NH1 . ARG A 1 13  ? 11.268  -4.908  7.866   1.00 15.25 ? 12   ARG A NH1 1 
ATOM   95   N NH2 . ARG A 1 13  ? 11.856  -6.112  9.862   1.00 20.31 ? 12   ARG A NH2 1 
ATOM   96   N N   . VAL A 1 14  ? 7.850   -8.821  4.638   1.00 13.98 ? 13   VAL A N   1 
ATOM   97   C CA  . VAL A 1 14  ? 7.835   -9.040  3.197   1.00 13.79 ? 13   VAL A CA  1 
ATOM   98   C C   . VAL A 1 14  ? 6.589   -8.370  2.602   1.00 14.99 ? 13   VAL A C   1 
ATOM   99   O O   . VAL A 1 14  ? 5.489   -8.562  3.120   1.00 11.74 ? 13   VAL A O   1 
ATOM   100  C CB  . VAL A 1 14  ? 7.805   -10.518 2.821   1.00 17.22 ? 13   VAL A CB  1 
ATOM   101  C CG1 . VAL A 1 14  ? 7.507   -10.645 1.298   1.00 15.52 ? 13   VAL A CG1 1 
ATOM   102  C CG2 . VAL A 1 14  ? 9.155   -11.205 3.122   1.00 12.99 ? 13   VAL A CG2 1 
ATOM   103  N N   . ILE A 1 15  ? 6.771   -7.555  1.561   1.00 11.40 ? 14   ILE A N   1 
ATOM   104  C CA  . ILE A 1 15  ? 5.640   -7.064  0.739   1.00 11.37 ? 14   ILE A CA  1 
ATOM   105  C C   . ILE A 1 15  ? 5.495   -7.627  -0.721  1.00 18.39 ? 14   ILE A C   1 
ATOM   106  O O   . ILE A 1 15  ? 4.419   -7.539  -1.364  1.00 13.77 ? 14   ILE A O   1 
ATOM   107  C CB  . ILE A 1 15  ? 5.609   -5.568  0.745   1.00 11.05 ? 14   ILE A CB  1 
ATOM   108  C CG1 . ILE A 1 15  ? 6.826   -4.956  0.024   1.00 12.01 ? 14   ILE A CG1 1 
ATOM   109  C CG2 . ILE A 1 15  ? 5.486   -5.027  2.231   1.00 12.33 ? 14   ILE A CG2 1 
ATOM   110  C CD1 . ILE A 1 15  ? 6.691   -3.439  -0.229  1.00 15.67 ? 14   ILE A CD1 1 
ATOM   111  N N   . GLY A 1 16  ? 6.557   -8.232  -1.254  1.00 16.21 ? 15   GLY A N   1 
ATOM   112  C CA  . GLY A 1 16  ? 6.658   -8.320  -2.707  1.00 17.52 ? 15   GLY A CA  1 
ATOM   113  C C   . GLY A 1 16  ? 7.670   -9.382  -3.038  1.00 18.55 ? 15   GLY A C   1 
ATOM   114  O O   . GLY A 1 16  ? 8.646   -9.568  -2.272  1.00 14.83 ? 15   GLY A O   1 
ATOM   115  N N   . PHE A 1 17  ? 7.421   -10.090 -4.148  1.00 16.61 ? 16   PHE A N   1 
ATOM   116  C CA  . PHE A 1 17  ? 8.428   -10.968 -4.760  1.00 15.45 ? 16   PHE A CA  1 
ATOM   117  C C   . PHE A 1 17  ? 8.272   -10.940 -6.272  1.00 15.39 ? 16   PHE A C   1 
ATOM   118  O O   . PHE A 1 17  ? 7.184   -11.143 -6.792  1.00 15.54 ? 16   PHE A O   1 
ATOM   119  C CB  . PHE A 1 17  ? 8.284   -12.403 -4.250  1.00 14.27 ? 16   PHE A CB  1 
ATOM   120  C CG  . PHE A 1 17  ? 9.331   -13.364 -4.788  1.00 15.82 ? 16   PHE A CG  1 
ATOM   121  C CD1 . PHE A 1 17  ? 10.662  -13.279 -4.375  1.00 14.16 ? 16   PHE A CD1 1 
ATOM   122  C CD2 . PHE A 1 17  ? 8.970   -14.346 -5.718  1.00 18.41 ? 16   PHE A CD2 1 
ATOM   123  C CE1 . PHE A 1 17  ? 11.619  -14.198 -4.895  1.00 19.93 ? 16   PHE A CE1 1 
ATOM   124  C CE2 . PHE A 1 17  ? 9.921   -15.262 -6.242  1.00 20.25 ? 16   PHE A CE2 1 
ATOM   125  C CZ  . PHE A 1 17  ? 11.247  -15.190 -5.816  1.00 19.65 ? 16   PHE A CZ  1 
ATOM   126  N N   . GLU A 1 18  ? 9.392   -10.688 -6.944  1.00 18.25 ? 17   GLU A N   1 
ATOM   127  C CA  . GLU A 1 18  ? 9.468   -10.570 -8.421  1.00 14.99 ? 17   GLU A CA  1 
ATOM   128  C C   . GLU A 1 18  ? 8.355   -9.668  -8.953  1.00 17.77 ? 17   GLU A C   1 
ATOM   129  O O   . GLU A 1 18  ? 7.627   -10.065 -9.839  1.00 15.00 ? 17   GLU A O   1 
ATOM   130  C CB  . GLU A 1 18  ? 9.412   -11.963 -9.039  1.00 16.17 ? 17   GLU A CB  1 
ATOM   131  C CG  . GLU A 1 18  ? 10.720  -12.714 -8.667  1.00 18.96 ? 17   GLU A CG  1 
ATOM   132  C CD  . GLU A 1 18  ? 10.848  -14.066 -9.294  1.00 24.28 ? 17   GLU A CD  1 
ATOM   133  O OE1 . GLU A 1 18  ? 9.832   -14.683 -9.625  1.00 25.09 ? 17   GLU A OE1 1 
ATOM   134  O OE2 . GLU A 1 18  ? 12.003  -14.532 -9.426  1.00 27.14 ? 17   GLU A OE2 1 
ATOM   135  N N   . ASN A 1 19  ? 8.232   -8.478  -8.354  1.00 16.93 ? 18   ASN A N   1 
ATOM   136  C CA  . ASN A 1 19  ? 7.312   -7.404  -8.784  1.00 21.22 ? 18   ASN A CA  1 
ATOM   137  C C   . ASN A 1 19  ? 5.843   -7.770  -8.744  1.00 18.74 ? 18   ASN A C   1 
ATOM   138  O O   . ASN A 1 19  ? 5.044   -7.231  -9.510  1.00 20.16 ? 18   ASN A O   1 
ATOM   139  C CB  . ASN A 1 19  ? 7.703   -6.888  -10.195 1.00 21.01 ? 18   ASN A CB  1 
ATOM   140  C CG  . ASN A 1 19  ? 8.948   -6.068  -10.170 1.00 28.23 ? 18   ASN A CG  1 
ATOM   141  O OD1 . ASN A 1 19  ? 9.800   -6.210  -11.045 1.00 39.05 ? 18   ASN A OD1 1 
ATOM   142  N ND2 . ASN A 1 19  ? 9.097   -5.222  -9.150  1.00 22.38 ? 18   ASN A ND2 1 
ATOM   143  N N   . GLN A 1 20  ? 5.502   -8.711  -7.873  1.00 20.44 ? 19   GLN A N   1 
ATOM   144  C CA  . GLN A 1 20  ? 4.145   -9.179  -7.591  1.00 22.25 ? 19   GLN A CA  1 
ATOM   145  C C   . GLN A 1 20  ? 3.926   -9.406  -6.079  1.00 19.33 ? 19   GLN A C   1 
ATOM   146  O O   . GLN A 1 20  ? 4.898   -9.533  -5.326  1.00 15.29 ? 19   GLN A O   1 
ATOM   147  C CB  . GLN A 1 20  ? 3.951   -10.530 -8.226  1.00 23.02 ? 19   GLN A CB  1 
ATOM   148  C CG  . GLN A 1 20  ? 4.087   -10.480 -9.720  1.00 27.37 ? 19   GLN A CG  1 
ATOM   149  C CD  . GLN A 1 20  ? 3.531   -11.721 -10.313 1.00 37.94 ? 19   GLN A CD  1 
ATOM   150  O OE1 . GLN A 1 20  ? 4.275   -12.576 -10.793 1.00 43.87 ? 19   GLN A OE1 1 
ATOM   151  N NE2 . GLN A 1 20  ? 2.205   -11.863 -10.252 1.00 39.45 ? 19   GLN A NE2 1 
ATOM   152  N N   . LEU A 1 21  ? 2.663   -9.605  -5.678  1.00 15.58 ? 20   LEU A N   1 
ATOM   153  C CA  . LEU A 1 21  ? 2.367   -9.863  -4.222  1.00 14.26 ? 20   LEU A CA  1 
ATOM   154  C C   . LEU A 1 21  ? 2.744   -11.309 -4.028  1.00 15.68 ? 20   LEU A C   1 
ATOM   155  O O   . LEU A 1 21  ? 2.528   -12.108 -4.955  1.00 17.36 ? 20   LEU A O   1 
ATOM   156  C CB  . LEU A 1 21  ? 0.847   -9.686  -3.941  1.00 14.67 ? 20   LEU A CB  1 
ATOM   157  C CG  . LEU A 1 21  ? 0.265   -8.286  -4.120  1.00 17.51 ? 20   LEU A CG  1 
ATOM   158  C CD1 . LEU A 1 21  ? -1.300  -8.288  -3.826  1.00 13.01 ? 20   LEU A CD1 1 
ATOM   159  C CD2 . LEU A 1 21  ? 0.943   -7.406  -3.112  1.00 19.01 ? 20   LEU A CD2 1 
ATOM   160  N N   . PRO A 1 22  ? 3.394   -11.674 -2.895  1.00 18.00 ? 21   PRO A N   1 
ATOM   161  C CA  . PRO A 1 22  ? 3.675   -13.107 -2.674  1.00 16.01 ? 21   PRO A CA  1 
ATOM   162  C C   . PRO A 1 22  ? 2.557   -14.045 -2.393  1.00 15.97 ? 21   PRO A C   1 
ATOM   163  O O   . PRO A 1 22  ? 2.760   -15.275 -2.409  1.00 17.86 ? 21   PRO A O   1 
ATOM   164  C CB  . PRO A 1 22  ? 4.707   -13.097 -1.503  1.00 17.80 ? 21   PRO A CB  1 
ATOM   165  C CG  . PRO A 1 22  ? 5.194   -11.653 -1.421  1.00 18.67 ? 21   PRO A CG  1 
ATOM   166  C CD  . PRO A 1 22  ? 4.026   -10.833 -1.851  1.00 17.41 ? 21   PRO A CD  1 
ATOM   167  N N   . TRP A 1 23  ? 1.362   -13.533 -2.090  1.00 16.13 ? 22   TRP A N   1 
ATOM   168  C CA  . TRP A 1 23  ? 0.256   -14.377 -1.652  1.00 14.43 ? 22   TRP A CA  1 
ATOM   169  C C   . TRP A 1 23  ? -0.945  -14.120 -2.569  1.00 16.31 ? 22   TRP A C   1 
ATOM   170  O O   . TRP A 1 23  ? -1.072  -13.040 -3.111  1.00 16.82 ? 22   TRP A O   1 
ATOM   171  C CB  . TRP A 1 23  ? -0.218  -13.969 -0.203  1.00 15.76 ? 22   TRP A CB  1 
ATOM   172  C CG  . TRP A 1 23  ? -0.114  -12.446 0.038   1.00 12.67 ? 22   TRP A CG  1 
ATOM   173  C CD1 . TRP A 1 23  ? -1.030  -11.489 -0.305  1.00 14.76 ? 22   TRP A CD1 1 
ATOM   174  C CD2 . TRP A 1 23  ? 0.987   -11.743 0.637   1.00 14.96 ? 22   TRP A CD2 1 
ATOM   175  N NE1 . TRP A 1 23  ? -0.555  -10.259 -0.005  1.00 15.10 ? 22   TRP A NE1 1 
ATOM   176  C CE2 . TRP A 1 23  ? 0.672   -10.379 0.602   1.00 15.46 ? 22   TRP A CE2 1 
ATOM   177  C CE3 . TRP A 1 23  ? 2.221   -12.153 1.201   1.00 12.54 ? 22   TRP A CE3 1 
ATOM   178  C CZ2 . TRP A 1 23  ? 1.538   -9.401  1.089   1.00 16.38 ? 22   TRP A CZ2 1 
ATOM   179  C CZ3 . TRP A 1 23  ? 3.050   -11.214 1.711   1.00 8.90  ? 22   TRP A CZ3 1 
ATOM   180  C CH2 . TRP A 1 23  ? 2.735   -9.843  1.640   1.00 16.04 ? 22   TRP A CH2 1 
ATOM   181  N N   . HIS A 1 24  ? -1.856  -15.091 -2.613  1.00 19.16 ? 23   HIS A N   1 
ATOM   182  C CA  . HIS A 1 24  ? -3.178  -14.883 -3.220  1.00 23.36 ? 23   HIS A CA  1 
ATOM   183  C C   . HIS A 1 24  ? -4.175  -14.686 -2.074  1.00 19.23 ? 23   HIS A C   1 
ATOM   184  O O   . HIS A 1 24  ? -4.529  -15.634 -1.388  1.00 20.09 ? 23   HIS A O   1 
ATOM   185  C CB  . HIS A 1 24  ? -3.579  -16.078 -4.112  1.00 21.73 ? 23   HIS A CB  1 
ATOM   186  C CG  . HIS A 1 24  ? -4.973  -15.965 -4.680  1.00 34.03 ? 23   HIS A CG  1 
ATOM   187  N ND1 . HIS A 1 24  ? -5.331  -15.002 -5.612  1.00 32.51 ? 23   HIS A ND1 1 
ATOM   188  C CD2 . HIS A 1 24  ? -6.104  -16.687 -4.437  1.00 37.44 ? 23   HIS A CD2 1 
ATOM   189  C CE1 . HIS A 1 24  ? -6.609  -15.152 -5.929  1.00 36.61 ? 23   HIS A CE1 1 
ATOM   190  N NE2 . HIS A 1 24  ? -7.102  -16.163 -5.228  1.00 34.68 ? 23   HIS A NE2 1 
ATOM   191  N N   . LEU A 1 25  ? -4.606  -13.439 -1.853  1.00 20.09 ? 24   LEU A N   1 
ATOM   192  C CA  . LEU A 1 25  ? -5.555  -13.184 -0.752  1.00 17.67 ? 24   LEU A CA  1 
ATOM   193  C C   . LEU A 1 25  ? -6.697  -12.256 -1.175  1.00 19.45 ? 24   LEU A C   1 
ATOM   194  O O   . LEU A 1 25  ? -6.612  -11.049 -0.943  1.00 18.58 ? 24   LEU A O   1 
ATOM   195  C CB  . LEU A 1 25  ? -4.822  -12.621 0.491   1.00 16.35 ? 24   LEU A CB  1 
ATOM   196  C CG  . LEU A 1 25  ? -5.586  -12.665 1.851   1.00 19.53 ? 24   LEU A CG  1 
ATOM   197  C CD1 . LEU A 1 25  ? -6.083  -14.059 2.193   1.00 15.54 ? 24   LEU A CD1 1 
ATOM   198  C CD2 . LEU A 1 25  ? -4.673  -12.150 2.954   1.00 18.54 ? 24   LEU A CD2 1 
ATOM   199  N N   . PRO A 1 26  ? -7.768  -12.816 -1.826  1.00 22.70 ? 25   PRO A N   1 
ATOM   200  C CA  . PRO A 1 26  ? -8.825  -11.921 -2.361  1.00 23.17 ? 25   PRO A CA  1 
ATOM   201  C C   . PRO A 1 26  ? -9.379  -10.954 -1.304  1.00 18.96 ? 25   PRO A C   1 
ATOM   202  O O   . PRO A 1 26  ? -9.617  -9.800  -1.604  1.00 22.46 ? 25   PRO A O   1 
ATOM   203  C CB  . PRO A 1 26  ? -9.916  -12.891 -2.833  1.00 21.11 ? 25   PRO A CB  1 
ATOM   204  C CG  . PRO A 1 26  ? -9.132  -14.123 -3.235  1.00 27.68 ? 25   PRO A CG  1 
ATOM   205  C CD  . PRO A 1 26  ? -8.043  -14.240 -2.117  1.00 20.09 ? 25   PRO A CD  1 
ATOM   206  N N   A ASN A 1 27  ? -9.565  -11.411 -0.074  0.50 20.49 ? 26   ASN A N   1 
ATOM   207  N N   B ASN A 1 27  ? -9.552  -11.435 -0.077  0.50 20.69 ? 26   ASN A N   1 
ATOM   208  C CA  A ASN A 1 27  ? -10.101 -10.522 0.972   0.50 20.37 ? 26   ASN A CA  1 
ATOM   209  C CA  B ASN A 1 27  ? -9.982  -10.577 1.043   0.50 21.35 ? 26   ASN A CA  1 
ATOM   210  C C   A ASN A 1 27  ? -9.248  -9.285  1.273   0.50 21.29 ? 26   ASN A C   1 
ATOM   211  C C   B ASN A 1 27  ? -9.251  -9.262  1.109   0.50 21.48 ? 26   ASN A C   1 
ATOM   212  O O   A ASN A 1 27  ? -9.772  -8.258  1.730   0.50 20.56 ? 26   ASN A O   1 
ATOM   213  O O   B ASN A 1 27  ? -9.837  -8.184  1.284   0.50 21.55 ? 26   ASN A O   1 
ATOM   214  C CB  A ASN A 1 27  ? -10.407 -11.291 2.272   0.50 20.81 ? 26   ASN A CB  1 
ATOM   215  C CB  B ASN A 1 27  ? -9.762  -11.286 2.383   0.50 20.94 ? 26   ASN A CB  1 
ATOM   216  C CG  A ASN A 1 27  ? -11.699 -12.133 2.188   0.50 17.81 ? 26   ASN A CG  1 
ATOM   217  C CG  B ASN A 1 27  ? -10.937 -11.106 3.313   0.50 23.08 ? 26   ASN A CG  1 
ATOM   218  O OD1 A ASN A 1 27  ? -11.973 -12.967 3.060   0.50 18.88 ? 26   ASN A OD1 1 
ATOM   219  O OD1 B ASN A 1 27  ? -12.066 -11.072 2.836   0.50 20.29 ? 26   ASN A OD1 1 
ATOM   220  N ND2 A ASN A 1 27  ? -12.465 -11.932 1.133   0.50 14.66 ? 26   ASN A ND2 1 
ATOM   221  N ND2 B ASN A 1 27  ? -10.693 -11.026 4.643   0.50 15.70 ? 26   ASN A ND2 1 
ATOM   222  N N   . ASP A 1 28  ? -7.938  -9.354  1.032   1.00 19.79 ? 27   ASP A N   1 
ATOM   223  C CA  . ASP A 1 28  ? -7.112  -8.176  1.247   1.00 18.56 ? 27   ASP A CA  1 
ATOM   224  C C   . ASP A 1 28  ? -7.363  -7.155  0.167   1.00 16.18 ? 27   ASP A C   1 
ATOM   225  O O   . ASP A 1 28  ? -7.376  -5.963  0.388   1.00 17.03 ? 27   ASP A O   1 
ATOM   226  C CB  . ASP A 1 28  ? -5.620  -8.553  1.273   1.00 18.39 ? 27   ASP A CB  1 
ATOM   227  C CG  . ASP A 1 28  ? -4.720  -7.322  1.408   1.00 28.84 ? 27   ASP A CG  1 
ATOM   228  O OD1 . ASP A 1 28  ? -4.799  -6.643  2.439   1.00 33.35 ? 27   ASP A OD1 1 
ATOM   229  O OD2 . ASP A 1 28  ? -3.977  -6.996  0.464   1.00 40.57 ? 27   ASP A OD2 1 
ATOM   230  N N   . LEU A 1 29  ? -7.517  -7.654  -1.045  1.00 19.73 ? 28   LEU A N   1 
ATOM   231  C CA  . LEU A 1 29  ? -7.716  -6.809  -2.168  1.00 19.87 ? 28   LEU A CA  1 
ATOM   232  C C   . LEU A 1 29  ? -9.140  -6.151  -2.074  1.00 18.87 ? 28   LEU A C   1 
ATOM   233  O O   . LEU A 1 29  ? -9.307  -5.005  -2.430  1.00 19.33 ? 28   LEU A O   1 
ATOM   234  C CB  . LEU A 1 29  ? -7.565  -7.680  -3.439  1.00 20.13 ? 28   LEU A CB  1 
ATOM   235  C CG  . LEU A 1 29  ? -6.141  -8.194  -3.765  1.00 23.14 ? 28   LEU A CG  1 
ATOM   236  C CD1 . LEU A 1 29  ? -6.084  -8.941  -5.099  1.00 29.15 ? 28   LEU A CD1 1 
ATOM   237  C CD2 . LEU A 1 29  ? -5.147  -7.021  -3.804  1.00 22.66 ? 28   LEU A CD2 1 
ATOM   238  N N   . LYS A 1 30  ? -10.131 -6.877  -1.575  1.00 20.12 ? 29   LYS A N   1 
ATOM   239  C CA  . LYS A 1 30  ? -11.457 -6.250  -1.266  1.00 24.33 ? 29   LYS A CA  1 
ATOM   240  C C   . LYS A 1 30  ? -11.350 -5.108  -0.228  1.00 24.33 ? 29   LYS A C   1 
ATOM   241  O O   . LYS A 1 30  ? -11.943 -4.051  -0.389  1.00 21.24 ? 29   LYS A O   1 
ATOM   242  C CB  . LYS A 1 30  ? -12.384 -7.304  -0.713  1.00 28.08 ? 29   LYS A CB  1 
ATOM   243  C CG  . LYS A 1 30  ? -12.747 -8.409  -1.672  1.00 38.80 ? 29   LYS A CG  1 
ATOM   244  C CD  . LYS A 1 30  ? -13.879 -9.253  -1.042  1.00 48.54 ? 29   LYS A CD  1 
ATOM   245  C CE  . LYS A 1 30  ? -14.797 -8.356  -0.200  1.00 53.06 ? 29   LYS A CE  1 
ATOM   246  N NZ  . LYS A 1 30  ? -15.204 -8.972  1.110   1.00 56.67 ? 29   LYS A NZ  1 
ATOM   247  N N   . HIS A 1 31  ? -10.547 -5.331  0.812   1.00 19.73 ? 30   HIS A N   1 
ATOM   248  C CA  . HIS A 1 31  ? -10.230 -4.330  1.816   1.00 23.87 ? 30   HIS A CA  1 
ATOM   249  C C   . HIS A 1 31  ? -9.623  -3.099  1.167   1.00 21.42 ? 30   HIS A C   1 
ATOM   250  O O   . HIS A 1 31  ? -10.006 -1.956  1.450   1.00 24.01 ? 30   HIS A O   1 
ATOM   251  C CB  . HIS A 1 31  ? -9.238  -5.000  2.814   1.00 22.32 ? 30   HIS A CB  1 
ATOM   252  C CG  . HIS A 1 31  ? -8.569  -4.055  3.751   1.00 28.14 ? 30   HIS A CG  1 
ATOM   253  N ND1 . HIS A 1 31  ? -9.197  -3.544  4.873   1.00 28.50 ? 30   HIS A ND1 1 
ATOM   254  C CD2 . HIS A 1 31  ? -7.300  -3.570  3.772   1.00 25.76 ? 30   HIS A CD2 1 
ATOM   255  C CE1 . HIS A 1 31  ? -8.357  -2.758  5.523   1.00 29.60 ? 30   HIS A CE1 1 
ATOM   256  N NE2 . HIS A 1 31  ? -7.198  -2.767  4.879   1.00 27.27 ? 30   HIS A NE2 1 
ATOM   257  N N   . VAL A 1 32  ? -8.647  -3.308  0.282   1.00 20.76 ? 31   VAL A N   1 
ATOM   258  C CA  . VAL A 1 32  ? -7.969  -2.209  -0.392  1.00 19.24 ? 31   VAL A CA  1 
ATOM   259  C C   . VAL A 1 32  ? -8.970  -1.400  -1.224  1.00 21.15 ? 31   VAL A C   1 
ATOM   260  O O   . VAL A 1 32  ? -8.904  -0.173  -1.258  1.00 23.42 ? 31   VAL A O   1 
ATOM   261  C CB  . VAL A 1 32  ? -6.897  -2.775  -1.401  1.00 15.61 ? 31   VAL A CB  1 
ATOM   262  C CG1 . VAL A 1 32  ? -6.481  -1.745  -2.380  1.00 22.23 ? 31   VAL A CG1 1 
ATOM   263  C CG2 . VAL A 1 32  ? -5.648  -3.233  -0.632  1.00 19.32 ? 31   VAL A CG2 1 
ATOM   264  N N   . LYS A 1 33  ? -9.829  -2.117  -1.947  1.00 21.54 ? 32   LYS A N   1 
ATOM   265  C CA  . LYS A 1 33  ? -10.883 -1.516  -2.762  1.00 22.76 ? 32   LYS A CA  1 
ATOM   266  C C   . LYS A 1 33  ? -11.811 -0.685  -1.908  1.00 23.48 ? 32   LYS A C   1 
ATOM   267  O O   . LYS A 1 33  ? -12.031 0.494   -2.190  1.00 25.69 ? 32   LYS A O   1 
ATOM   268  C CB  . LYS A 1 33  ? -11.672 -2.596  -3.474  1.00 23.21 ? 32   LYS A CB  1 
ATOM   269  C CG  . LYS A 1 33  ? -12.735 -2.008  -4.382  1.00 33.16 ? 32   LYS A CG  1 
ATOM   270  C CD  . LYS A 1 33  ? -13.493 -3.088  -5.078  1.00 35.57 ? 32   LYS A CD  1 
ATOM   271  C CE  . LYS A 1 33  ? -13.763 -2.636  -6.526  1.00 45.20 ? 32   LYS A CE  1 
ATOM   272  N NZ  . LYS A 1 33  ? -14.836 -3.462  -7.166  1.00 52.74 ? 32   LYS A NZ  1 
ATOM   273  N N   . LYS A 1 34  ? -12.359 -1.295  -0.863  1.00 26.18 ? 33   LYS A N   1 
ATOM   274  C CA  . LYS A 1 34  ? -13.191 -0.563  0.124   1.00 28.43 ? 33   LYS A CA  1 
ATOM   275  C C   . LYS A 1 34  ? -12.525 0.698   0.687   1.00 30.53 ? 33   LYS A C   1 
ATOM   276  O O   . LYS A 1 34  ? -13.104 1.817   0.648   1.00 26.74 ? 33   LYS A O   1 
ATOM   277  C CB  . LYS A 1 34  ? -13.603 -1.501  1.256   1.00 31.30 ? 33   LYS A CB  1 
ATOM   278  C CG  . LYS A 1 34  ? -15.074 -1.499  1.564   0.50 32.82 ? 33   LYS A CG  1 
ATOM   279  C CD  . LYS A 1 34  ? -15.317 -0.855  2.894   0.50 31.73 ? 33   LYS A CD  1 
ATOM   280  C CE  . LYS A 1 34  ? -16.787 -0.890  3.268   0.50 36.16 ? 33   LYS A CE  1 
ATOM   281  N NZ  . LYS A 1 34  ? -17.110 -2.192  3.898   0.50 29.64 ? 33   LYS A NZ  1 
ATOM   282  N N   . LEU A 1 35  ? -11.311 0.564   1.210   1.00 26.92 ? 34   LEU A N   1 
ATOM   283  C CA  . LEU A 1 35  ? -10.635 1.759   1.715   1.00 28.64 ? 34   LEU A CA  1 
ATOM   284  C C   . LEU A 1 35  ? -10.369 2.874   0.692   1.00 26.49 ? 34   LEU A C   1 
ATOM   285  O O   . LEU A 1 35  ? -10.555 4.046   1.010   1.00 28.56 ? 34   LEU A O   1 
ATOM   286  C CB  . LEU A 1 35  ? -9.314  1.410   2.423   1.00 27.40 ? 34   LEU A CB  1 
ATOM   287  C CG  . LEU A 1 35  ? -9.282  0.895   3.849   1.00 30.27 ? 34   LEU A CG  1 
ATOM   288  C CD1 . LEU A 1 35  ? -7.771  0.649   4.204   1.00 22.21 ? 34   LEU A CD1 1 
ATOM   289  C CD2 . LEU A 1 35  ? -9.914  1.919   4.794   1.00 33.70 ? 34   LEU A CD2 1 
ATOM   290  N N   . SER A 1 36  ? -9.867  2.553   -0.510  1.00 25.51 ? 35   SER A N   1 
ATOM   291  C CA  . SER A 1 36  ? -9.282  3.590   -1.352  1.00 23.86 ? 35   SER A CA  1 
ATOM   292  C C   . SER A 1 36  ? -10.218 4.110   -2.435  1.00 25.56 ? 35   SER A C   1 
ATOM   293  O O   . SER A 1 36  ? -9.880  5.085   -3.083  1.00 23.36 ? 35   SER A O   1 
ATOM   294  C CB  . SER A 1 36  ? -8.005  3.083   -2.096  1.00 26.29 ? 35   SER A CB  1 
ATOM   295  O OG  . SER A 1 36  ? -8.314  1.844   -2.744  1.00 20.29 ? 35   SER A OG  1 
ATOM   296  N N   . THR A 1 37  ? -11.319 3.422   -2.688  1.00 30.83 ? 36   THR A N   1 
ATOM   297  C CA  . THR A 1 37  ? -12.290 3.892   -3.696  1.00 32.89 ? 36   THR A CA  1 
ATOM   298  C C   . THR A 1 37  ? -12.713 5.321   -3.411  1.00 33.29 ? 36   THR A C   1 
ATOM   299  O O   . THR A 1 37  ? -13.052 5.677   -2.282  1.00 32.46 ? 36   THR A O   1 
ATOM   300  C CB  . THR A 1 37  ? -13.549 2.999   -3.810  1.00 35.30 ? 36   THR A CB  1 
ATOM   301  O OG1 . THR A 1 37  ? -13.158 1.647   -4.101  1.00 38.98 ? 36   THR A OG1 1 
ATOM   302  C CG2 . THR A 1 37  ? -14.429 3.492   -4.981  1.00 33.02 ? 36   THR A CG2 1 
ATOM   303  N N   . GLY A 1 38  ? -12.682 6.137   -4.458  1.00 30.01 ? 37   GLY A N   1 
ATOM   304  C CA  . GLY A 1 38  ? -13.109 7.494   -4.362  1.00 29.68 ? 37   GLY A CA  1 
ATOM   305  C C   . GLY A 1 38  ? -12.022 8.362   -3.806  1.00 30.11 ? 37   GLY A C   1 
ATOM   306  O O   . GLY A 1 38  ? -12.260 9.495   -3.566  1.00 27.11 ? 37   GLY A O   1 
ATOM   307  N N   . HIS A 1 39  ? -10.806 7.842   -3.613  1.00 29.03 ? 38   HIS A N   1 
ATOM   308  C CA  . HIS A 1 39  ? -9.720  8.666   -3.043  1.00 27.48 ? 38   HIS A CA  1 
ATOM   309  C C   . HIS A 1 39  ? -8.560  8.710   -4.009  1.00 27.41 ? 38   HIS A C   1 
ATOM   310  O O   . HIS A 1 39  ? -8.792  8.518   -5.199  1.00 30.63 ? 38   HIS A O   1 
ATOM   311  C CB  . HIS A 1 39  ? -9.360  8.239   -1.614  1.00 25.37 ? 38   HIS A CB  1 
ATOM   312  C CG  . HIS A 1 39  ? -10.485 8.473   -0.658  1.00 30.19 ? 38   HIS A CG  1 
ATOM   313  N ND1 . HIS A 1 39  ? -11.217 7.445   -0.101  1.00 32.72 ? 38   HIS A ND1 1 
ATOM   314  C CD2 . HIS A 1 39  ? -11.088 9.625   -0.265  1.00 22.56 ? 38   HIS A CD2 1 
ATOM   315  C CE1 . HIS A 1 39  ? -12.171 7.951   0.656   1.00 27.52 ? 38   HIS A CE1 1 
ATOM   316  N NE2 . HIS A 1 39  ? -12.124 9.269   0.563   1.00 26.76 ? 38   HIS A NE2 1 
ATOM   317  N N   . THR A 1 40  ? -7.363  9.020   -3.531  1.00 26.18 ? 39   THR A N   1 
ATOM   318  C CA  . THR A 1 40  ? -6.155  9.096   -4.365  1.00 26.32 ? 39   THR A CA  1 
ATOM   319  C C   . THR A 1 40  ? -5.112  8.040   -3.935  1.00 29.23 ? 39   THR A C   1 
ATOM   320  O O   . THR A 1 40  ? -4.939  7.780   -2.736  1.00 24.78 ? 39   THR A O   1 
ATOM   321  C CB  . THR A 1 40  ? -5.541  10.501  -4.252  1.00 28.31 ? 39   THR A CB  1 
ATOM   322  O OG1 . THR A 1 40  ? -6.512  11.476  -4.667  1.00 28.98 ? 39   THR A OG1 1 
ATOM   323  C CG2 . THR A 1 40  ? -4.259  10.645  -5.064  1.00 23.84 ? 39   THR A CG2 1 
ATOM   324  N N   . LEU A 1 41  ? -4.411  7.460   -4.926  1.00 28.79 ? 40   LEU A N   1 
ATOM   325  C CA  . LEU A 1 41  ? -3.311  6.511   -4.711  1.00 27.01 ? 40   LEU A CA  1 
ATOM   326  C C   . LEU A 1 41  ? -2.040  7.122   -5.276  1.00 28.64 ? 40   LEU A C   1 
ATOM   327  O O   . LEU A 1 41  ? -2.081  7.699   -6.355  1.00 27.28 ? 40   LEU A O   1 
ATOM   328  C CB  . LEU A 1 41  ? -3.628  5.188   -5.420  1.00 29.15 ? 40   LEU A CB  1 
ATOM   329  C CG  . LEU A 1 41  ? -4.885  4.404   -5.030  1.00 26.90 ? 40   LEU A CG  1 
ATOM   330  C CD1 . LEU A 1 41  ? -5.021  3.102   -5.833  1.00 32.48 ? 40   LEU A CD1 1 
ATOM   331  C CD2 . LEU A 1 41  ? -4.932  4.048   -3.536  1.00 20.03 ? 40   LEU A CD2 1 
ATOM   332  N N   . VAL A 1 42  ? -0.934  7.066   -4.520  1.00 24.36 ? 41   VAL A N   1 
ATOM   333  C CA  . VAL A 1 42  ? 0.392   7.402   -5.029  1.00 23.94 ? 41   VAL A CA  1 
ATOM   334  C C   . VAL A 1 42  ? 1.227   6.109   -4.930  1.00 25.63 ? 41   VAL A C   1 
ATOM   335  O O   . VAL A 1 42  ? 1.273   5.473   -3.863  1.00 18.70 ? 41   VAL A O   1 
ATOM   336  C CB  . VAL A 1 42  ? 1.093   8.501   -4.192  1.00 21.91 ? 41   VAL A CB  1 
ATOM   337  C CG1 . VAL A 1 42  ? 2.445   8.840   -4.843  1.00 23.77 ? 41   VAL A CG1 1 
ATOM   338  C CG2 . VAL A 1 42  ? 0.212   9.777   -4.033  1.00 21.36 ? 41   VAL A CG2 1 
ATOM   339  N N   . MET A 1 43  ? 1.811   5.686   -6.054  1.00 23.97 ? 42   MET A N   1 
ATOM   340  C CA  . MET A 1 43  ? 2.585   4.431   -6.131  1.00 25.09 ? 42   MET A CA  1 
ATOM   341  C C   . MET A 1 43  ? 3.838   4.689   -6.974  1.00 25.75 ? 42   MET A C   1 
ATOM   342  O O   . MET A 1 43  ? 3.833   5.567   -7.833  1.00 25.14 ? 42   MET A O   1 
ATOM   343  C CB  . MET A 1 43  ? 1.724   3.295   -6.730  1.00 25.49 ? 42   MET A CB  1 
ATOM   344  C CG  . MET A 1 43  ? 1.350   3.506   -8.210  1.00 25.80 ? 42   MET A CG  1 
ATOM   345  S SD  . MET A 1 43  ? 0.092   2.392   -8.785  1.00 26.46 ? 42   MET A SD  1 
ATOM   346  C CE  . MET A 1 43  ? -1.499  3.122   -8.241  1.00 20.60 ? 42   MET A CE  1 
ATOM   347  N N   . GLY A 1 44  ? 4.934   3.968   -6.722  1.00 24.51 ? 43   GLY A N   1 
ATOM   348  C CA  . GLY A 1 44  ? 6.099   4.153   -7.577  1.00 21.79 ? 43   GLY A CA  1 
ATOM   349  C C   . GLY A 1 44  ? 5.816   3.381   -8.869  1.00 20.59 ? 43   GLY A C   1 
ATOM   350  O O   . GLY A 1 44  ? 4.833   2.649   -8.975  1.00 20.68 ? 43   GLY A O   1 
ATOM   351  N N   . ARG A 1 45  ? 6.740   3.511   -9.812  1.00 25.93 ? 44   ARG A N   1 
ATOM   352  C CA  . ARG A 1 45  ? 6.590   3.014   -11.156 1.00 23.71 ? 44   ARG A CA  1 
ATOM   353  C C   . ARG A 1 45  ? 6.494   1.523   -11.237 1.00 21.92 ? 44   ARG A C   1 
ATOM   354  O O   . ARG A 1 45  ? 5.696   1.013   -11.990 1.00 20.60 ? 44   ARG A O   1 
ATOM   355  C CB  . ARG A 1 45  ? 7.732   3.530   -12.016 1.00 23.81 ? 44   ARG A CB  1 
ATOM   356  C CG  . ARG A 1 45  ? 7.539   3.211   -13.496 1.00 25.48 ? 44   ARG A CG  1 
ATOM   357  C CD  . ARG A 1 45  ? 8.318   1.935   -13.876 1.00 22.55 ? 44   ARG A CD  1 
ATOM   358  N NE  . ARG A 1 45  ? 9.709   2.095   -13.516 1.00 22.95 ? 44   ARG A NE  1 
ATOM   359  C CZ  . ARG A 1 45  ? 10.596  1.108   -13.552 1.00 25.65 ? 44   ARG A CZ  1 
ATOM   360  N NH1 . ARG A 1 45  ? 10.214  -0.090  -13.947 1.00 30.82 ? 44   ARG A NH1 1 
ATOM   361  N NH2 . ARG A 1 45  ? 11.844  1.327   -13.160 1.00 27.80 ? 44   ARG A NH2 1 
ATOM   362  N N   . LYS A 1 46  ? 7.241   0.785   -10.398 1.00 23.50 ? 45   LYS A N   1 
ATOM   363  C CA  . LYS A 1 46  ? 7.180   -0.651  -10.532 1.00 20.79 ? 45   LYS A CA  1 
ATOM   364  C C   . LYS A 1 46  ? 5.884   -1.216  -10.071 1.00 19.40 ? 45   LYS A C   1 
ATOM   365  O O   . LYS A 1 46  ? 5.398   -2.217  -10.615 1.00 18.90 ? 45   LYS A O   1 
ATOM   366  C CB  . LYS A 1 46  ? 8.362   -1.355  -9.810  1.00 22.23 ? 45   LYS A CB  1 
ATOM   367  C CG  . LYS A 1 46  ? 9.724   -0.858  -10.238 1.00 22.71 ? 45   LYS A CG  1 
ATOM   368  C CD  . LYS A 1 46  ? 10.831  -1.758  -9.698  1.00 24.01 ? 45   LYS A CD  1 
ATOM   369  C CE  . LYS A 1 46  ? 12.148  -1.208  -10.184 1.00 25.84 ? 45   LYS A CE  1 
ATOM   370  N NZ  . LYS A 1 46  ? 13.310  -1.728  -9.411  1.00 28.20 ? 45   LYS A NZ  1 
ATOM   371  N N   . THR A 1 47  ? 5.339   -0.643  -9.005  1.00 20.72 ? 46   THR A N   1 
ATOM   372  C CA  . THR A 1 47  ? 4.017   -1.073  -8.526  1.00 17.15 ? 46   THR A CA  1 
ATOM   373  C C   . THR A 1 47  ? 2.975   -0.825  -9.620  1.00 14.77 ? 46   THR A C   1 
ATOM   374  O O   . THR A 1 47  ? 2.103   -1.697  -9.887  1.00 17.28 ? 46   THR A O   1 
ATOM   375  C CB  . THR A 1 47  ? 3.624   -0.303  -7.228  1.00 17.78 ? 46   THR A CB  1 
ATOM   376  O OG1 . THR A 1 47  ? 4.489   -0.742  -6.163  1.00 18.44 ? 46   THR A OG1 1 
ATOM   377  C CG2 . THR A 1 47  ? 2.188   -0.611  -6.828  1.00 18.49 ? 46   THR A CG2 1 
ATOM   378  N N   . PHE A 1 48  ? 3.050   0.364   -10.245 1.00 18.78 ? 47   PHE A N   1 
ATOM   379  C CA  . PHE A 1 48  ? 2.114   0.634   -11.328 1.00 20.11 ? 47   PHE A CA  1 
ATOM   380  C C   . PHE A 1 48  ? 2.209   -0.424  -12.443 1.00 18.52 ? 47   PHE A C   1 
ATOM   381  O O   . PHE A 1 48  ? 1.207   -1.001  -12.895 1.00 20.43 ? 47   PHE A O   1 
ATOM   382  C CB  . PHE A 1 48  ? 2.251   2.034   -11.900 1.00 19.34 ? 47   PHE A CB  1 
ATOM   383  C CG  . PHE A 1 48  ? 1.333   2.230   -13.082 1.00 27.32 ? 47   PHE A CG  1 
ATOM   384  C CD1 . PHE A 1 48  ? -0.049  2.221   -12.905 1.00 24.92 ? 47   PHE A CD1 1 
ATOM   385  C CD2 . PHE A 1 48  ? 1.840   2.302   -14.372 1.00 30.71 ? 47   PHE A CD2 1 
ATOM   386  C CE1 . PHE A 1 48  ? -0.889  2.341   -14.000 1.00 36.33 ? 47   PHE A CE1 1 
ATOM   387  C CE2 . PHE A 1 48  ? 1.002   2.413   -15.468 1.00 27.33 ? 47   PHE A CE2 1 
ATOM   388  C CZ  . PHE A 1 48  ? -0.356  2.442   -15.286 1.00 25.63 ? 47   PHE A CZ  1 
ATOM   389  N N   A GLU A 1 49  ? 3.422   -0.700  -12.904 0.50 21.20 ? 48   GLU A N   1 
ATOM   390  N N   B GLU A 1 49  ? 3.453   -0.701  -12.840 0.50 21.86 ? 48   GLU A N   1 
ATOM   391  C CA  A GLU A 1 49  ? 3.549   -1.673  -13.994 0.50 19.01 ? 48   GLU A CA  1 
ATOM   392  C CA  B GLU A 1 49  ? 3.736   -1.648  -13.929 0.50 21.13 ? 48   GLU A CA  1 
ATOM   393  C C   A GLU A 1 49  ? 3.027   -3.041  -13.585 0.50 19.85 ? 48   GLU A C   1 
ATOM   394  C C   B GLU A 1 49  ? 3.337   -3.082  -13.622 0.50 21.20 ? 48   GLU A C   1 
ATOM   395  O O   A GLU A 1 49  ? 2.340   -3.726  -14.364 0.50 16.10 ? 48   GLU A O   1 
ATOM   396  O O   B GLU A 1 49  ? 3.051   -3.847  -14.529 0.50 19.38 ? 48   GLU A O   1 
ATOM   397  C CB  A GLU A 1 49  ? 4.974   -1.719  -14.539 0.50 18.96 ? 48   GLU A CB  1 
ATOM   398  C CB  B GLU A 1 49  ? 5.202   -1.547  -14.370 0.50 20.46 ? 48   GLU A CB  1 
ATOM   399  C CG  A GLU A 1 49  ? 5.447   -0.375  -15.163 0.50 20.93 ? 48   GLU A CG  1 
ATOM   400  C CG  B GLU A 1 49  ? 5.511   -0.220  -15.106 0.50 22.19 ? 48   GLU A CG  1 
ATOM   401  C CD  A GLU A 1 49  ? 4.620   0.080   -16.351 0.50 20.02 ? 48   GLU A CD  1 
ATOM   402  C CD  B GLU A 1 49  ? 6.913   -0.161  -15.694 0.50 24.54 ? 48   GLU A CD  1 
ATOM   403  O OE1 A GLU A 1 49  ? 4.074   -0.782  -17.077 0.50 24.74 ? 48   GLU A OE1 1 
ATOM   404  O OE1 B GLU A 1 49  ? 7.870   -0.718  -15.081 0.50 22.59 ? 48   GLU A OE1 1 
ATOM   405  O OE2 A GLU A 1 49  ? 4.519   1.315   -16.566 0.50 24.36 ? 48   GLU A OE2 1 
ATOM   406  O OE2 B GLU A 1 49  ? 7.052   0.454   -16.781 0.50 24.87 ? 48   GLU A OE2 1 
ATOM   407  N N   . SER A 1 50  ? 3.292   -3.438  -12.338 1.00 19.97 ? 49   SER A N   1 
ATOM   408  C CA  . SER A 1 50  ? 2.801   -4.741  -11.888 1.00 19.00 ? 49   SER A CA  1 
ATOM   409  C C   . SER A 1 50  ? 1.287   -4.879  -12.001 1.00 22.11 ? 49   SER A C   1 
ATOM   410  O O   . SER A 1 50  ? 0.718   -5.909  -12.478 1.00 21.20 ? 49   SER A O   1 
ATOM   411  C CB  . SER A 1 50  ? 3.241   -4.974  -10.422 1.00 18.56 ? 49   SER A CB  1 
ATOM   412  O OG  . SER A 1 50  ? 2.634   -6.149  -9.911  1.00 23.12 ? 49   SER A OG  1 
ATOM   413  N N   . ILE A 1 51  ? 0.610   -3.857  -11.509 1.00 23.28 ? 50   ILE A N   1 
ATOM   414  C CA  . ILE A 1 51  ? -0.848  -3.805  -11.571 1.00 21.16 ? 50   ILE A CA  1 
ATOM   415  C C   . ILE A 1 51  ? -1.222  -3.644  -13.064 1.00 25.10 ? 50   ILE A C   1 
ATOM   416  O O   . ILE A 1 51  ? -2.114  -4.325  -13.548 1.00 27.13 ? 50   ILE A O   1 
ATOM   417  C CB  . ILE A 1 51  ? -1.361  -2.646  -10.703 1.00 20.64 ? 50   ILE A CB  1 
ATOM   418  C CG1 . ILE A 1 51  ? -1.217  -3.048  -9.211  1.00 20.29 ? 50   ILE A CG1 1 
ATOM   419  C CG2 . ILE A 1 51  ? -2.852  -2.358  -10.988 1.00 25.28 ? 50   ILE A CG2 1 
ATOM   420  C CD1 . ILE A 1 51  ? -1.370  -1.860  -8.245  1.00 21.41 ? 50   ILE A CD1 1 
ATOM   421  N N   . GLY A 1 52  ? -0.506  -2.790  -13.784 1.00 26.44 ? 51   GLY A N   1 
ATOM   422  C CA  . GLY A 1 52  ? -0.618  -2.803  -15.259 1.00 30.94 ? 51   GLY A CA  1 
ATOM   423  C C   . GLY A 1 52  ? -1.633  -1.818  -15.816 1.00 35.48 ? 51   GLY A C   1 
ATOM   424  O O   . GLY A 1 52  ? -1.481  -1.344  -16.961 1.00 38.23 ? 51   GLY A O   1 
ATOM   425  N N   . LYS A 1 53  ? -2.654  -1.480  -15.015 1.00 33.03 ? 52   LYS A N   1 
ATOM   426  C CA  . LYS A 1 53  ? -3.588  -0.400  -15.356 1.00 34.17 ? 52   LYS A CA  1 
ATOM   427  C C   . LYS A 1 53  ? -3.898  0.487   -14.156 1.00 35.31 ? 52   LYS A C   1 
ATOM   428  O O   . LYS A 1 53  ? -3.681  0.098   -13.015 1.00 35.76 ? 52   LYS A O   1 
ATOM   429  C CB  . LYS A 1 53  ? -4.925  -0.968  -15.871 1.00 34.74 ? 52   LYS A CB  1 
ATOM   430  C CG  . LYS A 1 53  ? -5.208  -2.414  -15.490 1.00 36.92 ? 52   LYS A CG  1 
ATOM   431  C CD  . LYS A 1 53  ? -6.596  -2.614  -14.917 1.00 46.79 ? 52   LYS A CD  1 
ATOM   432  C CE  . LYS A 1 53  ? -6.519  -2.851  -13.406 1.00 53.66 ? 52   LYS A CE  1 
ATOM   433  N NZ  . LYS A 1 53  ? -7.634  -2.170  -12.693 1.00 53.89 ? 52   LYS A NZ  1 
ATOM   434  N N   . PRO A 1 54  ? -4.491  1.656   -14.407 1.00 35.74 ? 53   PRO A N   1 
ATOM   435  C CA  . PRO A 1 54  ? -4.824  2.442   -13.229 1.00 35.35 ? 53   PRO A CA  1 
ATOM   436  C C   . PRO A 1 54  ? -6.056  1.770   -12.598 1.00 31.75 ? 53   PRO A C   1 
ATOM   437  O O   . PRO A 1 54  ? -6.796  1.058   -13.282 1.00 29.88 ? 53   PRO A O   1 
ATOM   438  C CB  . PRO A 1 54  ? -5.104  3.855   -13.809 1.00 36.62 ? 53   PRO A CB  1 
ATOM   439  C CG  . PRO A 1 54  ? -4.994  3.706   -15.381 1.00 33.69 ? 53   PRO A CG  1 
ATOM   440  C CD  . PRO A 1 54  ? -4.956  2.264   -15.673 1.00 34.48 ? 53   PRO A CD  1 
ATOM   441  N N   . LEU A 1 55  ? -6.239  1.917   -11.293 1.00 32.15 ? 54   LEU A N   1 
ATOM   442  C CA  . LEU A 1 55  ? -7.337  1.256   -10.628 1.00 29.84 ? 54   LEU A CA  1 
ATOM   443  C C   . LEU A 1 55  ? -8.557  2.189   -10.739 1.00 33.04 ? 54   LEU A C   1 
ATOM   444  O O   . LEU A 1 55  ? -8.401  3.421   -10.650 1.00 31.79 ? 54   LEU A O   1 
ATOM   445  C CB  . LEU A 1 55  ? -6.963  0.967   -9.161  1.00 31.68 ? 54   LEU A CB  1 
ATOM   446  C CG  . LEU A 1 55  ? -5.828  -0.049  -8.925  1.00 25.06 ? 54   LEU A CG  1 
ATOM   447  C CD1 . LEU A 1 55  ? -5.367  0.033   -7.524  1.00 36.57 ? 54   LEU A CD1 1 
ATOM   448  C CD2 . LEU A 1 55  ? -6.221  -1.479  -9.262  1.00 33.29 ? 54   LEU A CD2 1 
ATOM   449  N N   . PRO A 1 56  ? -9.742  1.611   -11.014 1.00 31.89 ? 55   PRO A N   1 
ATOM   450  C CA  . PRO A 1 56  ? -10.937 2.394   -11.219 1.00 33.57 ? 55   PRO A CA  1 
ATOM   451  C C   . PRO A 1 56  ? -11.356 3.095   -9.939  1.00 35.08 ? 55   PRO A C   1 
ATOM   452  O O   . PRO A 1 56  ? -11.403 2.476   -8.840  1.00 33.83 ? 55   PRO A O   1 
ATOM   453  C CB  . PRO A 1 56  ? -11.971 1.371   -11.725 1.00 31.91 ? 55   PRO A CB  1 
ATOM   454  C CG  . PRO A 1 56  ? -11.487 0.088   -11.359 1.00 29.89 ? 55   PRO A CG  1 
ATOM   455  C CD  . PRO A 1 56  ? -9.981  0.175   -11.234 1.00 34.42 ? 55   PRO A CD  1 
ATOM   456  N N   . ASN A 1 57  ? -11.678 4.379   -10.090 1.00 36.24 ? 56   ASN A N   1 
ATOM   457  C CA  . ASN A 1 57  ? -12.727 5.069   -9.313  1.00 36.59 ? 56   ASN A CA  1 
ATOM   458  C C   . ASN A 1 57  ? -11.890 5.691   -8.202  1.00 35.82 ? 56   ASN A C   1 
ATOM   459  O O   . ASN A 1 57  ? -12.319 5.778   -7.055  1.00 37.20 ? 56   ASN A O   1 
ATOM   460  C CB  . ASN A 1 57  ? -13.744 4.085   -8.718  1.00 34.21 ? 56   ASN A CB  1 
ATOM   461  C CG  . ASN A 1 57  ? -14.574 3.419   -9.772  1.00 34.55 ? 56   ASN A CG  1 
ATOM   462  O OD1 . ASN A 1 57  ? -14.943 4.044   -10.762 1.00 42.58 ? 56   ASN A OD1 1 
ATOM   463  N ND2 . ASN A 1 57  ? -14.871 2.142   -9.581  1.00 35.13 ? 56   ASN A ND2 1 
ATOM   464  N N   . ARG A 1 58  ? -10.671 6.083   -8.575  1.00 34.75 ? 57   ARG A N   1 
ATOM   465  C CA  . ARG A 1 58  ? -9.820  6.901   -7.728  1.00 31.85 ? 57   ARG A CA  1 
ATOM   466  C C   . ARG A 1 58  ? -8.790  7.556   -8.586  1.00 34.19 ? 57   ARG A C   1 
ATOM   467  O O   . ARG A 1 58  ? -8.516  7.106   -9.718  1.00 33.52 ? 57   ARG A O   1 
ATOM   468  C CB  . ARG A 1 58  ? -9.125  6.042   -6.653  1.00 35.20 ? 57   ARG A CB  1 
ATOM   469  C CG  . ARG A 1 58  ? -8.511  4.755   -7.137  1.00 28.36 ? 57   ARG A CG  1 
ATOM   470  C CD  . ARG A 1 58  ? -8.719  3.646   -6.138  1.00 31.08 ? 57   ARG A CD  1 
ATOM   471  N NE  . ARG A 1 58  ? -9.615  2.646   -6.697  1.00 27.39 ? 57   ARG A NE  1 
ATOM   472  C CZ  . ARG A 1 58  ? -9.533  1.338   -6.463  1.00 38.70 ? 57   ARG A CZ  1 
ATOM   473  N NH1 . ARG A 1 58  ? -8.614  0.846   -5.632  1.00 35.90 ? 57   ARG A NH1 1 
ATOM   474  N NH2 . ARG A 1 58  ? -10.385 0.507   -7.051  1.00 32.57 ? 57   ARG A NH2 1 
ATOM   475  N N   . ARG A 1 59  ? -8.186  8.613   -8.068  1.00 30.93 ? 58   ARG A N   1 
ATOM   476  C CA  . ARG A 1 59  ? -7.087  9.181   -8.798  1.00 31.39 ? 58   ARG A CA  1 
ATOM   477  C C   . ARG A 1 59  ? -5.899  8.228   -8.572  1.00 29.97 ? 58   ARG A C   1 
ATOM   478  O O   . ARG A 1 59  ? -5.619  7.838   -7.439  1.00 31.83 ? 58   ARG A O   1 
ATOM   479  C CB  . ARG A 1 59  ? -6.849  10.604  -8.336  1.00 29.22 ? 58   ARG A CB  1 
ATOM   480  C CG  . ARG A 1 59  ? -5.682  11.309  -8.914  1.00 34.45 ? 58   ARG A CG  1 
ATOM   481  C CD  . ARG A 1 59  ? -5.715  12.728  -8.417  1.00 28.85 ? 58   ARG A CD  1 
ATOM   482  N NE  . ARG A 1 59  ? -4.793  13.593  -9.125  1.00 34.39 ? 58   ARG A NE  1 
ATOM   483  C CZ  . ARG A 1 59  ? -4.437  14.799  -8.700  1.00 39.03 ? 58   ARG A CZ  1 
ATOM   484  N NH1 . ARG A 1 59  ? -4.933  15.283  -7.565  1.00 38.13 ? 58   ARG A NH1 1 
ATOM   485  N NH2 . ARG A 1 59  ? -3.587  15.526  -9.404  1.00 37.87 ? 58   ARG A NH2 1 
ATOM   486  N N   . ASN A 1 60  ? -5.287  7.795   -9.675  1.00 26.86 ? 59   ASN A N   1 
ATOM   487  C CA  . ASN A 1 60  ? -3.959  7.155   -9.732  1.00 22.96 ? 59   ASN A CA  1 
ATOM   488  C C   . ASN A 1 60  ? -2.851  8.112   -10.036 1.00 25.41 ? 59   ASN A C   1 
ATOM   489  O O   . ASN A 1 60  ? -2.831  8.723   -11.120 1.00 22.20 ? 59   ASN A O   1 
ATOM   490  C CB  . ASN A 1 60  ? -3.979  6.069   -10.778 1.00 23.91 ? 59   ASN A CB  1 
ATOM   491  C CG  . ASN A 1 60  ? -4.968  4.997   -10.457 1.00 28.95 ? 59   ASN A CG  1 
ATOM   492  O OD1 . ASN A 1 60  ? -4.587  3.864   -10.172 1.00 26.16 ? 59   ASN A OD1 1 
ATOM   493  N ND2 . ASN A 1 60  ? -6.253  5.328   -10.509 1.00 28.01 ? 59   ASN A ND2 1 
ATOM   494  N N   . VAL A 1 61  ? -1.921  8.246   -9.082  1.00 18.84 ? 60   VAL A N   1 
ATOM   495  C CA  . VAL A 1 61  ? -0.725  9.064   -9.238  1.00 22.86 ? 60   VAL A CA  1 
ATOM   496  C C   . VAL A 1 61  ? 0.537   8.168   -9.195  1.00 27.06 ? 60   VAL A C   1 
ATOM   497  O O   . VAL A 1 61  ? 0.740   7.409   -8.246  1.00 22.93 ? 60   VAL A O   1 
ATOM   498  C CB  . VAL A 1 61  ? -0.627  10.202  -8.191  1.00 18.09 ? 60   VAL A CB  1 
ATOM   499  C CG1 . VAL A 1 61  ? 0.559   11.069  -8.443  1.00 23.07 ? 60   VAL A CG1 1 
ATOM   500  C CG2 . VAL A 1 61  ? -1.932  11.071  -8.142  1.00 20.75 ? 60   VAL A CG2 1 
ATOM   501  N N   . VAL A 1 62  ? 1.392   8.262   -10.217 1.00 26.92 ? 61   VAL A N   1 
ATOM   502  C CA  . VAL A 1 62  ? 2.566   7.423   -10.258 1.00 27.72 ? 61   VAL A CA  1 
ATOM   503  C C   . VAL A 1 62  ? 3.791   8.324   -10.104 1.00 28.14 ? 61   VAL A C   1 
ATOM   504  O O   . VAL A 1 62  ? 3.886   9.382   -10.743 1.00 29.26 ? 61   VAL A O   1 
ATOM   505  C CB  . VAL A 1 62  ? 2.589   6.543   -11.561 1.00 28.69 ? 61   VAL A CB  1 
ATOM   506  C CG1 . VAL A 1 62  ? 3.903   5.791   -11.705 1.00 26.85 ? 61   VAL A CG1 1 
ATOM   507  C CG2 . VAL A 1 62  ? 1.394   5.564   -11.593 1.00 25.64 ? 61   VAL A CG2 1 
ATOM   508  N N   . LEU A 1 63  ? 4.709   7.916   -9.226  1.00 23.73 ? 62   LEU A N   1 
ATOM   509  C CA  . LEU A 1 63  ? 5.970   8.612   -9.048  1.00 23.76 ? 62   LEU A CA  1 
ATOM   510  C C   . LEU A 1 63  ? 7.058   7.895   -9.862  1.00 22.56 ? 62   LEU A C   1 
ATOM   511  O O   . LEU A 1 63  ? 7.243   6.690   -9.729  1.00 21.90 ? 62   LEU A O   1 
ATOM   512  C CB  . LEU A 1 63  ? 6.339   8.654   -7.558  1.00 25.75 ? 62   LEU A CB  1 
ATOM   513  C CG  . LEU A 1 63  ? 7.723   9.171   -7.141  1.00 27.81 ? 62   LEU A CG  1 
ATOM   514  C CD1 . LEU A 1 63  ? 7.840   10.696  -7.433  1.00 30.27 ? 62   LEU A CD1 1 
ATOM   515  C CD2 . LEU A 1 63  ? 7.981   8.874   -5.641  1.00 22.99 ? 62   LEU A CD2 1 
ATOM   516  N N   . THR A 1 64  ? 7.712   8.638   -10.752 1.00 25.83 ? 63   THR A N   1 
ATOM   517  C CA  . THR A 1 64  ? 8.734   8.112   -11.660 1.00 25.48 ? 63   THR A CA  1 
ATOM   518  C C   . THR A 1 64  ? 9.616   9.284   -12.043 1.00 27.46 ? 63   THR A C   1 
ATOM   519  O O   . THR A 1 64  ? 9.150   10.401  -12.124 1.00 30.17 ? 63   THR A O   1 
ATOM   520  C CB  . THR A 1 64  ? 8.125   7.380   -12.921 1.00 29.04 ? 63   THR A CB  1 
ATOM   521  O OG1 . THR A 1 64  ? 9.183   6.962   -13.797 1.00 28.00 ? 63   THR A OG1 1 
ATOM   522  C CG2 . THR A 1 64  ? 7.189   8.295   -13.712 1.00 25.97 ? 63   THR A CG2 1 
ATOM   523  N N   . SER A 1 65  ? 10.919  9.044   -12.172 1.00 28.90 ? 64   SER A N   1 
ATOM   524  C CA  . SER A 1 65  ? 11.802  9.997   -12.797 1.00 28.99 ? 64   SER A CA  1 
ATOM   525  C C   . SER A 1 65  ? 11.553  9.993   -14.308 1.00 29.73 ? 64   SER A C   1 
ATOM   526  O O   . SER A 1 65  ? 12.062  10.856  -15.005 1.00 26.95 ? 64   SER A O   1 
ATOM   527  C CB  . SER A 1 65  ? 13.257  9.605   -12.525 1.00 28.94 ? 64   SER A CB  1 
ATOM   528  O OG  . SER A 1 65  ? 13.551  8.329   -13.086 1.00 27.03 ? 64   SER A OG  1 
ATOM   529  N N   . ASP A 1 66  ? 10.782  9.032   -14.825 1.00 28.84 ? 65   ASP A N   1 
ATOM   530  C CA  . ASP A 1 66  ? 10.613  8.938   -16.323 1.00 29.22 ? 65   ASP A CA  1 
ATOM   531  C C   . ASP A 1 66  ? 9.756   10.101  -16.914 1.00 28.99 ? 65   ASP A C   1 
ATOM   532  O O   . ASP A 1 66  ? 8.524   10.092  -16.842 1.00 27.81 ? 65   ASP A O   1 
ATOM   533  C CB  . ASP A 1 66  ? 10.066  7.550   -16.709 1.00 24.68 ? 65   ASP A CB  1 
ATOM   534  C CG  . ASP A 1 66  ? 10.025  7.314   -18.237 1.00 34.68 ? 65   ASP A CG  1 
ATOM   535  O OD1 . ASP A 1 66  ? 10.518  8.192   -18.960 1.00 27.56 ? 65   ASP A OD1 1 
ATOM   536  O OD2 . ASP A 1 66  ? 9.474   6.268   -18.699 1.00 31.49 ? 65   ASP A OD2 1 
ATOM   537  N N   . THR A 1 67  ? 10.401  11.098  -17.515 1.00 34.23 ? 66   THR A N   1 
ATOM   538  C CA  . THR A 1 67  ? 9.639   12.191  -18.184 1.00 38.18 ? 66   THR A CA  1 
ATOM   539  C C   . THR A 1 67  ? 8.831   11.859  -19.446 1.00 35.12 ? 66   THR A C   1 
ATOM   540  O O   . THR A 1 67  ? 8.017   12.664  -19.875 1.00 37.48 ? 66   THR A O   1 
ATOM   541  C CB  . THR A 1 67  ? 10.489  13.418  -18.463 1.00 38.96 ? 66   THR A CB  1 
ATOM   542  O OG1 . THR A 1 67  ? 11.605  13.031  -19.274 1.00 40.44 ? 66   THR A OG1 1 
ATOM   543  C CG2 . THR A 1 67  ? 10.988  14.003  -17.139 1.00 40.25 ? 66   THR A CG2 1 
ATOM   544  N N   . SER A 1 68  ? 9.023   10.671  -20.015 1.00 33.71 ? 67   SER A N   1 
ATOM   545  C CA  . SER A 1 68  ? 8.140   10.189  -21.082 1.00 29.05 ? 67   SER A CA  1 
ATOM   546  C C   . SER A 1 68  ? 6.915   9.499   -20.551 1.00 30.02 ? 67   SER A C   1 
ATOM   547  O O   . SER A 1 68  ? 6.057   9.060   -21.323 1.00 28.71 ? 67   SER A O   1 
ATOM   548  C CB  . SER A 1 68  ? 8.903   9.214   -21.947 1.00 28.66 ? 67   SER A CB  1 
ATOM   549  O OG  . SER A 1 68  ? 10.066  9.822   -22.396 1.00 22.78 ? 67   SER A OG  1 
ATOM   550  N N   . PHE A 1 69  ? 6.838   9.337   -19.225 1.00 27.74 ? 68   PHE A N   1 
ATOM   551  C CA  . PHE A 1 69  ? 5.711   8.601   -18.701 1.00 25.89 ? 68   PHE A CA  1 
ATOM   552  C C   . PHE A 1 69  ? 4.556   9.561   -18.883 1.00 27.01 ? 68   PHE A C   1 
ATOM   553  O O   . PHE A 1 69  ? 4.572   10.694  -18.362 1.00 26.82 ? 68   PHE A O   1 
ATOM   554  C CB  . PHE A 1 69  ? 5.927   8.251   -17.209 1.00 27.94 ? 68   PHE A CB  1 
ATOM   555  C CG  . PHE A 1 69  ? 4.877   7.349   -16.650 1.00 27.13 ? 68   PHE A CG  1 
ATOM   556  C CD1 . PHE A 1 69  ? 5.115   5.987   -16.499 1.00 25.84 ? 68   PHE A CD1 1 
ATOM   557  C CD2 . PHE A 1 69  ? 3.650   7.862   -16.258 1.00 28.69 ? 68   PHE A CD2 1 
ATOM   558  C CE1 . PHE A 1 69  ? 4.140   5.169   -15.992 1.00 21.08 ? 68   PHE A CE1 1 
ATOM   559  C CE2 . PHE A 1 69  ? 2.673   7.043   -15.736 1.00 29.58 ? 68   PHE A CE2 1 
ATOM   560  C CZ  . PHE A 1 69  ? 2.929   5.697   -15.595 1.00 32.45 ? 68   PHE A CZ  1 
ATOM   561  N N   . ASN A 1 70  ? 3.560   9.129   -19.640 1.00 25.53 ? 69   ASN A N   1 
ATOM   562  C CA  . ASN A 1 70  ? 2.329   9.870   -19.752 1.00 28.41 ? 69   ASN A CA  1 
ATOM   563  C C   . ASN A 1 70  ? 1.302   8.838   -20.079 1.00 30.11 ? 69   ASN A C   1 
ATOM   564  O O   . ASN A 1 70  ? 1.036   8.574   -21.269 1.00 32.52 ? 69   ASN A O   1 
ATOM   565  C CB  . ASN A 1 70  ? 2.412   10.928  -20.871 1.00 31.31 ? 69   ASN A CB  1 
ATOM   566  C CG  . ASN A 1 70  ? 1.044   11.613  -21.156 1.00 39.43 ? 69   ASN A CG  1 
ATOM   567  O OD1 . ASN A 1 70  ? -0.021  11.124  -20.752 1.00 49.13 ? 69   ASN A OD1 1 
ATOM   568  N ND2 . ASN A 1 70  ? 1.081   12.731  -21.860 1.00 40.82 ? 69   ASN A ND2 1 
ATOM   569  N N   . VAL A 1 71  ? 0.736   8.230   -19.040 1.00 27.23 ? 70   VAL A N   1 
ATOM   570  C CA  . VAL A 1 71  ? -0.175  7.099   -19.225 1.00 28.54 ? 70   VAL A CA  1 
ATOM   571  C C   . VAL A 1 71  ? -1.639  7.529   -19.148 1.00 31.54 ? 70   VAL A C   1 
ATOM   572  O O   . VAL A 1 71  ? -2.011  8.390   -18.358 1.00 32.78 ? 70   VAL A O   1 
ATOM   573  C CB  . VAL A 1 71  ? 0.114   5.949   -18.211 1.00 25.15 ? 70   VAL A CB  1 
ATOM   574  C CG1 . VAL A 1 71  ? -1.031  4.888   -18.183 1.00 25.86 ? 70   VAL A CG1 1 
ATOM   575  C CG2 . VAL A 1 71  ? 1.470   5.274   -18.546 1.00 26.97 ? 70   VAL A CG2 1 
ATOM   576  N N   . GLU A 1 72  ? -2.474  6.891   -19.957 1.00 34.68 ? 71   GLU A N   1 
ATOM   577  C CA  . GLU A 1 72  ? -3.887  7.197   -19.967 1.00 38.24 ? 71   GLU A CA  1 
ATOM   578  C C   . GLU A 1 72  ? -4.554  6.826   -18.643 1.00 38.00 ? 71   GLU A C   1 
ATOM   579  O O   . GLU A 1 72  ? -4.632  5.647   -18.273 1.00 38.51 ? 71   GLU A O   1 
ATOM   580  C CB  . GLU A 1 72  ? -4.588  6.519   -21.134 1.00 38.41 ? 71   GLU A CB  1 
ATOM   581  C CG  . GLU A 1 72  ? -5.813  7.284   -21.631 1.00 48.60 ? 71   GLU A CG  1 
ATOM   582  C CD  . GLU A 1 72  ? -5.670  8.801   -21.470 0.50 49.83 ? 71   GLU A CD  1 
ATOM   583  O OE1 . GLU A 1 72  ? -4.960  9.436   -22.290 0.50 47.56 ? 71   GLU A OE1 1 
ATOM   584  O OE2 . GLU A 1 72  ? -6.273  9.354   -20.520 0.50 50.70 ? 71   GLU A OE2 1 
ATOM   585  N N   . GLY A 1 73  ? -5.029  7.859   -17.953 1.00 38.46 ? 72   GLY A N   1 
ATOM   586  C CA  . GLY A 1 73  ? -5.770  7.733   -16.713 1.00 35.90 ? 72   GLY A CA  1 
ATOM   587  C C   . GLY A 1 73  ? -4.879  7.686   -15.482 1.00 35.51 ? 72   GLY A C   1 
ATOM   588  O O   . GLY A 1 73  ? -5.307  7.175   -14.441 1.00 38.82 ? 72   GLY A O   1 
ATOM   589  N N   . VAL A 1 74  ? -3.663  8.234   -15.602 1.00 32.87 ? 73   VAL A N   1 
ATOM   590  C CA  . VAL A 1 74  ? -2.669  8.299   -14.531 1.00 33.17 ? 73   VAL A CA  1 
ATOM   591  C C   . VAL A 1 74  ? -2.108  9.703   -14.493 1.00 33.17 ? 73   VAL A C   1 
ATOM   592  O O   . VAL A 1 74  ? -1.805  10.293  -15.525 1.00 34.22 ? 73   VAL A O   1 
ATOM   593  C CB  . VAL A 1 74  ? -1.499  7.282   -14.764 1.00 30.73 ? 73   VAL A CB  1 
ATOM   594  C CG1 . VAL A 1 74  ? -0.297  7.530   -13.845 1.00 32.53 ? 73   VAL A CG1 1 
ATOM   595  C CG2 . VAL A 1 74  ? -1.988  5.914   -14.634 1.00 28.64 ? 73   VAL A CG2 1 
ATOM   596  N N   . ASP A 1 75  ? -1.990  10.264  -13.299 1.00 28.57 ? 74   ASP A N   1 
ATOM   597  C CA  . ASP A 1 75  ? -1.269  11.505  -13.135 1.00 30.96 ? 74   ASP A CA  1 
ATOM   598  C C   . ASP A 1 75  ? 0.162   11.149  -12.761 1.00 29.88 ? 74   ASP A C   1 
ATOM   599  O O   . ASP A 1 75  ? 0.389   10.135  -12.122 1.00 32.85 ? 74   ASP A O   1 
ATOM   600  C CB  . ASP A 1 75  ? -1.943  12.373  -12.043 1.00 33.91 ? 74   ASP A CB  1 
ATOM   601  C CG  . ASP A 1 75  ? -3.322  12.889  -12.476 1.00 42.31 ? 74   ASP A CG  1 
ATOM   602  O OD1 . ASP A 1 75  ? -3.455  13.242  -13.673 1.00 49.31 ? 74   ASP A OD1 1 
ATOM   603  O OD2 . ASP A 1 75  ? -4.273  12.906  -11.661 1.00 40.82 ? 74   ASP A OD2 1 
ATOM   604  N N   . VAL A 1 76  ? 1.125   11.958  -13.144 1.00 31.90 ? 75   VAL A N   1 
ATOM   605  C CA  . VAL A 1 76  ? 2.526   11.588  -12.943 1.00 33.91 ? 75   VAL A CA  1 
ATOM   606  C C   . VAL A 1 76  ? 3.028   12.667  -12.057 1.00 33.40 ? 75   VAL A C   1 
ATOM   607  O O   . VAL A 1 76  ? 2.655   13.818  -12.246 1.00 36.41 ? 75   VAL A O   1 
ATOM   608  C CB  . VAL A 1 76  ? 3.368   11.685  -14.235 1.00 34.27 ? 75   VAL A CB  1 
ATOM   609  C CG1 . VAL A 1 76  ? 4.486   10.614  -14.254 1.00 36.84 ? 75   VAL A CG1 1 
ATOM   610  C CG2 . VAL A 1 76  ? 2.484   11.616  -15.452 1.00 40.66 ? 75   VAL A CG2 1 
ATOM   611  N N   . ILE A 1 77  ? 3.889   12.317  -11.108 1.00 31.12 ? 76   ILE A N   1 
ATOM   612  C CA  . ILE A 1 77  ? 4.649   13.308  -10.370 1.00 31.46 ? 76   ILE A CA  1 
ATOM   613  C C   . ILE A 1 77  ? 6.075   12.813  -10.410 1.00 30.02 ? 76   ILE A C   1 
ATOM   614  O O   . ILE A 1 77  ? 6.312   11.626  -10.654 1.00 32.46 ? 76   ILE A O   1 
ATOM   615  C CB  . ILE A 1 77  ? 4.127   13.448  -8.905  1.00 33.58 ? 76   ILE A CB  1 
ATOM   616  C CG1 . ILE A 1 77  ? 4.258   12.094  -8.170  1.00 34.15 ? 76   ILE A CG1 1 
ATOM   617  C CG2 . ILE A 1 77  ? 2.665   13.959  -8.913  1.00 30.68 ? 76   ILE A CG2 1 
ATOM   618  C CD1 . ILE A 1 77  ? 3.698   12.033  -6.752  1.00 28.97 ? 76   ILE A CD1 1 
ATOM   619  N N   . HIS A 1 78  ? 7.023   13.719  -10.234 1.00 31.05 ? 77   HIS A N   1 
ATOM   620  C CA  . HIS A 1 78  ? 8.413   13.407  -10.438 1.00 33.71 ? 77   HIS A CA  1 
ATOM   621  C C   . HIS A 1 78  ? 9.202   13.651  -9.163  1.00 33.81 ? 77   HIS A C   1 
ATOM   622  O O   . HIS A 1 78  ? 10.405  13.384  -9.102  1.00 35.27 ? 77   HIS A O   1 
ATOM   623  C CB  . HIS A 1 78  ? 8.984   14.219  -11.623 1.00 36.74 ? 77   HIS A CB  1 
ATOM   624  C CG  . HIS A 1 78  ? 8.344   13.890  -12.931 1.00 37.60 ? 77   HIS A CG  1 
ATOM   625  N ND1 . HIS A 1 78  ? 8.276   12.601  -13.421 1.00 43.80 ? 77   HIS A ND1 1 
ATOM   626  C CD2 . HIS A 1 78  ? 7.723   14.675  -13.842 1.00 41.15 ? 77   HIS A CD2 1 
ATOM   627  C CE1 . HIS A 1 78  ? 7.639   12.611  -14.581 1.00 48.38 ? 77   HIS A CE1 1 
ATOM   628  N NE2 . HIS A 1 78  ? 7.290   13.856  -14.858 1.00 38.67 ? 77   HIS A NE2 1 
ATOM   629  N N   . SER A 1 79  ? 8.503   14.122  -8.138  1.00 34.56 ? 78   SER A N   1 
ATOM   630  C CA  . SER A 1 79  ? 9.107   14.350  -6.839  1.00 35.50 ? 78   SER A CA  1 
ATOM   631  C C   . SER A 1 79  ? 8.247   13.811  -5.696  1.00 32.79 ? 78   SER A C   1 
ATOM   632  O O   . SER A 1 79  ? 7.020   13.788  -5.799  1.00 30.42 ? 78   SER A O   1 
ATOM   633  C CB  . SER A 1 79  ? 9.320   15.851  -6.657  1.00 38.19 ? 78   SER A CB  1 
ATOM   634  O OG  . SER A 1 79  ? 10.124  16.114  -5.512  1.00 47.72 ? 78   SER A OG  1 
ATOM   635  N N   . ILE A 1 80  ? 8.881   13.402  -4.594  1.00 33.05 ? 79   ILE A N   1 
ATOM   636  C CA  . ILE A 1 80  ? 8.124   13.197  -3.328  1.00 35.33 ? 79   ILE A CA  1 
ATOM   637  C C   . ILE A 1 80  ? 7.371   14.497  -2.943  1.00 34.53 ? 79   ILE A C   1 
ATOM   638  O O   . ILE A 1 80  ? 6.179   14.481  -2.608  1.00 32.45 ? 79   ILE A O   1 
ATOM   639  C CB  . ILE A 1 80  ? 9.038   12.802  -2.134  1.00 31.10 ? 79   ILE A CB  1 
ATOM   640  C CG1 . ILE A 1 80  ? 9.568   11.403  -2.351  1.00 40.12 ? 79   ILE A CG1 1 
ATOM   641  C CG2 . ILE A 1 80  ? 8.194   12.770  -0.852  1.00 36.94 ? 79   ILE A CG2 1 
ATOM   642  C CD1 . ILE A 1 80  ? 8.463   10.351  -2.372  1.00 37.97 ? 79   ILE A CD1 1 
ATOM   643  N N   . GLU A 1 81  ? 8.085   15.622  -3.011  1.00 35.60 ? 80   GLU A N   1 
ATOM   644  C CA  . GLU A 1 81  ? 7.515   16.904  -2.611  1.00 35.51 ? 80   GLU A CA  1 
ATOM   645  C C   . GLU A 1 81  ? 6.130   17.121  -3.256  1.00 34.34 ? 80   GLU A C   1 
ATOM   646  O O   . GLU A 1 81  ? 5.272   17.754  -2.651  1.00 35.74 ? 80   GLU A O   1 
ATOM   647  C CB  . GLU A 1 81  ? 8.518   18.050  -2.881  1.00 38.06 ? 80   GLU A CB  1 
ATOM   648  C CG  . GLU A 1 81  ? 8.014   19.441  -2.544  0.50 40.57 ? 80   GLU A CG  1 
ATOM   649  C CD  . GLU A 1 81  ? 8.408   20.479  -3.587  0.50 46.73 ? 80   GLU A CD  1 
ATOM   650  O OE1 . GLU A 1 81  ? 7.907   20.402  -4.734  0.50 45.21 ? 80   GLU A OE1 1 
ATOM   651  O OE2 . GLU A 1 81  ? 9.207   21.383  -3.253  0.50 47.07 ? 80   GLU A OE2 1 
ATOM   652  N N   . ASP A 1 82  ? 5.858   16.538  -4.428  1.00 32.69 ? 81   ASP A N   1 
ATOM   653  C CA  . ASP A 1 82  ? 4.523   16.721  -5.083  1.00 34.31 ? 81   ASP A CA  1 
ATOM   654  C C   . ASP A 1 82  ? 3.354   16.097  -4.369  1.00 31.49 ? 81   ASP A C   1 
ATOM   655  O O   . ASP A 1 82  ? 2.204   16.475  -4.578  1.00 32.08 ? 81   ASP A O   1 
ATOM   656  C CB  . ASP A 1 82  ? 4.510   16.181  -6.529  1.00 34.04 ? 81   ASP A CB  1 
ATOM   657  C CG  . ASP A 1 82  ? 5.410   16.977  -7.469  1.00 41.00 ? 81   ASP A CG  1 
ATOM   658  O OD1 . ASP A 1 82  ? 5.679   18.182  -7.210  1.00 48.01 ? 81   ASP A OD1 1 
ATOM   659  O OD2 . ASP A 1 82  ? 5.864   16.383  -8.468  1.00 44.37 ? 81   ASP A OD2 1 
ATOM   660  N N   . ILE A 1 83  ? 3.631   15.068  -3.584  1.00 31.35 ? 82   ILE A N   1 
ATOM   661  C CA  . ILE A 1 83  ? 2.561   14.283  -2.951  1.00 29.35 ? 82   ILE A CA  1 
ATOM   662  C C   . ILE A 1 83  ? 1.745   15.227  -2.084  1.00 29.45 ? 82   ILE A C   1 
ATOM   663  O O   . ILE A 1 83  ? 0.558   15.057  -1.951  1.00 28.85 ? 82   ILE A O   1 
ATOM   664  C CB  . ILE A 1 83  ? 3.147   13.158  -2.043  1.00 28.56 ? 82   ILE A CB  1 
ATOM   665  C CG1 . ILE A 1 83  ? 3.736   12.034  -2.915  1.00 28.72 ? 82   ILE A CG1 1 
ATOM   666  C CG2 . ILE A 1 83  ? 2.087   12.670  -1.003  1.00 28.83 ? 82   ILE A CG2 1 
ATOM   667  C CD1 . ILE A 1 83  ? 4.430   10.958  -2.134  1.00 28.70 ? 82   ILE A CD1 1 
ATOM   668  N N   . TYR A 1 84  ? 2.400   16.239  -1.517  1.00 33.12 ? 83   TYR A N   1 
ATOM   669  C CA  . TYR A 1 84  ? 1.725   17.163  -0.574  1.00 35.58 ? 83   TYR A CA  1 
ATOM   670  C C   . TYR A 1 84  ? 0.708   18.125  -1.192  1.00 37.25 ? 83   TYR A C   1 
ATOM   671  O O   . TYR A 1 84  ? -0.059  18.760  -0.468  1.00 38.45 ? 83   TYR A O   1 
ATOM   672  C CB  . TYR A 1 84  ? 2.749   17.904  0.286   1.00 35.10 ? 83   TYR A CB  1 
ATOM   673  C CG  . TYR A 1 84  ? 3.668   16.938  0.966   1.00 33.69 ? 83   TYR A CG  1 
ATOM   674  C CD1 . TYR A 1 84  ? 3.186   16.059  1.937   1.00 38.31 ? 83   TYR A CD1 1 
ATOM   675  C CD2 . TYR A 1 84  ? 5.003   16.855  0.613   1.00 29.57 ? 83   TYR A CD2 1 
ATOM   676  C CE1 . TYR A 1 84  ? 4.039   15.130  2.552   1.00 40.43 ? 83   TYR A CE1 1 
ATOM   677  C CE2 . TYR A 1 84  ? 5.847   15.928  1.209   1.00 39.01 ? 83   TYR A CE2 1 
ATOM   678  C CZ  . TYR A 1 84  ? 5.365   15.078  2.192   1.00 37.95 ? 83   TYR A CZ  1 
ATOM   679  O OH  . TYR A 1 84  ? 6.235   14.173  2.806   1.00 40.97 ? 83   TYR A OH  1 
ATOM   680  N N   . GLN A 1 85  ? 0.683   18.211  -2.517  1.00 39.22 ? 84   GLN A N   1 
ATOM   681  C CA  . GLN A 1 85  ? -0.225  19.133  -3.202  1.00 41.91 ? 84   GLN A CA  1 
ATOM   682  C C   . GLN A 1 85  ? -1.472  18.407  -3.627  1.00 40.47 ? 84   GLN A C   1 
ATOM   683  O O   . GLN A 1 85  ? -2.433  19.027  -4.069  1.00 44.88 ? 84   GLN A O   1 
ATOM   684  C CB  . GLN A 1 85  ? 0.425   19.806  -4.431  1.00 42.67 ? 84   GLN A CB  1 
ATOM   685  C CG  . GLN A 1 85  ? 1.942   19.998  -4.352  1.00 49.92 ? 84   GLN A CG  1 
ATOM   686  C CD  . GLN A 1 85  ? 2.412   20.653  -3.048  1.00 60.72 ? 84   GLN A CD  1 
ATOM   687  O OE1 . GLN A 1 85  ? 1.761   21.564  -2.529  1.00 60.20 ? 84   GLN A OE1 1 
ATOM   688  N NE2 . GLN A 1 85  ? 3.568   20.195  -2.523  1.00 61.02 ? 84   GLN A NE2 1 
ATOM   689  N N   . LEU A 1 86  ? -1.478  17.088  -3.485  1.00 38.54 ? 85   LEU A N   1 
ATOM   690  C CA  . LEU A 1 86  ? -2.668  16.324  -3.792  1.00 35.87 ? 85   LEU A CA  1 
ATOM   691  C C   . LEU A 1 86  ? -3.761  16.595  -2.757  1.00 37.74 ? 85   LEU A C   1 
ATOM   692  O O   . LEU A 1 86  ? -3.515  16.490  -1.562  1.00 38.38 ? 85   LEU A O   1 
ATOM   693  C CB  . LEU A 1 86  ? -2.344  14.824  -3.917  1.00 34.68 ? 85   LEU A CB  1 
ATOM   694  C CG  . LEU A 1 86  ? -1.200  14.580  -4.892  1.00 33.60 ? 85   LEU A CG  1 
ATOM   695  C CD1 . LEU A 1 86  ? -0.590  13.206  -4.652  1.00 30.06 ? 85   LEU A CD1 1 
ATOM   696  C CD2 . LEU A 1 86  ? -1.719  14.708  -6.311  1.00 27.70 ? 85   LEU A CD2 1 
ATOM   697  N N   . PRO A 1 87  ? -4.956  17.022  -3.213  1.00 38.54 ? 86   PRO A N   1 
ATOM   698  C CA  . PRO A 1 87  ? -6.147  17.061  -2.373  1.00 37.21 ? 86   PRO A CA  1 
ATOM   699  C C   . PRO A 1 87  ? -6.659  15.741  -1.775  1.00 35.90 ? 86   PRO A C   1 
ATOM   700  O O   . PRO A 1 87  ? -6.553  14.664  -2.378  1.00 36.44 ? 86   PRO A O   1 
ATOM   701  C CB  . PRO A 1 87  ? -7.218  17.649  -3.321  1.00 39.42 ? 86   PRO A CB  1 
ATOM   702  C CG  . PRO A 1 87  ? -6.452  18.448  -4.317  1.00 37.91 ? 86   PRO A CG  1 
ATOM   703  C CD  . PRO A 1 87  ? -5.202  17.628  -4.540  1.00 38.12 ? 86   PRO A CD  1 
ATOM   704  N N   . GLY A 1 88  ? -7.303  15.857  -0.620  1.00 33.74 ? 87   GLY A N   1 
ATOM   705  C CA  . GLY A 1 88  ? -8.219  14.844  -0.181  1.00 32.27 ? 87   GLY A CA  1 
ATOM   706  C C   . GLY A 1 88  ? -7.461  13.797  0.601   1.00 28.54 ? 87   GLY A C   1 
ATOM   707  O O   . GLY A 1 88  ? -6.352  14.046  1.072   1.00 30.36 ? 87   GLY A O   1 
ATOM   708  N N   . HIS A 1 89  ? -8.077  12.634  0.753   1.00 29.06 ? 88   HIS A N   1 
ATOM   709  C CA  . HIS A 1 89  ? -7.413  11.479  1.366   1.00 27.90 ? 88   HIS A CA  1 
ATOM   710  C C   . HIS A 1 89  ? -6.490  10.740  0.382   1.00 25.76 ? 88   HIS A C   1 
ATOM   711  O O   . HIS A 1 89  ? -6.949  10.104  -0.558  1.00 27.83 ? 88   HIS A O   1 
ATOM   712  C CB  . HIS A 1 89  ? -8.463  10.517  1.888   1.00 23.24 ? 88   HIS A CB  1 
ATOM   713  C CG  . HIS A 1 89  ? -7.953  9.572   2.936   1.00 25.06 ? 88   HIS A CG  1 
ATOM   714  N ND1 . HIS A 1 89  ? -8.783  8.734   3.648   1.00 31.48 ? 88   HIS A ND1 1 
ATOM   715  C CD2 . HIS A 1 89  ? -6.707  9.351   3.402   1.00 28.96 ? 88   HIS A CD2 1 
ATOM   716  C CE1 . HIS A 1 89  ? -8.059  8.009   4.486   1.00 35.42 ? 88   HIS A CE1 1 
ATOM   717  N NE2 . HIS A 1 89  ? -6.794  8.378   4.363   1.00 32.09 ? 88   HIS A NE2 1 
ATOM   718  N N   . VAL A 1 90  ? -5.193  10.829  0.626   1.00 27.91 ? 89   VAL A N   1 
ATOM   719  C CA  . VAL A 1 90  ? -4.175  10.251  -0.261  1.00 26.97 ? 89   VAL A CA  1 
ATOM   720  C C   . VAL A 1 90  ? -3.581  9.006   0.416   1.00 25.28 ? 89   VAL A C   1 
ATOM   721  O O   . VAL A 1 90  ? -3.221  9.043   1.609   1.00 23.47 ? 89   VAL A O   1 
ATOM   722  C CB  . VAL A 1 90  ? -3.106  11.286  -0.550  1.00 27.48 ? 89   VAL A CB  1 
ATOM   723  C CG1 . VAL A 1 90  ? -1.888  10.657  -1.279  1.00 30.86 ? 89   VAL A CG1 1 
ATOM   724  C CG2 . VAL A 1 90  ? -3.737  12.437  -1.355  1.00 25.14 ? 89   VAL A CG2 1 
ATOM   725  N N   . PHE A 1 91  ? -3.548  7.900   -0.321  1.00 24.75 ? 90   PHE A N   1 
ATOM   726  C CA  . PHE A 1 91  ? -3.032  6.623   0.206   1.00 22.41 ? 90   PHE A CA  1 
ATOM   727  C C   . PHE A 1 91  ? -1.667  6.379   -0.471  1.00 24.17 ? 90   PHE A C   1 
ATOM   728  O O   . PHE A 1 91  ? -1.596  6.296   -1.711  1.00 25.35 ? 90   PHE A O   1 
ATOM   729  C CB  . PHE A 1 91  ? -3.991  5.478   -0.087  1.00 21.68 ? 90   PHE A CB  1 
ATOM   730  C CG  . PHE A 1 91  ? -5.267  5.498   0.755   1.00 26.83 ? 90   PHE A CG  1 
ATOM   731  C CD1 . PHE A 1 91  ? -5.329  4.826   1.986   1.00 19.10 ? 90   PHE A CD1 1 
ATOM   732  C CD2 . PHE A 1 91  ? -6.404  6.172   0.304   1.00 20.63 ? 90   PHE A CD2 1 
ATOM   733  C CE1 . PHE A 1 91  ? -6.495  4.866   2.774   1.00 21.34 ? 90   PHE A CE1 1 
ATOM   734  C CE2 . PHE A 1 91  ? -7.578  6.213   1.082   1.00 26.15 ? 90   PHE A CE2 1 
ATOM   735  C CZ  . PHE A 1 91  ? -7.628  5.553   2.305   1.00 25.80 ? 90   PHE A CZ  1 
ATOM   736  N N   . ILE A 1 92  ? -0.595  6.348   0.315   1.00 20.26 ? 91   ILE A N   1 
ATOM   737  C CA  . ILE A 1 92  ? 0.685   5.790   -0.176  1.00 22.73 ? 91   ILE A CA  1 
ATOM   738  C C   . ILE A 1 92  ? 0.550   4.278   -0.395  1.00 19.96 ? 91   ILE A C   1 
ATOM   739  O O   . ILE A 1 92  ? 0.329   3.508   0.538   1.00 18.49 ? 91   ILE A O   1 
ATOM   740  C CB  . ILE A 1 92  ? 1.822   6.178   0.745   1.00 20.91 ? 91   ILE A CB  1 
ATOM   741  C CG1 . ILE A 1 92  ? 1.854   7.712   0.979   1.00 20.12 ? 91   ILE A CG1 1 
ATOM   742  C CG2 . ILE A 1 92  ? 3.129   5.575   0.282   1.00 20.74 ? 91   ILE A CG2 1 
ATOM   743  C CD1 . ILE A 1 92  ? 1.926   8.636   -0.291  1.00 22.88 ? 91   ILE A CD1 1 
ATOM   744  N N   . PHE A 1 93  ? 0.573   3.882   -1.672  1.00 19.89 ? 92   PHE A N   1 
ATOM   745  C CA  . PHE A 1 93  ? 0.110   2.552   -2.158  1.00 20.13 ? 92   PHE A CA  1 
ATOM   746  C C   . PHE A 1 93  ? 1.302   1.542   -2.362  1.00 18.39 ? 92   PHE A C   1 
ATOM   747  O O   . PHE A 1 93  ? 1.110   0.318   -2.536  1.00 19.74 ? 92   PHE A O   1 
ATOM   748  C CB  . PHE A 1 93  ? -0.654  2.732   -3.496  1.00 17.34 ? 92   PHE A CB  1 
ATOM   749  C CG  . PHE A 1 93  ? -1.633  1.622   -3.811  1.00 21.88 ? 92   PHE A CG  1 
ATOM   750  C CD1 . PHE A 1 93  ? -2.601  1.247   -2.897  1.00 18.55 ? 92   PHE A CD1 1 
ATOM   751  C CD2 . PHE A 1 93  ? -1.628  0.997   -5.069  1.00 22.09 ? 92   PHE A CD2 1 
ATOM   752  C CE1 . PHE A 1 93  ? -3.547  0.240   -3.220  1.00 22.06 ? 92   PHE A CE1 1 
ATOM   753  C CE2 . PHE A 1 93  ? -2.546  -0.020  -5.373  1.00 24.31 ? 92   PHE A CE2 1 
ATOM   754  C CZ  . PHE A 1 93  ? -3.506  -0.396  -4.439  1.00 25.74 ? 92   PHE A CZ  1 
ATOM   755  N N   . GLY A 1 94  ? 2.512   2.066   -2.327  1.00 19.32 ? 93   GLY A N   1 
ATOM   756  C CA  . GLY A 1 94  ? 3.691   1.203   -2.440  1.00 19.96 ? 93   GLY A CA  1 
ATOM   757  C C   . GLY A 1 94  ? 4.602   1.616   -3.602  1.00 19.47 ? 93   GLY A C   1 
ATOM   758  O O   . GLY A 1 94  ? 4.311   2.588   -4.272  1.00 19.97 ? 93   GLY A O   1 
ATOM   759  N N   . GLY A 1 95  ? 5.747   0.942   -3.794  1.00 21.17 ? 94   GLY A N   1 
ATOM   760  C CA  . GLY A 1 95  ? 6.046   -0.375  -3.161  1.00 18.70 ? 94   GLY A CA  1 
ATOM   761  C C   . GLY A 1 95  ? 7.074   -0.019  -2.123  1.00 17.73 ? 94   GLY A C   1 
ATOM   762  O O   . GLY A 1 95  ? 6.968   1.041   -1.500  1.00 16.55 ? 94   GLY A O   1 
ATOM   763  N N   . GLN A 1 96  ? 8.133   -0.817  -2.006  1.00 18.21 ? 95   GLN A N   1 
ATOM   764  C CA  . GLN A 1 96  ? 9.169   -0.571  -0.990  1.00 19.55 ? 95   GLN A CA  1 
ATOM   765  C C   . GLN A 1 96  ? 9.728   0.820   -0.884  1.00 20.57 ? 95   GLN A C   1 
ATOM   766  O O   . GLN A 1 96  ? 9.851   1.373   0.204   1.00 18.22 ? 95   GLN A O   1 
ATOM   767  C CB  . GLN A 1 96  ? 10.312  -1.573  -1.122  1.00 18.59 ? 95   GLN A CB  1 
ATOM   768  C CG  . GLN A 1 96  ? 11.425  -1.370  -0.120  1.00 18.13 ? 95   GLN A CG  1 
ATOM   769  C CD  . GLN A 1 96  ? 12.490  -2.397  -0.387  1.00 22.48 ? 95   GLN A CD  1 
ATOM   770  O OE1 . GLN A 1 96  ? 12.368  -3.529  0.005   1.00 19.68 ? 95   GLN A OE1 1 
ATOM   771  N NE2 . GLN A 1 96  ? 13.508  -2.010  -1.162  1.00 28.44 ? 95   GLN A NE2 1 
ATOM   772  N N   . THR A 1 97  ? 10.110  1.414   -2.012  1.00 22.91 ? 96   THR A N   1 
ATOM   773  C CA  . THR A 1 97  ? 10.853  2.655   -1.933  1.00 22.27 ? 96   THR A CA  1 
ATOM   774  C C   . THR A 1 97  ? 9.918   3.812   -1.510  1.00 21.38 ? 96   THR A C   1 
ATOM   775  O O   . THR A 1 97  ? 10.341  4.699   -0.790  1.00 21.44 ? 96   THR A O   1 
ATOM   776  C CB  . THR A 1 97  ? 11.534  2.990   -3.310  1.00 24.66 ? 96   THR A CB  1 
ATOM   777  O OG1 . THR A 1 97  ? 10.502  3.525   -4.136  1.00 36.98 ? 96   THR A OG1 1 
ATOM   778  C CG2 . THR A 1 97  ? 12.058  1.674   -3.989  1.00 14.53 ? 96   THR A CG2 1 
ATOM   779  N N   . LEU A 1 98  ? 8.650   3.804   -1.932  1.00 22.57 ? 97   LEU A N   1 
ATOM   780  C CA  . LEU A 1 98  ? 7.708   4.853   -1.429  1.00 23.15 ? 97   LEU A CA  1 
ATOM   781  C C   . LEU A 1 98  ? 7.427   4.702   0.096   1.00 24.11 ? 97   LEU A C   1 
ATOM   782  O O   . LEU A 1 98  ? 7.451   5.698   0.834   1.00 24.15 ? 97   LEU A O   1 
ATOM   783  C CB  . LEU A 1 98  ? 6.386   4.852   -2.195  1.00 27.95 ? 97   LEU A CB  1 
ATOM   784  C CG  . LEU A 1 98  ? 5.817   6.264   -2.354  1.00 28.62 ? 97   LEU A CG  1 
ATOM   785  C CD1 . LEU A 1 98  ? 6.929   7.274   -2.689  1.00 29.45 ? 97   LEU A CD1 1 
ATOM   786  C CD2 . LEU A 1 98  ? 4.755   6.238   -3.421  1.00 36.20 ? 97   LEU A CD2 1 
ATOM   787  N N   . PHE A 1 99  ? 7.199   3.464   0.552   1.00 20.81 ? 98   PHE A N   1 
ATOM   788  C CA  . PHE A 1 99  ? 7.063   3.186   2.009   1.00 19.48 ? 98   PHE A CA  1 
ATOM   789  C C   . PHE A 1 99  ? 8.231   3.734   2.805   1.00 22.98 ? 98   PHE A C   1 
ATOM   790  O O   . PHE A 1 99  ? 8.018   4.384   3.850   1.00 26.98 ? 98   PHE A O   1 
ATOM   791  C CB  . PHE A 1 99  ? 6.784   1.694   2.292   1.00 17.11 ? 98   PHE A CB  1 
ATOM   792  C CG  . PHE A 1 99  ? 5.493   1.169   1.697   1.00 16.74 ? 98   PHE A CG  1 
ATOM   793  C CD1 . PHE A 1 99  ? 4.336   1.953   1.716   1.00 17.08 ? 98   PHE A CD1 1 
ATOM   794  C CD2 . PHE A 1 99  ? 5.421   -0.145  1.158   1.00 19.27 ? 98   PHE A CD2 1 
ATOM   795  C CE1 . PHE A 1 99  ? 3.138   1.475   1.209   1.00 11.37 ? 98   PHE A CE1 1 
ATOM   796  C CE2 . PHE A 1 99  ? 4.242   -0.660  0.628   1.00 18.36 ? 98   PHE A CE2 1 
ATOM   797  C CZ  . PHE A 1 99  ? 3.061   0.137   0.648   1.00 14.67 ? 98   PHE A CZ  1 
ATOM   798  N N   . GLU A 1 100 ? 9.474   3.555   2.307   1.00 21.22 ? 99   GLU A N   1 
ATOM   799  C CA  . GLU A 1 100 ? 10.643  3.958   3.065   1.00 22.44 ? 99   GLU A CA  1 
ATOM   800  C C   . GLU A 1 100 ? 10.688  5.450   3.142   1.00 23.57 ? 99   GLU A C   1 
ATOM   801  O O   . GLU A 1 100 ? 11.078  5.985   4.161   1.00 23.71 ? 99   GLU A O   1 
ATOM   802  C CB  . GLU A 1 100 ? 11.955  3.434   2.431   1.00 22.41 ? 99   GLU A CB  1 
ATOM   803  C CG  . GLU A 1 100 ? 12.162  1.955   2.617   1.00 25.92 ? 99   GLU A CG  1 
ATOM   804  C CD  . GLU A 1 100 ? 13.336  1.381   1.786   1.00 31.13 ? 99   GLU A CD  1 
ATOM   805  O OE1 . GLU A 1 100 ? 13.808  2.056   0.834   1.00 37.37 ? 99   GLU A OE1 1 
ATOM   806  O OE2 . GLU A 1 100 ? 13.714  0.217   2.050   1.00 33.39 ? 99   GLU A OE2 1 
ATOM   807  N N   . GLU A 1 101 ? 10.310  6.121   2.045   1.00 24.86 ? 100  GLU A N   1 
ATOM   808  C CA  . GLU A 1 101 ? 10.315  7.566   1.967   1.00 27.40 ? 100  GLU A CA  1 
ATOM   809  C C   . GLU A 1 101 ? 9.174   8.162   2.799   1.00 27.19 ? 100  GLU A C   1 
ATOM   810  O O   . GLU A 1 101 ? 9.324   9.245   3.377   1.00 29.90 ? 100  GLU A O   1 
ATOM   811  C CB  . GLU A 1 101 ? 10.235  8.063   0.508   1.00 26.75 ? 100  GLU A CB  1 
ATOM   812  C CG  . GLU A 1 101 ? 10.925  7.121   -0.499  1.00 37.05 ? 100  GLU A CG  1 
ATOM   813  C CD  . GLU A 1 101 ? 11.075  7.692   -1.928  1.00 38.47 ? 100  GLU A CD  1 
ATOM   814  O OE1 . GLU A 1 101 ? 10.383  7.186   -2.841  1.00 47.67 ? 100  GLU A OE1 1 
ATOM   815  O OE2 . GLU A 1 101 ? 11.902  8.613   -2.145  1.00 46.15 ? 100  GLU A OE2 1 
ATOM   816  N N   . MET A 1 102 ? 8.057   7.445   2.893   1.00 23.50 ? 101  MET A N   1 
ATOM   817  C CA  . MET A 1 102 ? 6.847   8.028   3.465   1.00 19.34 ? 101  MET A CA  1 
ATOM   818  C C   . MET A 1 102 ? 6.490   7.683   4.930   1.00 21.20 ? 101  MET A C   1 
ATOM   819  O O   . MET A 1 102 ? 5.710   8.396   5.559   1.00 22.22 ? 101  MET A O   1 
ATOM   820  C CB  . MET A 1 102 ? 5.688   7.783   2.533   1.00 19.55 ? 101  MET A CB  1 
ATOM   821  C CG  . MET A 1 102 ? 5.815   8.532   1.163   1.00 19.94 ? 101  MET A CG  1 
ATOM   822  S SD  . MET A 1 102 ? 6.168   10.320  1.228   1.00 33.02 ? 101  MET A SD  1 
ATOM   823  C CE  . MET A 1 102 ? 4.514   10.859  1.780   1.00 19.02 ? 101  MET A CE  1 
ATOM   824  N N   . ILE A 1 103 ? 7.009   6.575   5.454   1.00 24.62 ? 102  ILE A N   1 
ATOM   825  C CA  . ILE A 1 103 ? 6.618   6.082   6.793   1.00 24.13 ? 102  ILE A CA  1 
ATOM   826  C C   . ILE A 1 103 ? 6.735   7.145   7.905   1.00 25.28 ? 102  ILE A C   1 
ATOM   827  O O   . ILE A 1 103 ? 5.826   7.280   8.717   1.00 23.05 ? 102  ILE A O   1 
ATOM   828  C CB  . ILE A 1 103 ? 7.270   4.703   7.160   1.00 24.29 ? 102  ILE A CB  1 
ATOM   829  C CG1 . ILE A 1 103 ? 6.519   4.020   8.353   1.00 22.85 ? 102  ILE A CG1 1 
ATOM   830  C CG2 . ILE A 1 103 ? 8.800   4.816   7.315   1.00 17.77 ? 102  ILE A CG2 1 
ATOM   831  C CD1 . ILE A 1 103 ? 7.088   2.667   8.726   1.00 21.04 ? 102  ILE A CD1 1 
ATOM   832  N N   . ASP A 1 104 ? 7.809   7.939   7.898   1.00 23.75 ? 103  ASP A N   1 
ATOM   833  C CA  . ASP A 1 104 ? 7.923   9.099   8.808   1.00 27.98 ? 103  ASP A CA  1 
ATOM   834  C C   . ASP A 1 104 ? 7.042   10.310  8.545   1.00 26.44 ? 103  ASP A C   1 
ATOM   835  O O   . ASP A 1 104 ? 7.037   11.246  9.335   1.00 27.78 ? 103  ASP A O   1 
ATOM   836  C CB  . ASP A 1 104 ? 9.385   9.573   8.964   1.00 28.82 ? 103  ASP A CB  1 
ATOM   837  C CG  . ASP A 1 104 ? 10.300  8.470   9.452   1.00 34.19 ? 103  ASP A CG  1 
ATOM   838  O OD1 . ASP A 1 104 ? 9.860   7.626   10.263  1.00 38.89 ? 103  ASP A OD1 1 
ATOM   839  O OD2 . ASP A 1 104 ? 11.458  8.422   9.013   1.00 40.36 ? 103  ASP A OD2 1 
ATOM   840  N N   . LYS A 1 105 ? 6.300   10.312  7.449   1.00 26.27 ? 104  LYS A N   1 
ATOM   841  C CA  . LYS A 1 105 ? 5.585   11.516  7.036   1.00 24.39 ? 104  LYS A CA  1 
ATOM   842  C C   . LYS A 1 105 ? 4.043   11.309  7.115   1.00 20.81 ? 104  LYS A C   1 
ATOM   843  O O   . LYS A 1 105 ? 3.303   12.259  7.166   1.00 23.82 ? 104  LYS A O   1 
ATOM   844  C CB  . LYS A 1 105 ? 5.992   11.910  5.607   1.00 26.64 ? 104  LYS A CB  1 
ATOM   845  C CG  . LYS A 1 105 ? 7.507   12.028  5.332   1.00 23.84 ? 104  LYS A CG  1 
ATOM   846  C CD  . LYS A 1 105 ? 8.024   13.371  5.754   1.00 39.21 ? 104  LYS A CD  1 
ATOM   847  C CE  . LYS A 1 105 ? 9.510   13.509  5.425   1.00 51.17 ? 104  LYS A CE  1 
ATOM   848  N NZ  . LYS A 1 105 ? 10.326  12.702  6.389   1.00 59.34 ? 104  LYS A NZ  1 
ATOM   849  N N   . VAL A 1 106 ? 3.563   10.074  7.107   1.00 20.88 ? 105  VAL A N   1 
ATOM   850  C CA  . VAL A 1 106 ? 2.102   9.840   7.045   1.00 22.39 ? 105  VAL A CA  1 
ATOM   851  C C   . VAL A 1 106 ? 1.375   9.986   8.413   1.00 23.98 ? 105  VAL A C   1 
ATOM   852  O O   . VAL A 1 106 ? 2.004   9.821   9.473   1.00 20.58 ? 105  VAL A O   1 
ATOM   853  C CB  . VAL A 1 106 ? 1.732   8.495   6.362   1.00 24.00 ? 105  VAL A CB  1 
ATOM   854  C CG1 . VAL A 1 106 ? 2.355   8.401   4.943   1.00 19.51 ? 105  VAL A CG1 1 
ATOM   855  C CG2 . VAL A 1 106 ? 2.182   7.306   7.192   1.00 16.97 ? 105  VAL A CG2 1 
ATOM   856  N N   . ASP A 1 107 ? 0.057   10.279  8.368   1.00 23.96 ? 106  ASP A N   1 
ATOM   857  C CA  . ASP A 1 107 ? -0.759  10.412  9.602   1.00 28.67 ? 106  ASP A CA  1 
ATOM   858  C C   . ASP A 1 107 ? -1.025  9.055   10.251  1.00 27.55 ? 106  ASP A C   1 
ATOM   859  O O   . ASP A 1 107 ? -1.106  8.928   11.479  1.00 23.89 ? 106  ASP A O   1 
ATOM   860  C CB  . ASP A 1 107 ? -2.087  11.123  9.294   1.00 28.33 ? 106  ASP A CB  1 
ATOM   861  C CG  . ASP A 1 107 ? -1.859  12.505  8.716   1.00 36.89 ? 106  ASP A CG  1 
ATOM   862  O OD1 . ASP A 1 107 ? -0.907  13.157  9.197   1.00 32.49 ? 106  ASP A OD1 1 
ATOM   863  O OD2 . ASP A 1 107 ? -2.575  12.922  7.775   1.00 45.14 ? 106  ASP A OD2 1 
ATOM   864  N N   . ASP A 1 108 ? -1.171  8.038   9.402   1.00 24.14 ? 107  ASP A N   1 
ATOM   865  C CA  . ASP A 1 108 ? -1.653  6.742   9.862   1.00 21.03 ? 107  ASP A CA  1 
ATOM   866  C C   . ASP A 1 108 ? -1.343  5.665   8.813   1.00 20.16 ? 107  ASP A C   1 
ATOM   867  O O   . ASP A 1 108 ? -0.960  5.999   7.678   1.00 19.58 ? 107  ASP A O   1 
ATOM   868  C CB  . ASP A 1 108 ? -3.176  6.785   10.178  1.00 19.62 ? 107  ASP A CB  1 
ATOM   869  C CG  . ASP A 1 108 ? -4.034  7.168   8.998   1.00 26.15 ? 107  ASP A CG  1 
ATOM   870  O OD1 . ASP A 1 108 ? -3.522  7.665   7.971   1.00 24.32 ? 107  ASP A OD1 1 
ATOM   871  O OD2 . ASP A 1 108 ? -5.264  6.991   9.101   1.00 25.08 ? 107  ASP A OD2 1 
ATOM   872  N N   . MET A 1 109 ? -1.528  4.400   9.182   1.00 18.90 ? 108  MET A N   1 
ATOM   873  C CA  . MET A 1 109 ? -1.263  3.294   8.277   1.00 16.52 ? 108  MET A CA  1 
ATOM   874  C C   . MET A 1 109 ? -2.367  2.255   8.434   1.00 17.38 ? 108  MET A C   1 
ATOM   875  O O   . MET A 1 109 ? -2.768  1.883   9.566   1.00 16.77 ? 108  MET A O   1 
ATOM   876  C CB  . MET A 1 109 ? 0.115   2.647   8.565   1.00 12.08 ? 108  MET A CB  1 
ATOM   877  C CG  . MET A 1 109 ? 1.287   3.631   8.973   1.00 17.23 ? 108  MET A CG  1 
ATOM   878  S SD  . MET A 1 109 ? 2.934   2.800   8.854   1.00 16.58 ? 108  MET A SD  1 
ATOM   879  C CE  . MET A 1 109 ? 3.014   2.057   10.482  1.00 15.86 ? 108  MET A CE  1 
ATOM   880  N N   . TYR A 1 110 ? -2.847  1.761   7.297   1.00 15.37 ? 109  TYR A N   1 
ATOM   881  C CA  . TYR A 1 110 ? -3.688  0.598   7.271   1.00 13.34 ? 109  TYR A CA  1 
ATOM   882  C C   . TYR A 1 110 ? -2.855  -0.585  6.822   1.00 16.41 ? 109  TYR A C   1 
ATOM   883  O O   . TYR A 1 110 ? -2.462  -0.684  5.635   1.00 12.44 ? 109  TYR A O   1 
ATOM   884  C CB  . TYR A 1 110 ? -4.877  0.790   6.296   1.00 19.85 ? 109  TYR A CB  1 
ATOM   885  C CG  . TYR A 1 110 ? -5.748  1.960   6.638   1.00 21.69 ? 109  TYR A CG  1 
ATOM   886  C CD1 . TYR A 1 110 ? -5.380  3.271   6.303   1.00 17.46 ? 109  TYR A CD1 1 
ATOM   887  C CD2 . TYR A 1 110 ? -6.918  1.758   7.367   1.00 22.88 ? 109  TYR A CD2 1 
ATOM   888  C CE1 . TYR A 1 110 ? -6.207  4.325   6.629   1.00 18.71 ? 109  TYR A CE1 1 
ATOM   889  C CE2 . TYR A 1 110 ? -7.723  2.793   7.698   1.00 20.37 ? 109  TYR A CE2 1 
ATOM   890  C CZ  . TYR A 1 110 ? -7.394  4.043   7.313   1.00 19.49 ? 109  TYR A CZ  1 
ATOM   891  O OH  . TYR A 1 110 ? -8.247  5.062   7.669   1.00 23.84 ? 109  TYR A OH  1 
ATOM   892  N N   . ILE A 1 111 ? -2.626  -1.503  7.752   1.00 14.22 ? 110  ILE A N   1 
ATOM   893  C CA  . ILE A 1 111 ? -1.731  -2.622  7.466   1.00 16.86 ? 110  ILE A CA  1 
ATOM   894  C C   . ILE A 1 111 ? -2.505  -3.890  7.546   1.00 16.44 ? 110  ILE A C   1 
ATOM   895  O O   . ILE A 1 111 ? -3.161  -4.166  8.554   1.00 17.21 ? 110  ILE A O   1 
ATOM   896  C CB  . ILE A 1 111 ? -0.526  -2.651  8.469   1.00 15.59 ? 110  ILE A CB  1 
ATOM   897  C CG1 . ILE A 1 111 ? 0.251   -1.361  8.375   1.00 14.91 ? 110  ILE A CG1 1 
ATOM   898  C CG2 . ILE A 1 111 ? 0.319   -3.903  8.249   1.00 15.01 ? 110  ILE A CG2 1 
ATOM   899  C CD1 . ILE A 1 111 ? 1.369   -1.117  9.405   1.00 16.93 ? 110  ILE A CD1 1 
ATOM   900  N N   . THR A 1 112 ? -2.403  -4.715  6.509   1.00 12.33 ? 111  THR A N   1 
ATOM   901  C CA  . THR A 1 112 ? -2.848  -6.065  6.642   1.00 12.16 ? 111  THR A CA  1 
ATOM   902  C C   . THR A 1 112 ? -1.613  -6.872  7.000   1.00 15.55 ? 111  THR A C   1 
ATOM   903  O O   . THR A 1 112 ? -0.686  -7.008  6.202   1.00 14.58 ? 111  THR A O   1 
ATOM   904  C CB  . THR A 1 112 ? -3.474  -6.541  5.300   1.00 15.06 ? 111  THR A CB  1 
ATOM   905  O OG1 . THR A 1 112 ? -4.522  -5.615  4.957   1.00 17.91 ? 111  THR A OG1 1 
ATOM   906  C CG2 . THR A 1 112 ? -4.042  -7.947  5.397   1.00 9.47  ? 111  THR A CG2 1 
ATOM   907  N N   . VAL A 1 113 ? -1.575  -7.378  8.213   1.00 13.65 ? 112  VAL A N   1 
ATOM   908  C CA  . VAL A 1 113 ? -0.538  -8.314  8.578   1.00 15.41 ? 112  VAL A CA  1 
ATOM   909  C C   . VAL A 1 113 ? -0.914  -9.685  8.073   1.00 17.82 ? 112  VAL A C   1 
ATOM   910  O O   . VAL A 1 113 ? -1.929  -10.277 8.464   1.00 15.29 ? 112  VAL A O   1 
ATOM   911  C CB  . VAL A 1 113 ? -0.264  -8.348  10.108  1.00 16.13 ? 112  VAL A CB  1 
ATOM   912  C CG1 . VAL A 1 113 ? 0.867   -9.358  10.417  1.00 17.07 ? 112  VAL A CG1 1 
ATOM   913  C CG2 . VAL A 1 113 ? 0.099   -6.911  10.584  1.00 16.12 ? 112  VAL A CG2 1 
ATOM   914  N N   . ILE A 1 114 ? -0.092  -10.190 7.163   1.00 17.98 ? 113  ILE A N   1 
ATOM   915  C CA  . ILE A 1 114 ? -0.349  -11.511 6.598   1.00 19.30 ? 113  ILE A CA  1 
ATOM   916  C C   . ILE A 1 114 ? 0.437   -12.475 7.526   1.00 18.75 ? 113  ILE A C   1 
ATOM   917  O O   . ILE A 1 114 ? 1.648   -12.351 7.633   1.00 20.36 ? 113  ILE A O   1 
ATOM   918  C CB  . ILE A 1 114 ? 0.245   -11.604 5.188   1.00 19.69 ? 113  ILE A CB  1 
ATOM   919  C CG1 . ILE A 1 114 ? -0.274  -10.481 4.238   1.00 17.36 ? 113  ILE A CG1 1 
ATOM   920  C CG2 . ILE A 1 114 ? 0.000   -13.039 4.597   1.00 21.91 ? 113  ILE A CG2 1 
ATOM   921  C CD1 . ILE A 1 114 ? -1.757  -10.601 3.928   1.00 19.89 ? 113  ILE A CD1 1 
ATOM   922  N N   . GLU A 1 115 ? -0.218  -13.440 8.163   1.00 19.02 ? 114  GLU A N   1 
ATOM   923  C CA  . GLU A 1 115 ? 0.387   -14.171 9.288   1.00 17.03 ? 114  GLU A CA  1 
ATOM   924  C C   . GLU A 1 115 ? 1.050   -15.423 8.822   1.00 15.95 ? 114  GLU A C   1 
ATOM   925  O O   . GLU A 1 115 ? 0.700   -16.518 9.267   1.00 18.87 ? 114  GLU A O   1 
ATOM   926  C CB  . GLU A 1 115 ? -0.678  -14.561 10.302  1.00 19.96 ? 114  GLU A CB  1 
ATOM   927  C CG  . GLU A 1 115 ? -1.515  -13.431 10.480  1.00 21.50 ? 114  GLU A CG  1 
ATOM   928  C CD  . GLU A 1 115 ? -1.477  -12.929 11.813  1.00 38.27 ? 114  GLU A CD  1 
ATOM   929  O OE1 . GLU A 1 115 ? -0.375  -12.498 12.236  1.00 45.94 ? 114  GLU A OE1 1 
ATOM   930  O OE2 . GLU A 1 115 ? -2.555  -12.997 12.425  1.00 43.67 ? 114  GLU A OE2 1 
ATOM   931  N N   . GLY A 1 116 ? 2.043   -15.243 7.949   1.00 16.38 ? 115  GLY A N   1 
ATOM   932  C CA  . GLY A 1 116 ? 2.771   -16.330 7.344   1.00 15.13 ? 115  GLY A CA  1 
ATOM   933  C C   . GLY A 1 116 ? 4.176   -15.840 6.968   1.00 13.97 ? 115  GLY A C   1 
ATOM   934  O O   . GLY A 1 116 ? 4.491   -14.679 7.150   1.00 12.21 ? 115  GLY A O   1 
ATOM   935  N N   . LYS A 1 117 ? 5.007   -16.740 6.498   1.00 12.98 ? 116  LYS A N   1 
ATOM   936  C CA  . LYS A 1 117 ? 6.395   -16.388 6.198   1.00 12.32 ? 116  LYS A CA  1 
ATOM   937  C C   . LYS A 1 117 ? 6.629   -16.748 4.759   1.00 13.61 ? 116  LYS A C   1 
ATOM   938  O O   . LYS A 1 117 ? 6.747   -17.915 4.435   1.00 15.55 ? 116  LYS A O   1 
ATOM   939  C CB  . LYS A 1 117 ? 7.292   -17.192 7.120   1.00 12.95 ? 116  LYS A CB  1 
ATOM   940  C CG  . LYS A 1 117 ? 7.230   -16.640 8.526   1.00 12.21 ? 116  LYS A CG  1 
ATOM   941  C CD  . LYS A 1 117 ? 8.243   -17.343 9.413   1.00 22.35 ? 116  LYS A CD  1 
ATOM   942  C CE  . LYS A 1 117 ? 8.248   -16.538 10.759  1.00 32.69 ? 116  LYS A CE  1 
ATOM   943  N NZ  . LYS A 1 117 ? 9.062   -17.141 11.861  1.00 42.43 ? 116  LYS A NZ  1 
ATOM   944  N N   . PHE A 1 118 ? 6.682   -15.724 3.898   1.00 15.65 ? 117  PHE A N   1 
ATOM   945  C CA  . PHE A 1 118 ? 6.782   -15.905 2.429   1.00 15.26 ? 117  PHE A CA  1 
ATOM   946  C C   . PHE A 1 118 ? 8.211   -15.608 1.960   1.00 12.45 ? 117  PHE A C   1 
ATOM   947  O O   . PHE A 1 118 ? 8.940   -14.877 2.615   1.00 17.13 ? 117  PHE A O   1 
ATOM   948  C CB  . PHE A 1 118 ? 5.805   -14.936 1.748   1.00 14.89 ? 117  PHE A CB  1 
ATOM   949  C CG  . PHE A 1 118 ? 4.345   -15.332 1.944   1.00 17.61 ? 117  PHE A CG  1 
ATOM   950  C CD1 . PHE A 1 118 ? 3.718   -15.095 3.162   1.00 15.08 ? 117  PHE A CD1 1 
ATOM   951  C CD2 . PHE A 1 118 ? 3.640   -16.004 0.936   1.00 19.59 ? 117  PHE A CD2 1 
ATOM   952  C CE1 . PHE A 1 118 ? 2.355   -15.473 3.379   1.00 15.65 ? 117  PHE A CE1 1 
ATOM   953  C CE2 . PHE A 1 118 ? 2.281   -16.367 1.116   1.00 15.69 ? 117  PHE A CE2 1 
ATOM   954  C CZ  . PHE A 1 118 ? 1.658   -16.102 2.332   1.00 17.29 ? 117  PHE A CZ  1 
ATOM   955  N N   . ARG A 1 119 ? 8.621   -16.150 0.830   1.00 15.14 ? 118  ARG A N   1 
ATOM   956  C CA  . ARG A 1 119 ? 9.839   -15.622 0.171   1.00 14.78 ? 118  ARG A CA  1 
ATOM   957  C C   . ARG A 1 119 ? 9.601   -14.169 -0.350  1.00 16.09 ? 118  ARG A C   1 
ATOM   958  O O   . ARG A 1 119 ? 8.651   -13.931 -1.084  1.00 19.08 ? 118  ARG A O   1 
ATOM   959  C CB  . ARG A 1 119 ? 10.224  -16.551 -0.998  1.00 15.53 ? 118  ARG A CB  1 
ATOM   960  C CG  . ARG A 1 119 ? 11.350  -15.971 -1.902  1.00 25.21 ? 118  ARG A CG  1 
ATOM   961  C CD  . ARG A 1 119 ? 11.779  -16.986 -2.994  1.00 28.40 ? 118  ARG A CD  1 
ATOM   962  N NE  . ARG A 1 119 ? 12.373  -18.140 -2.363  1.00 35.04 ? 118  ARG A NE  1 
ATOM   963  C CZ  . ARG A 1 119 ? 11.866  -19.358 -2.403  1.00 40.62 ? 118  ARG A CZ  1 
ATOM   964  N NH1 . ARG A 1 119 ? 10.775  -19.603 -3.109  1.00 34.70 ? 118  ARG A NH1 1 
ATOM   965  N NH2 . ARG A 1 119 ? 12.472  -20.341 -1.738  1.00 39.09 ? 118  ARG A NH2 1 
ATOM   966  N N   . GLY A 1 120 ? 10.425  -13.185 0.010   1.00 16.23 ? 119  GLY A N   1 
ATOM   967  C CA  . GLY A 1 120 ? 10.262  -11.882 -0.602  1.00 16.69 ? 119  GLY A CA  1 
ATOM   968  C C   . GLY A 1 120 ? 11.549  -11.310 -1.123  1.00 20.33 ? 119  GLY A C   1 
ATOM   969  O O   . GLY A 1 120 ? 12.614  -11.762 -0.724  1.00 14.89 ? 119  GLY A O   1 
ATOM   970  N N   . ASP A 1 121 ? 11.451  -10.303 -2.011  1.00 15.60 ? 120  ASP A N   1 
ATOM   971  C CA  . ASP A 1 121 ? 12.586  -9.471  -2.380  1.00 14.94 ? 120  ASP A CA  1 
ATOM   972  C C   . ASP A 1 121 ? 12.376  -7.986  -2.055  1.00 16.77 ? 120  ASP A C   1 
ATOM   973  O O   . ASP A 1 121 ? 13.268  -7.115  -2.247  1.00 12.38 ? 120  ASP A O   1 
ATOM   974  C CB  . ASP A 1 121 ? 13.027  -9.731  -3.844  1.00 19.83 ? 120  ASP A CB  1 
ATOM   975  C CG  . ASP A 1 121 ? 11.894  -9.450  -4.868  1.00 16.48 ? 120  ASP A CG  1 
ATOM   976  O OD1 . ASP A 1 121 ? 10.984  -8.650  -4.515  1.00 13.74 ? 120  ASP A OD1 1 
ATOM   977  O OD2 . ASP A 1 121 ? 11.911  -10.062 -5.955  1.00 18.84 ? 120  ASP A OD2 1 
ATOM   978  N N   . THR A 1 122 ? 11.227  -7.680  -1.451  1.00 11.51 ? 121  THR A N   1 
ATOM   979  C CA  . THR A 1 122 ? 10.923  -6.308  -1.064  1.00 11.97 ? 121  THR A CA  1 
ATOM   980  C C   . THR A 1 122 ? 10.126  -6.303  0.252   1.00 10.11 ? 121  THR A C   1 
ATOM   981  O O   . THR A 1 122 ? 9.357   -7.252  0.534   1.00 15.58 ? 121  THR A O   1 
ATOM   982  C CB  . THR A 1 122 ? 10.112  -5.537  -2.174  1.00 13.31 ? 121  THR A CB  1 
ATOM   983  O OG1 . THR A 1 122 ? 9.177   -6.437  -2.719  1.00 20.65 ? 121  THR A OG1 1 
ATOM   984  C CG2 . THR A 1 122 ? 11.075  -5.037  -3.312  1.00 16.59 ? 121  THR A CG2 1 
ATOM   985  N N   . PHE A 1 123 ? 10.457  -5.330  1.081   1.00 16.99 ? 122  PHE A N   1 
ATOM   986  C CA  . PHE A 1 123 ? 10.039  -5.246  2.491   1.00 17.03 ? 122  PHE A CA  1 
ATOM   987  C C   . PHE A 1 123 ? 9.434   -3.914  2.871   1.00 16.42 ? 122  PHE A C   1 
ATOM   988  O O   . PHE A 1 123 ? 9.844   -2.842  2.361   1.00 18.67 ? 122  PHE A O   1 
ATOM   989  C CB  . PHE A 1 123 ? 11.226  -5.518  3.426   1.00 11.66 ? 122  PHE A CB  1 
ATOM   990  C CG  . PHE A 1 123 ? 11.662  -6.944  3.421   1.00 18.76 ? 122  PHE A CG  1 
ATOM   991  C CD1 . PHE A 1 123 ? 11.362  -7.775  4.494   1.00 12.22 ? 122  PHE A CD1 1 
ATOM   992  C CD2 . PHE A 1 123 ? 12.364  -7.475  2.320   1.00 12.42 ? 122  PHE A CD2 1 
ATOM   993  C CE1 . PHE A 1 123 ? 11.797  -9.114  4.467   1.00 15.52 ? 122  PHE A CE1 1 
ATOM   994  C CE2 . PHE A 1 123 ? 12.768  -8.839  2.277   1.00 10.86 ? 122  PHE A CE2 1 
ATOM   995  C CZ  . PHE A 1 123 ? 12.514  -9.637  3.366   1.00 15.31 ? 122  PHE A CZ  1 
ATOM   996  N N   . PHE A 1 124 ? 8.513   -3.966  3.860   1.00 13.21 ? 123  PHE A N   1 
ATOM   997  C CA  . PHE A 1 124 ? 8.062   -2.758  4.542   1.00 17.22 ? 123  PHE A CA  1 
ATOM   998  C C   . PHE A 1 124 ? 9.097   -2.402  5.626   1.00 16.10 ? 123  PHE A C   1 
ATOM   999  O O   . PHE A 1 124 ? 9.672   -3.314  6.200   1.00 14.66 ? 123  PHE A O   1 
ATOM   1000 C CB  . PHE A 1 124 ? 6.708   -3.021  5.239   1.00 14.58 ? 123  PHE A CB  1 
ATOM   1001 C CG  . PHE A 1 124 ? 6.023   -1.786  5.671   1.00 13.67 ? 123  PHE A CG  1 
ATOM   1002 C CD1 . PHE A 1 124 ? 5.478   -0.912  4.728   1.00 13.64 ? 123  PHE A CD1 1 
ATOM   1003 C CD2 . PHE A 1 124 ? 5.857   -1.491  7.033   1.00 15.36 ? 123  PHE A CD2 1 
ATOM   1004 C CE1 . PHE A 1 124 ? 4.831   0.239   5.103   1.00 18.00 ? 123  PHE A CE1 1 
ATOM   1005 C CE2 . PHE A 1 124 ? 5.223   -0.337  7.406   1.00 12.71 ? 123  PHE A CE2 1 
ATOM   1006 C CZ  . PHE A 1 124 ? 4.704   0.539   6.454   1.00 14.38 ? 123  PHE A CZ  1 
ATOM   1007 N N   . PRO A 1 125 ? 9.356   -1.088  5.883   1.00 18.34 ? 124  PRO A N   1 
ATOM   1008 C CA  . PRO A 1 125 ? 10.380  -0.768  6.885   1.00 19.29 ? 124  PRO A CA  1 
ATOM   1009 C C   . PRO A 1 125 ? 9.962   -1.161  8.313   1.00 20.98 ? 124  PRO A C   1 
ATOM   1010 O O   . PRO A 1 125 ? 8.755   -1.193  8.616   1.00 19.77 ? 124  PRO A O   1 
ATOM   1011 C CB  . PRO A 1 125 ? 10.552  0.755   6.761   1.00 20.33 ? 124  PRO A CB  1 
ATOM   1012 C CG  . PRO A 1 125 ? 9.455   1.248   5.993   1.00 18.71 ? 124  PRO A CG  1 
ATOM   1013 C CD  . PRO A 1 125 ? 8.806   0.124   5.257   1.00 18.04 ? 124  PRO A CD  1 
ATOM   1014 N N   . PRO A 1 126 ? 10.950  -1.474  9.174   1.00 19.57 ? 125  PRO A N   1 
ATOM   1015 C CA  . PRO A 1 126 ? 10.648  -1.742  10.594  1.00 18.88 ? 125  PRO A CA  1 
ATOM   1016 C C   . PRO A 1 126 ? 9.931   -0.535  11.225  1.00 18.92 ? 125  PRO A C   1 
ATOM   1017 O O   . PRO A 1 126 ? 10.168  0.588   10.842  1.00 19.17 ? 125  PRO A O   1 
ATOM   1018 C CB  . PRO A 1 126 ? 12.037  -1.983  11.227  1.00 24.52 ? 125  PRO A CB  1 
ATOM   1019 C CG  . PRO A 1 126 ? 12.934  -2.338  10.035  1.00 23.93 ? 125  PRO A CG  1 
ATOM   1020 C CD  . PRO A 1 126 ? 12.399  -1.569  8.860   1.00 18.35 ? 125  PRO A CD  1 
ATOM   1021 N N   . TYR A 1 127 ? 8.978   -0.780  12.113  1.00 17.59 ? 126  TYR A N   1 
ATOM   1022 C CA  . TYR A 1 127 ? 8.286   0.274   12.857  1.00 19.55 ? 126  TYR A CA  1 
ATOM   1023 C C   . TYR A 1 127 ? 8.035   -0.304  14.265  1.00 20.82 ? 126  TYR A C   1 
ATOM   1024 O O   . TYR A 1 127 ? 8.018   -1.521  14.447  1.00 22.33 ? 126  TYR A O   1 
ATOM   1025 C CB  . TYR A 1 127 ? 6.952   0.695   12.163  1.00 20.05 ? 126  TYR A CB  1 
ATOM   1026 C CG  . TYR A 1 127 ? 5.952   -0.421  11.918  1.00 14.67 ? 126  TYR A CG  1 
ATOM   1027 C CD1 . TYR A 1 127 ? 6.030   -1.210  10.766  1.00 16.63 ? 126  TYR A CD1 1 
ATOM   1028 C CD2 . TYR A 1 127 ? 4.909   -0.671  12.827  1.00 16.38 ? 126  TYR A CD2 1 
ATOM   1029 C CE1 . TYR A 1 127 ? 5.141   -2.232  10.529  1.00 18.93 ? 126  TYR A CE1 1 
ATOM   1030 C CE2 . TYR A 1 127 ? 4.022   -1.705  12.613  1.00 15.24 ? 126  TYR A CE2 1 
ATOM   1031 C CZ  . TYR A 1 127 ? 4.118   -2.488  11.469  1.00 18.56 ? 126  TYR A CZ  1 
ATOM   1032 O OH  . TYR A 1 127 ? 3.213   -3.530  11.285  1.00 14.34 ? 126  TYR A OH  1 
ATOM   1033 N N   . THR A 1 128 ? 7.798   0.563   15.232  1.00 24.66 ? 127  THR A N   1 
ATOM   1034 C CA  . THR A 1 128 ? 7.576   0.118   16.583  1.00 25.87 ? 127  THR A CA  1 
ATOM   1035 C C   . THR A 1 128 ? 6.214   0.629   17.118  1.00 23.99 ? 127  THR A C   1 
ATOM   1036 O O   . THR A 1 128 ? 5.794   1.732   16.821  1.00 22.02 ? 127  THR A O   1 
ATOM   1037 C CB  . THR A 1 128 ? 8.786   0.536   17.483  1.00 29.76 ? 127  THR A CB  1 
ATOM   1038 O OG1 . THR A 1 128 ? 8.532   0.165   18.847  1.00 34.02 ? 127  THR A OG1 1 
ATOM   1039 C CG2 . THR A 1 128 ? 9.048   2.037   17.346  1.00 24.92 ? 127  THR A CG2 1 
ATOM   1040 N N   . PHE A 1 129 ? 5.524   -0.188  17.900  1.00 28.60 ? 128  PHE A N   1 
ATOM   1041 C CA  . PHE A 1 129 ? 4.291   0.262   18.540  1.00 30.72 ? 128  PHE A CA  1 
ATOM   1042 C C   . PHE A 1 129 ? 4.532   1.346   19.587  1.00 31.47 ? 128  PHE A C   1 
ATOM   1043 O O   . PHE A 1 129 ? 3.608   2.016   20.028  1.00 34.83 ? 128  PHE A O   1 
ATOM   1044 C CB  . PHE A 1 129 ? 3.455   -0.925  19.034  1.00 32.15 ? 128  PHE A CB  1 
ATOM   1045 C CG  . PHE A 1 129 ? 2.855   -1.756  17.894  1.00 29.02 ? 128  PHE A CG  1 
ATOM   1046 C CD1 . PHE A 1 129 ? 1.874   -1.220  17.066  1.00 34.66 ? 128  PHE A CD1 1 
ATOM   1047 C CD2 . PHE A 1 129 ? 3.310   -3.040  17.627  1.00 39.90 ? 128  PHE A CD2 1 
ATOM   1048 C CE1 . PHE A 1 129 ? 1.344   -1.963  16.013  1.00 37.02 ? 128  PHE A CE1 1 
ATOM   1049 C CE2 . PHE A 1 129 ? 2.795   -3.782  16.562  1.00 34.22 ? 128  PHE A CE2 1 
ATOM   1050 C CZ  . PHE A 1 129 ? 1.789   -3.234  15.769  1.00 32.31 ? 128  PHE A CZ  1 
ATOM   1051 N N   . GLU A 1 130 ? 5.783   1.581   19.951  1.00 31.09 ? 129  GLU A N   1 
ATOM   1052 C CA  . GLU A 1 130 ? 6.101   2.780   20.714  1.00 31.11 ? 129  GLU A CA  1 
ATOM   1053 C C   . GLU A 1 130 ? 5.703   4.025   19.935  1.00 30.84 ? 129  GLU A C   1 
ATOM   1054 O O   . GLU A 1 130 ? 5.427   5.059   20.510  1.00 28.41 ? 129  GLU A O   1 
ATOM   1055 C CB  . GLU A 1 130 ? 7.592   2.843   21.083  1.00 32.78 ? 129  GLU A CB  1 
ATOM   1056 C CG  . GLU A 1 130 ? 8.191   1.524   21.592  0.50 34.36 ? 129  GLU A CG  1 
ATOM   1057 C CD  . GLU A 1 130 ? 9.717   1.565   21.709  0.50 36.70 ? 129  GLU A CD  1 
ATOM   1058 O OE1 . GLU A 1 130 ? 10.224  2.249   22.618  0.50 41.53 ? 129  GLU A OE1 1 
ATOM   1059 O OE2 . GLU A 1 130 ? 10.412  0.900   20.901  0.50 39.19 ? 129  GLU A OE2 1 
ATOM   1060 N N   . ASP A 1 131 ? 5.677   3.959   18.613  1.00 25.41 ? 130  ASP A N   1 
ATOM   1061 C CA  . ASP A 1 131 ? 5.395   5.171   17.857  1.00 25.73 ? 130  ASP A CA  1 
ATOM   1062 C C   . ASP A 1 131 ? 3.936   5.281   17.397  1.00 23.70 ? 130  ASP A C   1 
ATOM   1063 O O   . ASP A 1 131 ? 3.567   6.328   16.892  1.00 25.29 ? 130  ASP A O   1 
ATOM   1064 C CB  . ASP A 1 131 ? 6.298   5.249   16.606  1.00 24.91 ? 130  ASP A CB  1 
ATOM   1065 C CG  . ASP A 1 131 ? 7.733   5.583   16.951  1.00 36.65 ? 130  ASP A CG  1 
ATOM   1066 O OD1 . ASP A 1 131 ? 7.938   6.180   18.033  1.00 34.22 ? 130  ASP A OD1 1 
ATOM   1067 O OD2 . ASP A 1 131 ? 8.644   5.206   16.157  1.00 38.94 ? 130  ASP A OD2 1 
ATOM   1068 N N   . TRP A 1 132 ? 3.159   4.187   17.517  1.00 22.36 ? 131  TRP A N   1 
ATOM   1069 C CA  . TRP A 1 132 ? 1.910   3.950   16.712  1.00 19.62 ? 131  TRP A CA  1 
ATOM   1070 C C   . TRP A 1 132 ? 0.849   3.356   17.617  1.00 18.44 ? 131  TRP A C   1 
ATOM   1071 O O   . TRP A 1 132 ? 1.054   2.321   18.208  1.00 21.65 ? 131  TRP A O   1 
ATOM   1072 C CB  . TRP A 1 132 ? 2.111   2.962   15.550  1.00 17.60 ? 131  TRP A CB  1 
ATOM   1073 C CG  . TRP A 1 132 ? 3.060   3.486   14.495  1.00 20.28 ? 131  TRP A CG  1 
ATOM   1074 C CD1 . TRP A 1 132 ? 4.414   3.216   14.405  1.00 20.40 ? 131  TRP A CD1 1 
ATOM   1075 C CD2 . TRP A 1 132 ? 2.774   4.432   13.439  1.00 15.09 ? 131  TRP A CD2 1 
ATOM   1076 N NE1 . TRP A 1 132 ? 4.972   3.908   13.341  1.00 22.32 ? 131  TRP A NE1 1 
ATOM   1077 C CE2 . TRP A 1 132 ? 4.002   4.662   12.734  1.00 19.97 ? 131  TRP A CE2 1 
ATOM   1078 C CE3 . TRP A 1 132 ? 1.612   5.061   12.982  1.00 20.42 ? 131  TRP A CE3 1 
ATOM   1079 C CZ2 . TRP A 1 132 ? 4.084   5.512   11.625  1.00 22.51 ? 131  TRP A CZ2 1 
ATOM   1080 C CZ3 . TRP A 1 132 ? 1.691   5.904   11.843  1.00 20.88 ? 131  TRP A CZ3 1 
ATOM   1081 C CH2 . TRP A 1 132 ? 2.922   6.109   11.180  1.00 18.51 ? 131  TRP A CH2 1 
ATOM   1082 N N   . GLU A 1 133 ? -0.272  4.052   17.736  1.00 18.14 ? 132  GLU A N   1 
ATOM   1083 C CA  . GLU A 1 133 ? -1.404  3.584   18.543  1.00 21.67 ? 132  GLU A CA  1 
ATOM   1084 C C   . GLU A 1 133 ? -2.254  2.648   17.659  1.00 21.33 ? 132  GLU A C   1 
ATOM   1085 O O   . GLU A 1 133 ? -2.542  3.000   16.520  1.00 18.34 ? 132  GLU A O   1 
ATOM   1086 C CB  . GLU A 1 133 ? -2.246  4.765   18.858  1.00 21.18 ? 132  GLU A CB  1 
ATOM   1087 C CG  . GLU A 1 133 ? -3.546  4.397   19.458  1.00 30.65 ? 132  GLU A CG  1 
ATOM   1088 C CD  . GLU A 1 133 ? -3.511  4.561   20.907  1.00 44.17 ? 132  GLU A CD  1 
ATOM   1089 O OE1 . GLU A 1 133 ? -2.553  4.034   21.522  1.00 53.49 ? 132  GLU A OE1 1 
ATOM   1090 O OE2 . GLU A 1 133 ? -4.420  5.236   21.430  1.00 51.06 ? 132  GLU A OE2 1 
ATOM   1091 N N   . VAL A 1 134 ? -2.656  1.493   18.184  1.00 16.13 ? 133  VAL A N   1 
ATOM   1092 C CA  . VAL A 1 134 ? -3.520  0.587   17.445  1.00 18.45 ? 133  VAL A CA  1 
ATOM   1093 C C   . VAL A 1 134 ? -4.984  1.107   17.555  1.00 21.30 ? 133  VAL A C   1 
ATOM   1094 O O   . VAL A 1 134 ? -5.676  0.859   18.548  1.00 19.18 ? 133  VAL A O   1 
ATOM   1095 C CB  . VAL A 1 134 ? -3.394  -0.835  17.993  1.00 20.53 ? 133  VAL A CB  1 
ATOM   1096 C CG1 . VAL A 1 134 ? -4.260  -1.779  17.205  1.00 15.87 ? 133  VAL A CG1 1 
ATOM   1097 C CG2 . VAL A 1 134 ? -1.920  -1.335  17.994  1.00 22.13 ? 133  VAL A CG2 1 
ATOM   1098 N N   . ALA A 1 135 ? -5.409  1.889   16.566  1.00 16.80 ? 134  ALA A N   1 
ATOM   1099 C CA  . ALA A 1 135 ? -6.783  2.371   16.503  1.00 14.86 ? 134  ALA A CA  1 
ATOM   1100 C C   . ALA A 1 135 ? -7.792  1.198   16.391  1.00 16.79 ? 134  ALA A C   1 
ATOM   1101 O O   . ALA A 1 135 ? -8.929  1.258   16.906  1.00 18.74 ? 134  ALA A O   1 
ATOM   1102 C CB  . ALA A 1 135 ? -6.918  3.304   15.333  1.00 13.25 ? 134  ALA A CB  1 
ATOM   1103 N N   . SER A 1 136 ? -7.388  0.154   15.684  1.00 15.83 ? 135  SER A N   1 
ATOM   1104 C CA  . SER A 1 136 ? -8.192  -1.053  15.507  1.00 16.66 ? 135  SER A CA  1 
ATOM   1105 C C   . SER A 1 136 ? -7.342  -2.219  15.035  1.00 20.07 ? 135  SER A C   1 
ATOM   1106 O O   . SER A 1 136 ? -6.282  -2.051  14.385  1.00 16.60 ? 135  SER A O   1 
ATOM   1107 C CB  . SER A 1 136 ? -9.382  -0.820  14.551  1.00 18.20 ? 135  SER A CB  1 
ATOM   1108 O OG  . SER A 1 136 ? -8.985  -0.457  13.244  1.00 19.54 ? 135  SER A OG  1 
ATOM   1109 N N   . SER A 1 137 ? -7.839  -3.399  15.312  1.00 15.41 ? 136  SER A N   1 
ATOM   1110 C CA  . SER A 1 137 ? -7.163  -4.638  14.959  1.00 17.57 ? 136  SER A CA  1 
ATOM   1111 C C   . SER A 1 137 ? -8.273  -5.642  14.751  1.00 20.06 ? 136  SER A C   1 
ATOM   1112 O O   . SER A 1 137 ? -8.995  -5.980  15.721  1.00 18.87 ? 136  SER A O   1 
ATOM   1113 C CB  . SER A 1 137 ? -6.241  -5.121  16.088  1.00 16.53 ? 136  SER A CB  1 
ATOM   1114 O OG  . SER A 1 137 ? -5.627  -6.333  15.655  1.00 16.10 ? 136  SER A OG  1 
ATOM   1115 N N   . VAL A 1 138 ? -8.468  -6.068  13.484  1.00 18.54 ? 137  VAL A N   1 
ATOM   1116 C CA  . VAL A 1 138 ? -9.590  -6.941  13.113  1.00 17.28 ? 137  VAL A CA  1 
ATOM   1117 C C   . VAL A 1 138 ? -9.040  -8.182  12.365  1.00 19.46 ? 137  VAL A C   1 
ATOM   1118 O O   . VAL A 1 138 ? -8.396  -8.080  11.308  1.00 16.22 ? 137  VAL A O   1 
ATOM   1119 C CB  . VAL A 1 138 ? -10.599 -6.211  12.230  1.00 24.29 ? 137  VAL A CB  1 
ATOM   1120 C CG1 . VAL A 1 138 ? -11.797 -7.132  11.880  1.00 18.42 ? 137  VAL A CG1 1 
ATOM   1121 C CG2 . VAL A 1 138 ? -11.072 -4.858  12.894  1.00 22.89 ? 137  VAL A CG2 1 
ATOM   1122 N N   . GLU A 1 139 ? -9.229  -9.333  12.972  1.00 14.72 ? 138  GLU A N   1 
ATOM   1123 C CA  . GLU A 1 139 ? -8.906  -10.637 12.384  1.00 18.43 ? 138  GLU A CA  1 
ATOM   1124 C C   . GLU A 1 139 ? -9.712  -10.874 11.107  1.00 21.69 ? 138  GLU A C   1 
ATOM   1125 O O   . GLU A 1 139 ? -10.939 -10.530 11.019  1.00 19.19 ? 138  GLU A O   1 
ATOM   1126 C CB  . GLU A 1 139 ? -9.165  -11.671 13.439  1.00 17.87 ? 138  GLU A CB  1 
ATOM   1127 C CG  . GLU A 1 139 ? -8.845  -13.073 13.018  1.00 31.95 ? 138  GLU A CG  1 
ATOM   1128 C CD  . GLU A 1 139 ? -9.290  -14.103 14.030  1.00 37.15 ? 138  GLU A CD  1 
ATOM   1129 O OE1 . GLU A 1 139 ? -9.256  -13.775 15.248  1.00 27.82 ? 138  GLU A OE1 1 
ATOM   1130 O OE2 . GLU A 1 139 ? -9.657  -15.240 13.581  1.00 33.37 ? 138  GLU A OE2 1 
ATOM   1131 N N   . GLY A 1 140 ? -9.011  -11.333 10.059  1.00 19.28 ? 139  GLY A N   1 
ATOM   1132 C CA  . GLY A 1 140 ? -9.627  -11.497 8.738   1.00 19.34 ? 139  GLY A CA  1 
ATOM   1133 C C   . GLY A 1 140 ? -10.290 -12.855 8.774   1.00 18.67 ? 139  GLY A C   1 
ATOM   1134 O O   . GLY A 1 140 ? -9.795  -13.789 9.413   1.00 19.65 ? 139  GLY A O   1 
ATOM   1135 N N   . LYS A 1 141 ? -11.431 -12.983 8.103   1.00 21.78 ? 140  LYS A N   1 
ATOM   1136 C CA  . LYS A 1 141 ? -12.149 -14.256 8.105   1.00 26.38 ? 140  LYS A CA  1 
ATOM   1137 C C   . LYS A 1 141 ? -11.570 -15.172 7.025   1.00 19.81 ? 140  LYS A C   1 
ATOM   1138 O O   . LYS A 1 141 ? -11.234 -14.729 5.938   1.00 22.27 ? 140  LYS A O   1 
ATOM   1139 C CB  . LYS A 1 141 ? -13.669 -14.008 7.878   1.00 26.73 ? 140  LYS A CB  1 
ATOM   1140 C CG  . LYS A 1 141 ? -14.343 -14.880 6.781   1.00 37.92 ? 140  LYS A CG  1 
ATOM   1141 C CD  . LYS A 1 141 ? -15.458 -14.096 5.985   1.00 36.42 ? 140  LYS A CD  1 
ATOM   1142 C CE  . LYS A 1 141 ? -16.828 -14.294 6.619   1.00 51.52 ? 140  LYS A CE  1 
ATOM   1143 N NZ  . LYS A 1 141 ? -17.155 -15.769 6.558   1.00 60.81 ? 140  LYS A NZ  1 
ATOM   1144 N N   . LEU A 1 142 ? -11.449 -16.449 7.339   1.00 22.00 ? 141  LEU A N   1 
ATOM   1145 C CA  . LEU A 1 142 ? -10.843 -17.389 6.406   1.00 23.13 ? 141  LEU A CA  1 
ATOM   1146 C C   . LEU A 1 142 ? -11.919 -18.221 5.723   1.00 25.68 ? 141  LEU A C   1 
ATOM   1147 O O   . LEU A 1 142 ? -12.974 -18.493 6.295   1.00 26.12 ? 141  LEU A O   1 
ATOM   1148 C CB  . LEU A 1 142 ? -9.869  -18.311 7.134   1.00 22.54 ? 141  LEU A CB  1 
ATOM   1149 C CG  . LEU A 1 142 ? -8.804  -17.599 7.973   1.00 22.23 ? 141  LEU A CG  1 
ATOM   1150 C CD1 . LEU A 1 142 ? -7.748  -18.602 8.494   1.00 24.21 ? 141  LEU A CD1 1 
ATOM   1151 C CD2 . LEU A 1 142 ? -8.194  -16.422 7.207   1.00 20.59 ? 141  LEU A CD2 1 
ATOM   1152 N N   . ASP A 1 143 ? -11.647 -18.614 4.501   1.00 25.47 ? 142  ASP A N   1 
ATOM   1153 C CA  . ASP A 1 143 ? -12.442 -19.620 3.846   1.00 29.58 ? 142  ASP A CA  1 
ATOM   1154 C C   . ASP A 1 143 ? -11.530 -20.344 2.804   1.00 31.67 ? 142  ASP A C   1 
ATOM   1155 O O   . ASP A 1 143 ? -10.302 -20.127 2.788   1.00 30.58 ? 142  ASP A O   1 
ATOM   1156 C CB  . ASP A 1 143 ? -13.683 -18.959 3.256   1.00 29.27 ? 142  ASP A CB  1 
ATOM   1157 C CG  . ASP A 1 143 ? -13.351 -17.962 2.165   1.00 33.68 ? 142  ASP A CG  1 
ATOM   1158 O OD1 . ASP A 1 143 ? -12.284 -18.081 1.529   1.00 42.56 ? 142  ASP A OD1 1 
ATOM   1159 O OD2 . ASP A 1 143 ? -14.169 -17.057 1.923   1.00 43.53 ? 142  ASP A OD2 1 
ATOM   1160 N N   . GLU A 1 144 ? -12.081 -21.236 1.987   1.00 34.32 ? 143  GLU A N   1 
ATOM   1161 C CA  . GLU A 1 144 ? -11.221 -22.041 1.115   1.00 36.82 ? 143  GLU A CA  1 
ATOM   1162 C C   . GLU A 1 144 ? -10.434 -21.158 0.165   1.00 35.87 ? 143  GLU A C   1 
ATOM   1163 O O   . GLU A 1 144 ? -9.243  -21.403 -0.051  1.00 37.64 ? 143  GLU A O   1 
ATOM   1164 C CB  . GLU A 1 144 ? -12.030 -23.047 0.302   1.00 38.15 ? 143  GLU A CB  1 
ATOM   1165 C CG  . GLU A 1 144 ? -12.355 -24.322 1.071   1.00 44.60 ? 143  GLU A CG  1 
ATOM   1166 C CD  . GLU A 1 144 ? -12.775 -25.432 0.130   1.00 56.01 ? 143  GLU A CD  1 
ATOM   1167 O OE1 . GLU A 1 144 ? -12.746 -25.191 -1.109  1.00 57.88 ? 143  GLU A OE1 1 
ATOM   1168 O OE2 . GLU A 1 144 ? -13.121 -26.531 0.626   1.00 57.73 ? 143  GLU A OE2 1 
ATOM   1169 N N   . LYS A 1 145 ? -11.085 -20.122 -0.364  1.00 34.94 ? 144  LYS A N   1 
ATOM   1170 C CA  . LYS A 1 145 ? -10.415 -19.102 -1.199  1.00 35.00 ? 144  LYS A CA  1 
ATOM   1171 C C   . LYS A 1 145 ? -9.509  -18.084 -0.438  1.00 35.48 ? 144  LYS A C   1 
ATOM   1172 O O   . LYS A 1 145 ? -8.775  -17.308 -1.080  1.00 35.73 ? 144  LYS A O   1 
ATOM   1173 C CB  . LYS A 1 145 ? -11.476 -18.331 -1.995  1.00 37.52 ? 144  LYS A CB  1 
ATOM   1174 C CG  . LYS A 1 145 ? -12.520 -19.203 -2.688  0.50 37.20 ? 144  LYS A CG  1 
ATOM   1175 C CD  . LYS A 1 145 ? -12.216 -19.301 -4.155  0.50 37.56 ? 144  LYS A CD  1 
ATOM   1176 C CE  . LYS A 1 145 ? -13.001 -20.436 -4.794  0.50 41.02 ? 144  LYS A CE  1 
ATOM   1177 N NZ  . LYS A 1 145 ? -13.658 -19.943 -6.024  0.50 40.35 ? 144  LYS A NZ  1 
ATOM   1178 N N   . ASN A 1 146 ? -9.591  -18.035 0.910   1.00 30.53 ? 145  ASN A N   1 
ATOM   1179 C CA  . ASN A 1 146 ? -8.823  -17.021 1.707   1.00 28.74 ? 145  ASN A CA  1 
ATOM   1180 C C   . ASN A 1 146 ? -8.258  -17.742 2.878   1.00 25.74 ? 145  ASN A C   1 
ATOM   1181 O O   . ASN A 1 146 ? -8.853  -17.785 3.952   1.00 22.63 ? 145  ASN A O   1 
ATOM   1182 C CB  . ASN A 1 146 ? -9.696  -15.854 2.222   1.00 25.53 ? 145  ASN A CB  1 
ATOM   1183 C CG  . ASN A 1 146 ? -10.171 -14.950 1.101   1.00 27.09 ? 145  ASN A CG  1 
ATOM   1184 O OD1 . ASN A 1 146 ? -9.552  -13.918 0.800   1.00 21.67 ? 145  ASN A OD1 1 
ATOM   1185 N ND2 . ASN A 1 146 ? -11.297 -15.334 0.468   1.00 25.10 ? 145  ASN A ND2 1 
ATOM   1186 N N   . THR A 1 147 ? -7.144  -18.419 2.644   1.00 22.81 ? 146  THR A N   1 
ATOM   1187 C CA  . THR A 1 147 ? -6.796  -19.486 3.516   1.00 21.82 ? 146  THR A CA  1 
ATOM   1188 C C   . THR A 1 147 ? -5.571  -19.034 4.363   1.00 22.27 ? 146  THR A C   1 
ATOM   1189 O O   . THR A 1 147 ? -5.101  -19.774 5.176   1.00 21.62 ? 146  THR A O   1 
ATOM   1190 C CB  . THR A 1 147 ? -6.546  -20.782 2.719   1.00 25.81 ? 146  THR A CB  1 
ATOM   1191 O OG1 . THR A 1 147 ? -5.327  -20.661 1.973   1.00 32.54 ? 146  THR A OG1 1 
ATOM   1192 C CG2 . THR A 1 147 ? -7.667  -20.985 1.664   1.00 31.04 ? 146  THR A CG2 1 
ATOM   1193 N N   . ILE A 1 148 ? -5.066  -17.817 4.160   1.00 17.30 ? 147  ILE A N   1 
ATOM   1194 C CA  . ILE A 1 148 ? -3.893  -17.396 4.931   1.00 19.72 ? 147  ILE A CA  1 
ATOM   1195 C C   . ILE A 1 148 ? -4.426  -16.499 6.102   1.00 15.01 ? 147  ILE A C   1 
ATOM   1196 O O   . ILE A 1 148 ? -5.139  -15.541 5.844   1.00 15.31 ? 147  ILE A O   1 
ATOM   1197 C CB  . ILE A 1 148 ? -2.910  -16.532 4.085   1.00 18.95 ? 147  ILE A CB  1 
ATOM   1198 C CG1 . ILE A 1 148 ? -2.545  -17.201 2.732   1.00 23.41 ? 147  ILE A CG1 1 
ATOM   1199 C CG2 . ILE A 1 148 ? -1.639  -16.171 4.942   1.00 20.38 ? 147  ILE A CG2 1 
ATOM   1200 C CD1 . ILE A 1 148 ? -2.105  -16.196 1.604   1.00 22.55 ? 147  ILE A CD1 1 
ATOM   1201 N N   . PRO A 1 149 ? -4.071  -16.819 7.355   1.00 19.67 ? 148  PRO A N   1 
ATOM   1202 C CA  . PRO A 1 149 ? -4.575  -15.881 8.406   1.00 17.61 ? 148  PRO A CA  1 
ATOM   1203 C C   . PRO A 1 149 ? -4.007  -14.490 8.206   1.00 17.36 ? 148  PRO A C   1 
ATOM   1204 O O   . PRO A 1 149 ? -2.855  -14.304 7.751   1.00 15.70 ? 148  PRO A O   1 
ATOM   1205 C CB  . PRO A 1 149 ? -4.089  -16.511 9.711   1.00 18.07 ? 148  PRO A CB  1 
ATOM   1206 C CG  . PRO A 1 149 ? -3.735  -18.007 9.375   1.00 21.30 ? 148  PRO A CG  1 
ATOM   1207 C CD  . PRO A 1 149 ? -3.249  -17.906 7.924   1.00 18.08 ? 148  PRO A CD  1 
ATOM   1208 N N   . HIS A 1 150 ? -4.818  -13.501 8.504   1.00 16.13 ? 149  HIS A N   1 
ATOM   1209 C CA  . HIS A 1 150 ? -4.398  -12.143 8.354   1.00 15.57 ? 149  HIS A CA  1 
ATOM   1210 C C   . HIS A 1 150 ? -5.122  -11.252 9.342   1.00 16.57 ? 149  HIS A C   1 
ATOM   1211 O O   . HIS A 1 150 ? -6.195  -11.606 9.799   1.00 18.77 ? 149  HIS A O   1 
ATOM   1212 C CB  . HIS A 1 150 ? -4.661  -11.670 6.926   1.00 13.53 ? 149  HIS A CB  1 
ATOM   1213 C CG  . HIS A 1 150 ? -6.058  -11.901 6.441   1.00 12.47 ? 149  HIS A CG  1 
ATOM   1214 N ND1 . HIS A 1 150 ? -6.579  -13.157 6.192   1.00 15.48 ? 149  HIS A ND1 1 
ATOM   1215 C CD2 . HIS A 1 150 ? -7.049  -11.020 6.158   1.00 18.32 ? 149  HIS A CD2 1 
ATOM   1216 C CE1 . HIS A 1 150 ? -7.822  -13.031 5.740   1.00 15.96 ? 149  HIS A CE1 1 
ATOM   1217 N NE2 . HIS A 1 150 ? -8.130  -11.751 5.723   1.00 15.16 ? 149  HIS A NE2 1 
ATOM   1218 N N   . THR A 1 151 ? -4.540  -10.099 9.648   1.00 16.82 ? 150  THR A N   1 
ATOM   1219 C CA  . THR A 1 151 ? -5.192  -9.106  10.538  1.00 18.39 ? 150  THR A CA  1 
ATOM   1220 C C   . THR A 1 151 ? -5.083  -7.745  9.940   1.00 15.84 ? 150  THR A C   1 
ATOM   1221 O O   . THR A 1 151 ? -4.017  -7.350  9.506   1.00 15.56 ? 150  THR A O   1 
ATOM   1222 C CB  . THR A 1 151 ? -4.533  -9.098  11.939  1.00 20.17 ? 150  THR A CB  1 
ATOM   1223 O OG1 . THR A 1 151 ? -4.571  -10.427 12.415  1.00 16.62 ? 150  THR A OG1 1 
ATOM   1224 C CG2 . THR A 1 151 ? -5.274  -8.187  12.952  1.00 18.85 ? 150  THR A CG2 1 
ATOM   1225 N N   . PHE A 1 152 ? -6.210  -7.024  9.908   1.00 14.13 ? 151  PHE A N   1 
ATOM   1226 C CA  . PHE A 1 152 ? -6.255  -5.667  9.491   1.00 15.26 ? 151  PHE A CA  1 
ATOM   1227 C C   . PHE A 1 152 ? -5.978  -4.719  10.637  1.00 18.31 ? 151  PHE A C   1 
ATOM   1228 O O   . PHE A 1 152 ? -6.802  -4.626  11.592  1.00 18.50 ? 151  PHE A O   1 
ATOM   1229 C CB  . PHE A 1 152 ? -7.663  -5.372  8.904   1.00 16.71 ? 151  PHE A CB  1 
ATOM   1230 C CG  . PHE A 1 152 ? -8.035  -6.281  7.754   1.00 19.15 ? 151  PHE A CG  1 
ATOM   1231 C CD1 . PHE A 1 152 ? -7.428  -6.131  6.505   1.00 14.44 ? 151  PHE A CD1 1 
ATOM   1232 C CD2 . PHE A 1 152 ? -8.972  -7.284  7.918   1.00 21.61 ? 151  PHE A CD2 1 
ATOM   1233 C CE1 . PHE A 1 152 ? -7.798  -6.927  5.421   1.00 17.51 ? 151  PHE A CE1 1 
ATOM   1234 C CE2 . PHE A 1 152 ? -9.312  -8.118  6.836   1.00 18.86 ? 151  PHE A CE2 1 
ATOM   1235 C CZ  . PHE A 1 152 ? -8.713  -7.924  5.586   1.00 16.22 ? 151  PHE A CZ  1 
ATOM   1236 N N   . LEU A 1 153 ? -4.855  -3.990  10.553  1.00 13.90 ? 152  LEU A N   1 
ATOM   1237 C CA  . LEU A 1 153 ? -4.550  -2.985  11.570  1.00 18.62 ? 152  LEU A CA  1 
ATOM   1238 C C   . LEU A 1 153 ? -4.811  -1.597  11.032  1.00 18.92 ? 152  LEU A C   1 
ATOM   1239 O O   . LEU A 1 153 ? -4.499  -1.313  9.874   1.00 19.72 ? 152  LEU A O   1 
ATOM   1240 C CB  . LEU A 1 153 ? -3.089  -3.069  12.006  1.00 17.55 ? 152  LEU A CB  1 
ATOM   1241 C CG  . LEU A 1 153 ? -2.537  -4.357  12.584  1.00 19.14 ? 152  LEU A CG  1 
ATOM   1242 C CD1 . LEU A 1 153 ? -0.989  -4.246  12.878  1.00 17.68 ? 152  LEU A CD1 1 
ATOM   1243 C CD2 . LEU A 1 153 ? -3.282  -4.745  13.856  1.00 19.52 ? 152  LEU A CD2 1 
ATOM   1244 N N   . HIS A 1 154 ? -5.332  -0.695  11.870  1.00 15.33 ? 153  HIS A N   1 
ATOM   1245 C CA  . HIS A 1 154 ? -5.204  0.716   11.577  1.00 14.65 ? 153  HIS A CA  1 
ATOM   1246 C C   . HIS A 1 154 ? -4.383  1.357   12.696  1.00 17.48 ? 153  HIS A C   1 
ATOM   1247 O O   . HIS A 1 154 ? -4.792  1.335   13.863  1.00 18.90 ? 153  HIS A O   1 
ATOM   1248 C CB  . HIS A 1 154 ? -6.597  1.366   11.450  1.00 15.70 ? 153  HIS A CB  1 
ATOM   1249 C CG  . HIS A 1 154 ? -6.560  2.830   11.160  1.00 21.62 ? 153  HIS A CG  1 
ATOM   1250 N ND1 . HIS A 1 154 ? -7.542  3.709   11.577  1.00 17.01 ? 153  HIS A ND1 1 
ATOM   1251 C CD2 . HIS A 1 154 ? -5.640  3.580   10.503  1.00 17.42 ? 153  HIS A CD2 1 
ATOM   1252 C CE1 . HIS A 1 154 ? -7.248  4.928   11.151  1.00 25.88 ? 153  HIS A CE1 1 
ATOM   1253 N NE2 . HIS A 1 154 ? -6.104  4.875   10.481  1.00 20.12 ? 153  HIS A NE2 1 
ATOM   1254 N N   . LEU A 1 155 ? -3.243  1.965   12.340  1.00 14.82 ? 154  LEU A N   1 
ATOM   1255 C CA  . LEU A 1 155 ? -2.290  2.545   13.337  1.00 16.66 ? 154  LEU A CA  1 
ATOM   1256 C C   . LEU A 1 155 ? -2.247  4.042   13.140  1.00 15.13 ? 154  LEU A C   1 
ATOM   1257 O O   . LEU A 1 155 ? -2.198  4.531   11.984  1.00 17.73 ? 154  LEU A O   1 
ATOM   1258 C CB  . LEU A 1 155 ? -0.859  1.973   13.134  1.00 14.89 ? 154  LEU A CB  1 
ATOM   1259 C CG  . LEU A 1 155 ? -0.692  0.455   13.093  1.00 17.63 ? 154  LEU A CG  1 
ATOM   1260 C CD1 . LEU A 1 155 ? 0.809   0.116   13.138  1.00 20.84 ? 154  LEU A CD1 1 
ATOM   1261 C CD2 . LEU A 1 155 ? -1.312  -0.126  14.280  1.00 15.62 ? 154  LEU A CD2 1 
ATOM   1262 N N   . ILE A 1 156 ? -2.248  4.786   14.242  1.00 14.85 ? 155  ILE A N   1 
ATOM   1263 C CA  . ILE A 1 156 ? -2.246  6.222   14.167  1.00 19.40 ? 155  ILE A CA  1 
ATOM   1264 C C   . ILE A 1 156 ? -0.935  6.716   14.854  1.00 21.07 ? 155  ILE A C   1 
ATOM   1265 O O   . ILE A 1 156 ? -0.549  6.226   15.925  1.00 20.86 ? 155  ILE A O   1 
ATOM   1266 C CB  . ILE A 1 156 ? -3.524  6.815   14.843  1.00 19.86 ? 155  ILE A CB  1 
ATOM   1267 C CG1 . ILE A 1 156 ? -4.729  6.366   14.013  1.00 18.79 ? 155  ILE A CG1 1 
ATOM   1268 C CG2 . ILE A 1 156 ? -3.411  8.381   14.882  1.00 19.99 ? 155  ILE A CG2 1 
ATOM   1269 C CD1 . ILE A 1 156 ? -6.113  6.896   14.455  1.00 23.37 ? 155  ILE A CD1 1 
ATOM   1270 N N   . ARG A 1 157 ? -0.227  7.627   14.207  1.00 20.73 ? 156  ARG A N   1 
ATOM   1271 C CA  . ARG A 1 157 ? 1.062   8.036   14.776  1.00 25.28 ? 156  ARG A CA  1 
ATOM   1272 C C   . ARG A 1 157 ? 0.778   8.735   16.120  1.00 25.48 ? 156  ARG A C   1 
ATOM   1273 O O   . ARG A 1 157 ? -0.053  9.625   16.177  1.00 24.25 ? 156  ARG A O   1 
ATOM   1274 C CB  . ARG A 1 157 ? 1.803   8.993   13.842  1.00 23.56 ? 156  ARG A CB  1 
ATOM   1275 C CG  . ARG A 1 157 ? 3.118   9.448   14.419  1.00 26.44 ? 156  ARG A CG  1 
ATOM   1276 C CD  . ARG A 1 157 ? 3.675   10.545  13.557  1.00 29.94 ? 156  ARG A CD  1 
ATOM   1277 N NE  . ARG A 1 157 ? 3.767   10.115  12.152  1.00 33.08 ? 156  ARG A NE  1 
ATOM   1278 C CZ  . ARG A 1 157 ? 4.745   9.329   11.673  1.00 25.98 ? 156  ARG A CZ  1 
ATOM   1279 N NH1 . ARG A 1 157 ? 5.688   8.848   12.488  1.00 27.04 ? 156  ARG A NH1 1 
ATOM   1280 N NH2 . ARG A 1 157 ? 4.735   8.986   10.393  1.00 25.78 ? 156  ARG A NH2 1 
ATOM   1281 N N   . LYS A 1 158 ? 1.482   8.320   17.176  1.00 28.83 ? 157  LYS A N   1 
ATOM   1282 C CA  . LYS A 1 158 ? 1.362   8.949   18.490  1.00 30.60 ? 157  LYS A CA  1 
ATOM   1283 C C   . LYS A 1 158 ? 1.940   10.368  18.522  1.00 34.38 ? 157  LYS A C   1 
ATOM   1284 O O   . LYS A 1 158 ? 1.374   11.275  19.163  1.00 36.38 ? 157  LYS A O   1 
ATOM   1285 C CB  . LYS A 1 158 ? 2.051   8.091   19.528  1.00 25.81 ? 157  LYS A CB  1 
ATOM   1286 C CG  . LYS A 1 158 ? 1.270   6.853   19.932  1.00 25.12 ? 157  LYS A CG  1 
ATOM   1287 C CD  . LYS A 1 158 ? 2.079   6.020   20.905  1.00 19.64 ? 157  LYS A CD  1 
ATOM   1288 C CE  . LYS A 1 158 ? 1.326   4.809   21.343  1.00 22.70 ? 157  LYS A CE  1 
ATOM   1289 N NZ  . LYS A 1 158 ? 2.194   3.829   22.051  1.00 24.85 ? 157  LYS A NZ  1 
ATOM   1290 N N   . LYS A 1 159 ? 2.974   10.635  17.888  1.00 36.81 ? 158  LYS A N   1 
HETATM 1291 C C1  . TOP B 2 .   ? -2.222  -4.451  -1.802  1.00 15.55 ? 1159 TOP A C1  1 
HETATM 1292 N N2  . TOP B 2 .   ? -2.695  -4.778  -0.572  1.00 19.92 ? 1159 TOP A N2  1 
HETATM 1293 C C3  . TOP B 2 .   ? -2.642  -3.900  0.433   1.00 13.15 ? 1159 TOP A C3  1 
HETATM 1294 N N4  . TOP B 2 .   ? -3.113  -4.239  1.626   1.00 18.85 ? 1159 TOP A N4  1 
HETATM 1295 N N5  . TOP B 2 .   ? -2.127  -2.668  0.276   1.00 14.30 ? 1159 TOP A N5  1 
HETATM 1296 C C6  . TOP B 2 .   ? -1.617  -2.295  -0.902  1.00 13.61 ? 1159 TOP A C6  1 
HETATM 1297 N N7  . TOP B 2 .   ? -1.041  -1.104  -1.072  1.00 16.26 ? 1159 TOP A N7  1 
HETATM 1298 C C8  . TOP B 2 .   ? -1.692  -3.219  -2.046  1.00 18.57 ? 1159 TOP A C8  1 
HETATM 1299 C C9  . TOP B 2 .   ? -1.107  -2.732  -3.382  1.00 22.86 ? 1159 TOP A C9  1 
HETATM 1300 C C10 . TOP B 2 .   ? -1.360  -3.677  -4.549  1.00 24.10 ? 1159 TOP A C10 1 
HETATM 1301 C C11 . TOP B 2 .   ? -0.284  -4.278  -5.197  1.00 17.74 ? 1159 TOP A C11 1 
HETATM 1302 C C12 . TOP B 2 .   ? -0.545  -5.147  -6.281  1.00 23.50 ? 1159 TOP A C12 1 
HETATM 1303 O O13 . TOP B 2 .   ? 0.478   -5.807  -6.932  1.00 21.71 ? 1159 TOP A O13 1 
HETATM 1304 C C14 . TOP B 2 .   ? 1.849   -5.500  -6.609  1.00 19.20 ? 1159 TOP A C14 1 
HETATM 1305 C C15 . TOP B 2 .   ? -1.846  -5.347  -6.733  1.00 27.88 ? 1159 TOP A C15 1 
HETATM 1306 O O16 . TOP B 2 .   ? -2.068  -6.218  -7.784  1.00 20.03 ? 1159 TOP A O16 1 
HETATM 1307 C C17 . TOP B 2 .   ? -2.502  -7.505  -7.463  1.00 17.96 ? 1159 TOP A C17 1 
HETATM 1308 C C18 . TOP B 2 .   ? -2.913  -4.727  -6.097  1.00 31.80 ? 1159 TOP A C18 1 
HETATM 1309 O O19 . TOP B 2 .   ? -4.215  -4.944  -6.520  1.00 29.04 ? 1159 TOP A O19 1 
HETATM 1310 C C20 . TOP B 2 .   ? -5.177  -3.912  -6.228  1.00 34.24 ? 1159 TOP A C20 1 
HETATM 1311 C C21 . TOP B 2 .   ? -2.663  -3.880  -5.009  1.00 22.03 ? 1159 TOP A C21 1 
HETATM 1312 P PA  . NDP C 3 .   ? 8.234   0.767   -6.353  1.00 25.63 ? 1160 NDP A PA  1 
HETATM 1313 O O1A . NDP C 3 .   ? 6.996   0.251   -6.700  1.00 20.70 ? 1160 NDP A O1A 1 
HETATM 1314 O O2A . NDP C 3 .   ? 8.315   1.532   -5.180  1.00 21.68 ? 1160 NDP A O2A 1 
HETATM 1315 O O5B . NDP C 3 .   ? 8.686   1.704   -7.484  1.00 26.53 ? 1160 NDP A O5B 1 
HETATM 1316 C C5B . NDP C 3 .   ? 10.018  1.942   -7.786  1.00 20.36 ? 1160 NDP A C5B 1 
HETATM 1317 C C4B . NDP C 3 .   ? 10.139  3.197   -8.601  1.00 20.22 ? 1160 NDP A C4B 1 
HETATM 1318 O O4B . NDP C 3 .   ? 9.387   4.277   -8.168  1.00 24.84 ? 1160 NDP A O4B 1 
HETATM 1319 C C3B . NDP C 3 .   ? 11.503  3.757   -8.847  1.00 26.24 ? 1160 NDP A C3B 1 
HETATM 1320 O O3B . NDP C 3 .   ? 12.323  2.910   -9.593  1.00 22.35 ? 1160 NDP A O3B 1 
HETATM 1321 C C2B . NDP C 3 .   ? 11.125  5.041   -9.525  1.00 26.02 ? 1160 NDP A C2B 1 
HETATM 1322 O O2B . NDP C 3 .   ? 10.720  4.821   -10.866 1.00 29.34 ? 1160 NDP A O2B 1 
HETATM 1323 C C1B . NDP C 3 .   ? 9.924   5.447   -8.676  1.00 27.44 ? 1160 NDP A C1B 1 
HETATM 1324 N N9A . NDP C 3 .   ? 10.320  6.316   -7.587  1.00 31.15 ? 1160 NDP A N9A 1 
HETATM 1325 C C8A . NDP C 3 .   ? 10.345  6.031   -6.287  1.00 33.42 ? 1160 NDP A C8A 1 
HETATM 1326 N N7A . NDP C 3 .   ? 10.766  7.071   -5.561  1.00 31.82 ? 1160 NDP A N7A 1 
HETATM 1327 C C5A . NDP C 3 .   ? 10.991  8.066   -6.407  1.00 33.50 ? 1160 NDP A C5A 1 
HETATM 1328 C C6A . NDP C 3 .   ? 11.406  9.366   -6.353  1.00 36.53 ? 1160 NDP A C6A 1 
HETATM 1329 N N6A . NDP C 3 .   ? 11.712  9.993   -5.230  1.00 32.57 ? 1160 NDP A N6A 1 
HETATM 1330 N N1A . NDP C 3 .   ? 11.520  10.053  -7.488  1.00 36.58 ? 1160 NDP A N1A 1 
HETATM 1331 C C2A . NDP C 3 .   ? 11.248  9.541   -8.653  1.00 30.97 ? 1160 NDP A C2A 1 
HETATM 1332 N N3A . NDP C 3 .   ? 10.844  8.314   -8.798  1.00 30.35 ? 1160 NDP A N3A 1 
HETATM 1333 C C4A . NDP C 3 .   ? 10.714  7.533   -7.734  1.00 33.54 ? 1160 NDP A C4A 1 
HETATM 1334 O O3  . NDP C 3 .   ? 9.355   -0.358  -6.350  1.00 27.10 ? 1160 NDP A O3  1 
HETATM 1335 P PN  . NDP C 3 .   ? 9.832   -1.352  -5.243  1.00 21.47 ? 1160 NDP A PN  1 
HETATM 1336 O O1N . NDP C 3 .   ? 10.423  -0.593  -4.232  1.00 23.74 ? 1160 NDP A O1N 1 
HETATM 1337 O O2N . NDP C 3 .   ? 10.683  -2.286  -5.923  1.00 23.53 ? 1160 NDP A O2N 1 
HETATM 1338 O O5D . NDP C 3 .   ? 8.569   -2.160  -4.844  1.00 18.90 ? 1160 NDP A O5D 1 
HETATM 1339 C C5D . NDP C 3 .   ? 7.844   -3.058  -5.669  1.00 15.27 ? 1160 NDP A C5D 1 
HETATM 1340 C C4D . NDP C 3 .   ? 7.290   -4.298  -4.932  1.00 21.04 ? 1160 NDP A C4D 1 
HETATM 1341 O O4D . NDP C 3 .   ? 6.368   -3.997  -3.902  1.00 23.33 ? 1160 NDP A O4D 1 
HETATM 1342 C C3D . NDP C 3 .   ? 6.609   -5.295  -5.821  1.00 17.60 ? 1160 NDP A C3D 1 
HETATM 1343 O O3D . NDP C 3 .   ? 7.014   -6.610  -5.631  1.00 16.88 ? 1160 NDP A O3D 1 
HETATM 1344 C C2D . NDP C 3 .   ? 5.150   -5.201  -5.514  1.00 15.09 ? 1160 NDP A C2D 1 
HETATM 1345 O O2D . NDP C 3 .   ? 4.517   -6.417  -5.696  1.00 19.24 ? 1160 NDP A O2D 1 
HETATM 1346 C C1D . NDP C 3 .   ? 5.206   -4.780  -4.071  1.00 18.01 ? 1160 NDP A C1D 1 
HETATM 1347 N N1N . NDP C 3 .   ? 4.100   -4.086  -3.458  1.00 24.72 ? 1160 NDP A N1N 1 
HETATM 1348 C C2N . NDP C 3 .   ? 3.544   -4.616  -2.389  1.00 20.51 ? 1160 NDP A C2N 1 
HETATM 1349 C C3N . NDP C 3 .   ? 2.535   -4.024  -1.677  1.00 20.59 ? 1160 NDP A C3N 1 
HETATM 1350 C C7N . NDP C 3 .   ? 1.923   -4.654  -0.467  1.00 19.61 ? 1160 NDP A C7N 1 
HETATM 1351 O O7N . NDP C 3 .   ? 1.246   -4.010  0.246   1.00 16.87 ? 1160 NDP A O7N 1 
HETATM 1352 N N7N . NDP C 3 .   ? 2.240   -5.858  -0.167  1.00 16.11 ? 1160 NDP A N7N 1 
HETATM 1353 C C4N . NDP C 3 .   ? 2.135   -2.804  -2.105  1.00 19.51 ? 1160 NDP A C4N 1 
HETATM 1354 C C5N . NDP C 3 .   ? 2.718   -2.276  -3.228  1.00 26.80 ? 1160 NDP A C5N 1 
HETATM 1355 C C6N . NDP C 3 .   ? 3.720   -2.919  -3.879  1.00 22.86 ? 1160 NDP A C6N 1 
HETATM 1356 P P2B . NDP C 3 .   ? 11.742  5.034   -12.101 1.00 28.62 ? 1160 NDP A P2B 1 
HETATM 1357 O O1X . NDP C 3 .   ? 12.097  6.412   -11.981 1.00 24.70 ? 1160 NDP A O1X 1 
HETATM 1358 O O2X . NDP C 3 .   ? 10.859  4.746   -13.178 1.00 23.60 ? 1160 NDP A O2X 1 
HETATM 1359 O O3X . NDP C 3 .   ? 12.804  4.069   -11.922 1.00 24.42 ? 1160 NDP A O3X 1 
HETATM 1360 O O   . HOH D 4 .   ? 13.311  -11.704 6.704   1.00 21.49 ? 2001 HOH A O   1 
HETATM 1361 O O   . HOH D 4 .   ? 7.171   -6.339  12.240  1.00 32.03 ? 2002 HOH A O   1 
HETATM 1362 O O   . HOH D 4 .   ? 3.384   -9.796  13.534  1.00 33.96 ? 2003 HOH A O   1 
HETATM 1363 O O   . HOH D 4 .   ? 11.773  -12.929 4.672   1.00 19.21 ? 2004 HOH A O   1 
HETATM 1364 O O   . HOH D 4 .   ? 9.127   -13.832 5.197   1.00 17.62 ? 2005 HOH A O   1 
HETATM 1365 O O   . HOH D 4 .   ? 12.480  -9.408  8.187   1.00 20.66 ? 2006 HOH A O   1 
HETATM 1366 O O   . HOH D 4 .   ? 9.844   -7.015  11.821  1.00 39.57 ? 2007 HOH A O   1 
HETATM 1367 O O   . HOH D 4 .   ? 5.694   -13.930 -7.110  1.00 41.09 ? 2008 HOH A O   1 
HETATM 1368 O O   . HOH D 4 .   ? 4.742   -8.140  -12.376 1.00 28.87 ? 2009 HOH A O   1 
HETATM 1369 O O   . HOH D 4 .   ? 8.236   -7.664  -13.671 1.00 34.33 ? 2010 HOH A O   1 
HETATM 1370 O O   . HOH D 4 .   ? 10.646  -4.796  -7.211  1.00 23.44 ? 2011 HOH A O   1 
HETATM 1371 O O   . HOH D 4 .   ? 0.655   -9.473  -7.803  1.00 26.02 ? 2012 HOH A O   1 
HETATM 1372 O O   . HOH D 4 .   ? 5.244   -16.654 -2.490  1.00 34.09 ? 2013 HOH A O   1 
HETATM 1373 O O   . HOH D 4 .   ? -5.909  -17.542 -0.006  1.00 32.05 ? 2014 HOH A O   1 
HETATM 1374 O O   . HOH D 4 .   ? -3.447  -11.234 -3.520  1.00 27.02 ? 2015 HOH A O   1 
HETATM 1375 O O   . HOH D 4 .   ? -10.839 -9.469  -4.116  1.00 32.69 ? 2016 HOH A O   1 
HETATM 1376 O O   . HOH D 4 .   ? -2.573  -8.211  -0.568  1.00 30.44 ? 2017 HOH A O   1 
HETATM 1377 O O   . HOH D 4 .   ? -3.614  -9.677  -1.402  1.00 24.74 ? 2018 HOH A O   1 
HETATM 1378 O O   . HOH D 4 .   ? -16.173 5.671   -6.725  0.50 34.20 ? 2019 HOH A O   1 
HETATM 1379 O O   . HOH D 4 .   ? -8.630  11.984  -2.955  1.00 32.74 ? 2020 HOH A O   1 
HETATM 1380 O O   . HOH D 4 .   ? -5.199  -15.436 13.416  1.00 36.17 ? 2021 HOH A O   1 
HETATM 1381 O O   . HOH D 4 .   ? 13.704  -15.570 1.317   1.00 30.75 ? 2022 HOH A O   1 
HETATM 1382 O O   . HOH D 4 .   ? 6.618   -4.695  12.686  1.00 33.72 ? 2023 HOH A O   1 
HETATM 1383 O O   . HOH D 4 .   ? 6.891   -4.134  -11.889 1.00 24.82 ? 2024 HOH A O   1 
HETATM 1384 O O   . HOH D 4 .   ? 15.206  -1.310  -11.701 1.00 34.55 ? 2025 HOH A O   1 
HETATM 1385 O O   . HOH D 4 .   ? -4.312  -1.137  21.982  1.00 42.38 ? 2026 HOH A O   1 
HETATM 1386 O O   . HOH D 4 .   ? -4.088  -5.436  19.338  1.00 29.70 ? 2027 HOH A O   1 
HETATM 1387 O O   . HOH D 4 .   ? 8.542   -2.927  -13.695 1.00 36.22 ? 2028 HOH A O   1 
HETATM 1388 O O   . HOH D 4 .   ? -13.003 -13.197 13.374  1.00 31.74 ? 2029 HOH A O   1 
HETATM 1389 O O   . HOH D 4 .   ? 0.100   -6.982  -9.423  1.00 21.15 ? 2030 HOH A O   1 
HETATM 1390 O O   . HOH D 4 .   ? -1.629  -8.143  -11.162 1.00 31.05 ? 2031 HOH A O   1 
HETATM 1391 O O   . HOH D 4 .   ? 1.970   -8.326  -12.673 1.00 32.51 ? 2032 HOH A O   1 
HETATM 1392 O O   . HOH D 4 .   ? -3.449  -5.977  -11.852 1.00 41.61 ? 2033 HOH A O   1 
HETATM 1393 O O   . HOH D 4 .   ? -8.282  -1.455  8.906   1.00 23.65 ? 2034 HOH A O   1 
HETATM 1394 O O   . HOH D 4 .   ? -10.025 -1.756  -14.804 1.00 34.63 ? 2035 HOH A O   1 
HETATM 1395 O O   . HOH D 4 .   ? -8.644  -1.670  -5.750  1.00 32.80 ? 2036 HOH A O   1 
HETATM 1396 O O   . HOH D 4 .   ? 8.984   4.087   -17.101 1.00 34.59 ? 2037 HOH A O   1 
HETATM 1397 O O   . HOH D 4 .   ? -1.881  10.930  -18.302 1.00 26.02 ? 2038 HOH A O   1 
HETATM 1398 O O   . HOH D 4 .   ? -1.656  5.718   -22.288 1.00 34.21 ? 2039 HOH A O   1 
HETATM 1399 O O   . HOH D 4 .   ? 11.732  13.170  -4.642  1.00 28.73 ? 2040 HOH A O   1 
HETATM 1400 O O   . HOH D 4 .   ? -5.932  14.093  -4.873  1.00 26.46 ? 2041 HOH A O   1 
HETATM 1401 O O   . HOH D 4 .   ? -11.507 9.274   4.064   1.00 36.07 ? 2042 HOH A O   1 
HETATM 1402 O O   . HOH D 4 .   ? -10.432 11.939  -0.860  1.00 28.91 ? 2043 HOH A O   1 
HETATM 1403 O O   . HOH D 4 .   ? 14.629  -4.993  0.645   1.00 33.07 ? 2044 HOH A O   1 
HETATM 1404 O O   . HOH D 4 .   ? 14.162  0.596   -1.635  1.00 31.07 ? 2045 HOH A O   1 
HETATM 1405 O O   . HOH D 4 .   ? 7.959   6.767   12.086  1.00 30.21 ? 2046 HOH A O   1 
HETATM 1406 O O   . HOH D 4 .   ? 9.913   8.292   6.029   1.00 35.30 ? 2047 HOH A O   1 
HETATM 1407 O O   . HOH D 4 .   ? -1.851  11.034  12.960  1.00 36.49 ? 2048 HOH A O   1 
HETATM 1408 O O   . HOH D 4 .   ? -5.905  9.708   11.408  1.00 40.97 ? 2049 HOH A O   1 
HETATM 1409 O O   . HOH D 4 .   ? -7.325  7.552   7.473   1.00 19.63 ? 2050 HOH A O   1 
HETATM 1410 O O   . HOH D 4 .   ? -4.382  -3.038  4.660   1.00 29.57 ? 2051 HOH A O   1 
HETATM 1411 O O   . HOH D 4 .   ? -5.639  -13.667 12.228  1.00 26.69 ? 2052 HOH A O   1 
HETATM 1412 O O   . HOH D 4 .   ? -0.988  -9.251  14.150  1.00 35.25 ? 2053 HOH A O   1 
HETATM 1413 O O   . HOH D 4 .   ? 9.577   -18.856 3.956   1.00 37.97 ? 2054 HOH A O   1 
HETATM 1414 O O   . HOH D 4 .   ? 7.256   -15.768 -2.940  1.00 20.67 ? 2055 HOH A O   1 
HETATM 1415 O O   . HOH D 4 .   ? 6.684   -17.780 -0.360  1.00 15.18 ? 2056 HOH A O   1 
HETATM 1416 O O   . HOH D 4 .   ? 14.292  -13.739 -1.625  1.00 21.76 ? 2057 HOH A O   1 
HETATM 1417 O O   . HOH D 4 .   ? 14.079  -11.408 -6.494  1.00 19.84 ? 2058 HOH A O   1 
HETATM 1418 O O   . HOH D 4 .   ? 9.588   -7.259  -6.245  1.00 15.25 ? 2059 HOH A O   1 
HETATM 1419 O O   . HOH D 4 .   ? 11.953  -1.441  3.804   1.00 20.69 ? 2060 HOH A O   1 
HETATM 1420 O O   . HOH D 4 .   ? 9.658   3.137   10.924  1.00 36.33 ? 2061 HOH A O   1 
HETATM 1421 O O   . HOH D 4 .   ? 12.643  1.827   9.883   1.00 25.48 ? 2062 HOH A O   1 
HETATM 1422 O O   . HOH D 4 .   ? 8.386   -3.960  12.418  1.00 28.94 ? 2063 HOH A O   1 
HETATM 1423 O O   . HOH D 4 .   ? 2.598   -5.531  12.956  1.00 29.95 ? 2064 HOH A O   1 
HETATM 1424 O O   . HOH D 4 .   ? 8.168   3.336   14.279  1.00 24.37 ? 2065 HOH A O   1 
HETATM 1425 O O   . HOH D 4 .   ? 7.730   4.335   12.021  1.00 25.70 ? 2066 HOH A O   1 
HETATM 1426 O O   . HOH D 4 .   ? 0.773   1.008   20.542  1.00 34.34 ? 2067 HOH A O   1 
HETATM 1427 O O   . HOH D 4 .   ? -2.123  0.987   21.027  1.00 26.81 ? 2068 HOH A O   1 
HETATM 1428 O O   . HOH D 4 .   ? -10.640 3.200   15.658  1.00 22.65 ? 2069 HOH A O   1 
HETATM 1429 O O   . HOH D 4 .   ? -9.713  2.315   13.094  1.00 24.25 ? 2070 HOH A O   1 
HETATM 1430 O O   . HOH D 4 .   ? -9.975  -7.348  18.032  1.00 14.35 ? 2071 HOH A O   1 
HETATM 1431 O O   . HOH D 4 .   ? -6.829  -8.644  16.283  1.00 33.53 ? 2072 HOH A O   1 
HETATM 1432 O O   . HOH D 4 .   ? -3.381  -6.578  16.699  1.00 28.25 ? 2073 HOH A O   1 
HETATM 1433 O O   . HOH D 4 .   ? -7.774  -16.755 11.833  1.00 25.95 ? 2074 HOH A O   1 
HETATM 1434 O O   . HOH D 4 .   ? -12.926 -10.587 12.785  1.00 22.50 ? 2075 HOH A O   1 
HETATM 1435 O O   . HOH D 4 .   ? -7.232  -14.774 10.168  1.00 18.87 ? 2076 HOH A O   1 
HETATM 1436 O O   . HOH D 4 .   ? -12.154 -17.274 9.871   1.00 33.75 ? 2077 HOH A O   1 
HETATM 1437 O O   . HOH D 4 .   ? -14.478 -22.012 1.803   1.00 39.28 ? 2078 HOH A O   1 
HETATM 1438 O O   . HOH D 4 .   ? -6.647  -21.839 4.847   1.00 35.24 ? 2079 HOH A O   1 
HETATM 1439 O O   . HOH D 4 .   ? -8.652  -2.623  11.493  1.00 19.20 ? 2080 HOH A O   1 
HETATM 1440 O O   . HOH D 4 .   ? -6.018  -2.308  7.683   1.00 20.44 ? 2081 HOH A O   1 
HETATM 1441 O O   . HOH D 4 .   ? 6.322   9.369   14.968  1.00 37.56 ? 2082 HOH A O   1 
HETATM 1442 O O   . HOH D 4 .   ? 4.997   8.845   17.481  1.00 38.38 ? 2083 HOH A O   1 
HETATM 1443 O O   . HOH D 4 .   ? -4.635  -5.696  -9.557  1.00 27.58 ? 2084 HOH A O   1 
HETATM 1444 O O   . HOH D 4 .   ? 11.518  4.323   -15.741 1.00 30.70 ? 2085 HOH A O   1 
HETATM 1445 O O   . HOH D 4 .   ? 14.034  5.855   -7.160  1.00 32.28 ? 2086 HOH A O   1 
# 
